data_3LLZ
# 
_entry.id   3LLZ 
# 
_audit_conform.dict_name       mmcif_pdbx.dic 
_audit_conform.dict_version    5.378 
_audit_conform.dict_location   http://mmcif.pdb.org/dictionaries/ascii/mmcif_pdbx.dic 
# 
loop_
_database_2.database_id 
_database_2.database_code 
_database_2.pdbx_database_accession 
_database_2.pdbx_DOI 
PDB   3LLZ         pdb_00003llz 10.2210/pdb3llz/pdb 
RCSB  RCSB057441   ?            ?                   
WWPDB D_1000057441 ?            ?                   
# 
loop_
_pdbx_database_related.db_name 
_pdbx_database_related.db_id 
_pdbx_database_related.details 
_pdbx_database_related.content_type 
PDB 3LLY . unspecified 
PDB 3LM1 . unspecified 
# 
_pdbx_database_status.entry_id                        3LLZ 
_pdbx_database_status.deposit_site                    RCSB 
_pdbx_database_status.process_site                    RCSB 
_pdbx_database_status.recvd_initial_deposition_date   2010-01-29 
_pdbx_database_status.status_code                     REL 
_pdbx_database_status.status_code_sf                  REL 
_pdbx_database_status.status_code_mr                  ? 
_pdbx_database_status.SG_entry                        ? 
_pdbx_database_status.status_code_cs                  ? 
_pdbx_database_status.pdb_format_compatible           Y 
_pdbx_database_status.status_code_nmr_data            ? 
_pdbx_database_status.methods_development_category    ? 
# 
loop_
_audit_author.name 
_audit_author.pdbx_ordinal 
'Huang, J.'      1 
'Xu, Z.'         2 
'Wang, D.'       3 
'Ogato, C.'      4 
'Hirama, T.'     5 
'Palczewski, K.' 6 
'Hazen, S.L.'    7 
'Lee, X.'        8 
'Young, N.M.'    9 
# 
_citation.id                        primary 
_citation.title                     
'Characterization of the secondary binding sites of Maclura pomifera agglutinin by glycan array and crystallographic analyses.' 
_citation.journal_abbrev            Glycobiology 
_citation.journal_volume            20 
_citation.page_first                1643 
_citation.page_last                 1653 
_citation.year                      2010 
_citation.journal_id_ASTM           ? 
_citation.country                   UK 
_citation.journal_id_ISSN           0959-6658 
_citation.journal_id_CSD            9999 
_citation.book_publisher            ? 
_citation.pdbx_database_id_PubMed   20826825 
_citation.pdbx_database_id_DOI      10.1093/glycob/cwq118 
# 
loop_
_citation_author.citation_id 
_citation_author.name 
_citation_author.ordinal 
_citation_author.identifier_ORCID 
primary 'Huang, J.'      1 ? 
primary 'Xu, Z.'         2 ? 
primary 'Wang, D.'       3 ? 
primary 'Ogata, C.M.'    4 ? 
primary 'Palczewski, K.' 5 ? 
primary 'Lee, X.'        6 ? 
primary 'Young, N.M.'    7 ? 
# 
_cell.length_a           66.540 
_cell.length_b           66.540 
_cell.length_c           147.950 
_cell.angle_alpha        90.000 
_cell.angle_beta         90.000 
_cell.angle_gamma        120.000 
_cell.entry_id           3LLZ 
_cell.pdbx_unique_axis   ? 
_cell.Z_PDB              12 
_cell.length_a_esd       ? 
_cell.length_b_esd       ? 
_cell.length_c_esd       ? 
_cell.angle_alpha_esd    ? 
_cell.angle_beta_esd     ? 
_cell.angle_gamma_esd    ? 
# 
_symmetry.space_group_name_H-M             'P 64 2 2' 
_symmetry.entry_id                         3LLZ 
_symmetry.pdbx_full_space_group_name_H-M   ? 
_symmetry.Int_Tables_number                181 
_symmetry.cell_setting                     ? 
_symmetry.space_group_name_Hall            ? 
# 
loop_
_entity.id 
_entity.type 
_entity.src_method 
_entity.pdbx_description 
_entity.formula_weight 
_entity.pdbx_number_of_molecules 
_entity.pdbx_ec 
_entity.pdbx_mutation 
_entity.pdbx_fragment 
_entity.details 
1 polymer  nat 'Agglutinin alpha chain'                                                  14768.595 1   ? ? ? ? 
2 polymer  nat 'Agglutinin beta-2 chain'                                                 1458.596  1   ? ? ? ? 
3 branched man 'beta-D-galactopyranose-(1-3)-2-acetamido-2-deoxy-beta-D-galactopyranose' 383.349   1   ? ? ? ? 
4 water    nat water                                                                     18.015    155 ? ? ? ? 
# 
loop_
_entity_name_com.entity_id 
_entity_name_com.name 
1 MPA 
2 MPA 
# 
loop_
_entity_poly.entity_id 
_entity_poly.type 
_entity_poly.nstd_linkage 
_entity_poly.nstd_monomer 
_entity_poly.pdbx_seq_one_letter_code 
_entity_poly.pdbx_seq_one_letter_code_can 
_entity_poly.pdbx_strand_id 
_entity_poly.pdbx_target_identifier 
1 'polypeptide(L)' no no 
;GVTFDDGAYTGIREINFEYNSETAIGGLRVTYDLNGMPFVAEDHKSFITGFKPVKISLEFPSEYIVEVSGYVGKVEGYTV
IRSLTFKTNKQTYGPYGVTNGTPFSLPIENGLIVGFKGSIGYWLDYFSIYLSL
;
;GVTFDDGAYTGIREINFEYNSETAIGGLRVTYDLNGMPFVAEDHKSFITGFKPVKISLEFPSEYIVEVSGYVGKVEGYTV
IRSLTFKTNKQTYGPYGVTNGTPFSLPIENGLIVGFKGSIGYWLDYFSIYLSL
;
A ? 
2 'polypeptide(L)' no no NGKSQSIIVGPWGD NGKSQSIIVGPWGD B ? 
# 
loop_
_entity_poly_seq.entity_id 
_entity_poly_seq.num 
_entity_poly_seq.mon_id 
_entity_poly_seq.hetero 
1 1   GLY n 
1 2   VAL n 
1 3   THR n 
1 4   PHE n 
1 5   ASP n 
1 6   ASP n 
1 7   GLY n 
1 8   ALA n 
1 9   TYR n 
1 10  THR n 
1 11  GLY n 
1 12  ILE n 
1 13  ARG n 
1 14  GLU n 
1 15  ILE n 
1 16  ASN n 
1 17  PHE n 
1 18  GLU n 
1 19  TYR n 
1 20  ASN n 
1 21  SER n 
1 22  GLU n 
1 23  THR n 
1 24  ALA n 
1 25  ILE n 
1 26  GLY n 
1 27  GLY n 
1 28  LEU n 
1 29  ARG n 
1 30  VAL n 
1 31  THR n 
1 32  TYR n 
1 33  ASP n 
1 34  LEU n 
1 35  ASN n 
1 36  GLY n 
1 37  MET n 
1 38  PRO n 
1 39  PHE n 
1 40  VAL n 
1 41  ALA n 
1 42  GLU n 
1 43  ASP n 
1 44  HIS n 
1 45  LYS n 
1 46  SER n 
1 47  PHE n 
1 48  ILE n 
1 49  THR n 
1 50  GLY n 
1 51  PHE n 
1 52  LYS n 
1 53  PRO n 
1 54  VAL n 
1 55  LYS n 
1 56  ILE n 
1 57  SER n 
1 58  LEU n 
1 59  GLU n 
1 60  PHE n 
1 61  PRO n 
1 62  SER n 
1 63  GLU n 
1 64  TYR n 
1 65  ILE n 
1 66  VAL n 
1 67  GLU n 
1 68  VAL n 
1 69  SER n 
1 70  GLY n 
1 71  TYR n 
1 72  VAL n 
1 73  GLY n 
1 74  LYS n 
1 75  VAL n 
1 76  GLU n 
1 77  GLY n 
1 78  TYR n 
1 79  THR n 
1 80  VAL n 
1 81  ILE n 
1 82  ARG n 
1 83  SER n 
1 84  LEU n 
1 85  THR n 
1 86  PHE n 
1 87  LYS n 
1 88  THR n 
1 89  ASN n 
1 90  LYS n 
1 91  GLN n 
1 92  THR n 
1 93  TYR n 
1 94  GLY n 
1 95  PRO n 
1 96  TYR n 
1 97  GLY n 
1 98  VAL n 
1 99  THR n 
1 100 ASN n 
1 101 GLY n 
1 102 THR n 
1 103 PRO n 
1 104 PHE n 
1 105 SER n 
1 106 LEU n 
1 107 PRO n 
1 108 ILE n 
1 109 GLU n 
1 110 ASN n 
1 111 GLY n 
1 112 LEU n 
1 113 ILE n 
1 114 VAL n 
1 115 GLY n 
1 116 PHE n 
1 117 LYS n 
1 118 GLY n 
1 119 SER n 
1 120 ILE n 
1 121 GLY n 
1 122 TYR n 
1 123 TRP n 
1 124 LEU n 
1 125 ASP n 
1 126 TYR n 
1 127 PHE n 
1 128 SER n 
1 129 ILE n 
1 130 TYR n 
1 131 LEU n 
1 132 SER n 
1 133 LEU n 
2 1   ASN n 
2 2   GLY n 
2 3   LYS n 
2 4   SER n 
2 5   GLN n 
2 6   SER n 
2 7   ILE n 
2 8   ILE n 
2 9   VAL n 
2 10  GLY n 
2 11  PRO n 
2 12  TRP n 
2 13  GLY n 
2 14  ASP n 
# 
loop_
_entity_src_nat.entity_id 
_entity_src_nat.pdbx_src_id 
_entity_src_nat.pdbx_alt_source_flag 
_entity_src_nat.pdbx_beg_seq_num 
_entity_src_nat.pdbx_end_seq_num 
_entity_src_nat.common_name 
_entity_src_nat.pdbx_organism_scientific 
_entity_src_nat.pdbx_ncbi_taxonomy_id 
_entity_src_nat.genus 
_entity_src_nat.species 
_entity_src_nat.strain 
_entity_src_nat.tissue 
_entity_src_nat.tissue_fraction 
_entity_src_nat.pdbx_secretion 
_entity_src_nat.pdbx_fragment 
_entity_src_nat.pdbx_variant 
_entity_src_nat.pdbx_cell_line 
_entity_src_nat.pdbx_atcc 
_entity_src_nat.pdbx_cellular_location 
_entity_src_nat.pdbx_organ 
_entity_src_nat.pdbx_organelle 
_entity_src_nat.pdbx_cell 
_entity_src_nat.pdbx_plasmid_name 
_entity_src_nat.pdbx_plasmid_details 
_entity_src_nat.details 
1 1 sample ? ? 'Osage orange' 'Maclura pomifera' 3496 ? ? ? ? ? ? ? ? ? ? ? ? ? ? ? ? 
'from the seeds of the Moraceae plant family' 
2 1 sample ? ? 'Osage orange' 'Maclura pomifera' 3496 ? ? ? ? ? ? ? ? ? ? ? ? ? ? ? ? 
'from the seeds of the Moraceae plant family' 
# 
loop_
_struct_ref.id 
_struct_ref.db_name 
_struct_ref.db_code 
_struct_ref.pdbx_db_accession 
_struct_ref.entity_id 
_struct_ref.pdbx_seq_one_letter_code 
_struct_ref.pdbx_align_begin 
_struct_ref.pdbx_db_isoform 
1 UNP LECA_MACPO  P18674 1 
;GVTFDDGAYTGIREINFEYNSETAIGGLRVTYDLNGMPFVAEDHKSFITGFKPVKISLEFPSEYIVEVSGYVGKVEGYTV
IRSLTFKTNKQTYGPYGVTNGTPFSLPIENGLIVGFKGSIGYWLDYFSIYLSL
;
1 ? 
2 UNP LECB2_MACPO P18676 2 NGKSQSIIVGPWGD 3 ? 
# 
loop_
_struct_ref_seq.align_id 
_struct_ref_seq.ref_id 
_struct_ref_seq.pdbx_PDB_id_code 
_struct_ref_seq.pdbx_strand_id 
_struct_ref_seq.seq_align_beg 
_struct_ref_seq.pdbx_seq_align_beg_ins_code 
_struct_ref_seq.seq_align_end 
_struct_ref_seq.pdbx_seq_align_end_ins_code 
_struct_ref_seq.pdbx_db_accession 
_struct_ref_seq.db_align_beg 
_struct_ref_seq.pdbx_db_align_beg_ins_code 
_struct_ref_seq.db_align_end 
_struct_ref_seq.pdbx_db_align_end_ins_code 
_struct_ref_seq.pdbx_auth_seq_align_beg 
_struct_ref_seq.pdbx_auth_seq_align_end 
1 1 3LLZ A 1 ? 133 ? P18674 1 ? 133 ? 1 133 
2 2 3LLZ B 1 ? 14  ? P18676 3 ? 16  ? 3 16  
# 
loop_
_chem_comp.id 
_chem_comp.type 
_chem_comp.mon_nstd_flag 
_chem_comp.name 
_chem_comp.pdbx_synonyms 
_chem_comp.formula 
_chem_comp.formula_weight 
ALA 'L-peptide linking'          y ALANINE                                    ? 'C3 H7 N O2'     89.093  
ARG 'L-peptide linking'          y ARGININE                                   ? 'C6 H15 N4 O2 1' 175.209 
ASN 'L-peptide linking'          y ASPARAGINE                                 ? 'C4 H8 N2 O3'    132.118 
ASP 'L-peptide linking'          y 'ASPARTIC ACID'                            ? 'C4 H7 N O4'     133.103 
GAL 'D-saccharide, beta linking' . beta-D-galactopyranose                     'beta-D-galactose; D-galactose; galactose' 
'C6 H12 O6'      180.156 
GLN 'L-peptide linking'          y GLUTAMINE                                  ? 'C5 H10 N2 O3'   146.144 
GLU 'L-peptide linking'          y 'GLUTAMIC ACID'                            ? 'C5 H9 N O4'     147.129 
GLY 'peptide linking'            y GLYCINE                                    ? 'C2 H5 N O2'     75.067  
HIS 'L-peptide linking'          y HISTIDINE                                  ? 'C6 H10 N3 O2 1' 156.162 
HOH non-polymer                  . WATER                                      ? 'H2 O'           18.015  
ILE 'L-peptide linking'          y ISOLEUCINE                                 ? 'C6 H13 N O2'    131.173 
LEU 'L-peptide linking'          y LEUCINE                                    ? 'C6 H13 N O2'    131.173 
LYS 'L-peptide linking'          y LYSINE                                     ? 'C6 H15 N2 O2 1' 147.195 
MET 'L-peptide linking'          y METHIONINE                                 ? 'C5 H11 N O2 S'  149.211 
NGA 'D-saccharide, beta linking' . 2-acetamido-2-deoxy-beta-D-galactopyranose 
;N-acetyl-beta-D-galactosamine; 2-acetamido-2-deoxy-beta-D-galactose; 2-acetamido-2-deoxy-D-galactose; 2-acetamido-2-deoxy-galactose; N-ACETYL-D-GALACTOSAMINE
;
'C8 H15 N O6'    221.208 
PHE 'L-peptide linking'          y PHENYLALANINE                              ? 'C9 H11 N O2'    165.189 
PRO 'L-peptide linking'          y PROLINE                                    ? 'C5 H9 N O2'     115.130 
SER 'L-peptide linking'          y SERINE                                     ? 'C3 H7 N O3'     105.093 
THR 'L-peptide linking'          y THREONINE                                  ? 'C4 H9 N O3'     119.119 
TRP 'L-peptide linking'          y TRYPTOPHAN                                 ? 'C11 H12 N2 O2'  204.225 
TYR 'L-peptide linking'          y TYROSINE                                   ? 'C9 H11 N O3'    181.189 
VAL 'L-peptide linking'          y VALINE                                     ? 'C5 H11 N O2'    117.146 
# 
_exptl.crystals_number   1 
_exptl.entry_id          3LLZ 
_exptl.method            'X-RAY DIFFRACTION' 
# 
_exptl_crystal.id                    1 
_exptl_crystal.density_Matthews      2.91 
_exptl_crystal.density_meas          ? 
_exptl_crystal.density_percent_sol   57.78 
_exptl_crystal.description           ? 
_exptl_crystal.F_000                 ? 
_exptl_crystal.preparation           ? 
# 
_exptl_crystal_grow.crystal_id      1 
_exptl_crystal_grow.method          'VAPOR DIFFUSION, SITTING DROP' 
_exptl_crystal_grow.pH              7.0 
_exptl_crystal_grow.temp            298 
_exptl_crystal_grow.temp_details    ? 
_exptl_crystal_grow.pdbx_details    
;0.5 M of lithium sulfate, 12% PEG 8000, 1% octyl-beta-D-glucopyranoside, 0.1M Hepes, pH 7.0 in the resevoir solution. the sitting drop is made by protein (28mg/mL) and equal volumn of reservoir solution in the presence of Gal-beta-1,3-GalNAc., VAPOR DIFFUSION, SITTING DROP, temperature 298K
;
_exptl_crystal_grow.pdbx_pH_range   ? 
# 
_diffrn.id                     1 
_diffrn.ambient_temp           100 
_diffrn.ambient_temp_details   ? 
_diffrn.crystal_id             1 
# 
_diffrn_detector.diffrn_id              1 
_diffrn_detector.detector               CCD 
_diffrn_detector.type                   'ADSC QUANTUM 4r' 
_diffrn_detector.pdbx_collection_date   2000-06-30 
_diffrn_detector.details                mirrors 
# 
_diffrn_radiation.diffrn_id                        1 
_diffrn_radiation.wavelength_id                    1 
_diffrn_radiation.pdbx_diffrn_protocol             'SINGLE WAVELENGTH' 
_diffrn_radiation.monochromator                    'KOHZU double crystal monochromator with a sagittally focused second crystal' 
_diffrn_radiation.pdbx_monochromatic_or_laue_m_l   M 
_diffrn_radiation.pdbx_scattering_type             x-ray 
# 
_diffrn_radiation_wavelength.id           1 
_diffrn_radiation_wavelength.wavelength   0.9793 
_diffrn_radiation_wavelength.wt           1.0 
# 
_diffrn_source.diffrn_id                   1 
_diffrn_source.source                      SYNCHROTRON 
_diffrn_source.type                        'NSLS BEAMLINE X4A' 
_diffrn_source.pdbx_wavelength             ? 
_diffrn_source.pdbx_wavelength_list        0.9793 
_diffrn_source.pdbx_synchrotron_site       NSLS 
_diffrn_source.pdbx_synchrotron_beamline   X4A 
# 
_reflns.entry_id                     3LLZ 
_reflns.observed_criterion_sigma_F   2 
_reflns.observed_criterion_sigma_I   2 
_reflns.d_resolution_high            1.5 
_reflns.d_resolution_low             26.3 
_reflns.number_all                   31933 
_reflns.number_obs                   31358 
_reflns.percent_possible_obs         98.2 
_reflns.pdbx_Rmerge_I_obs            0.052 
_reflns.pdbx_Rsym_value              ? 
_reflns.pdbx_netI_over_sigmaI        35 
_reflns.B_iso_Wilson_estimate        23.36 
_reflns.pdbx_redundancy              8.1 
_reflns.R_free_details               ? 
_reflns.limit_h_max                  ? 
_reflns.limit_h_min                  ? 
_reflns.limit_k_max                  ? 
_reflns.limit_k_min                  ? 
_reflns.limit_l_max                  ? 
_reflns.limit_l_min                  ? 
_reflns.observed_criterion_F_max     ? 
_reflns.observed_criterion_F_min     ? 
_reflns.pdbx_chi_squared             ? 
_reflns.pdbx_scaling_rejects         ? 
_reflns.pdbx_diffrn_id               1 
_reflns.pdbx_ordinal                 1 
# 
_reflns_shell.d_res_high             1.50 
_reflns_shell.d_res_low              1.55 
_reflns_shell.percent_possible_obs   ? 
_reflns_shell.percent_possible_all   86.6 
_reflns_shell.Rmerge_I_obs           0.199 
_reflns_shell.meanI_over_sigI_obs    6.8 
_reflns_shell.pdbx_Rsym_value        ? 
_reflns_shell.pdbx_redundancy        4.7 
_reflns_shell.number_unique_all      2693 
_reflns_shell.number_measured_all    ? 
_reflns_shell.number_measured_obs    ? 
_reflns_shell.number_unique_obs      ? 
_reflns_shell.pdbx_chi_squared       ? 
_reflns_shell.pdbx_diffrn_id         ? 
_reflns_shell.pdbx_ordinal           1 
# 
_refine.entry_id                                 3LLZ 
_refine.ls_d_res_high                            1.550 
_refine.ls_d_res_low                             20.000 
_refine.pdbx_ls_sigma_F                          2 
_refine.pdbx_data_cutoff_high_absF               ? 
_refine.pdbx_data_cutoff_low_absF                ? 
_refine.ls_percent_reflns_obs                    93.400 
_refine.ls_number_reflns_obs                     27054 
_refine.ls_number_reflns_all                     28958 
_refine.pdbx_ls_cross_valid_method               THROUGHOUT 
_refine.pdbx_R_Free_selection_details            random 
_refine.details                                  ? 
_refine.ls_R_factor_all                          0.222 
_refine.ls_R_factor_obs                          ? 
_refine.ls_R_factor_R_work                       0.210 
_refine.ls_wR_factor_R_work                      ? 
_refine.ls_R_factor_R_free                       0.227 
_refine.ls_wR_factor_R_free                      ? 
_refine.ls_percent_reflns_R_free                 7.500 
_refine.ls_number_reflns_R_free                  2175 
_refine.ls_R_factor_R_free_error                 ? 
_refine.B_iso_mean                               19.407 
_refine.solvent_model_param_bsol                 40.642 
_refine.solvent_model_param_ksol                 ? 
_refine.pdbx_isotropic_thermal_model             anisotropic 
_refine.aniso_B[1][1]                            -3.343 
_refine.aniso_B[2][2]                            -3.343 
_refine.aniso_B[3][3]                            6.686 
_refine.aniso_B[1][2]                            -1.908 
_refine.aniso_B[1][3]                            0.000 
_refine.aniso_B[2][3]                            0.000 
_refine.correlation_coeff_Fo_to_Fc               ? 
_refine.correlation_coeff_Fo_to_Fc_free          ? 
_refine.overall_SU_R_Cruickshank_DPI             ? 
_refine.overall_SU_R_free                        ? 
_refine.pdbx_overall_ESU_R                       ? 
_refine.pdbx_overall_ESU_R_Free                  ? 
_refine.overall_SU_ML                            ? 
_refine.overall_SU_B                             ? 
_refine.solvent_model_details                    ? 
_refine.pdbx_solvent_vdw_probe_radii             ? 
_refine.pdbx_solvent_ion_probe_radii             ? 
_refine.pdbx_solvent_shrinkage_radii             ? 
_refine.ls_number_parameters                     ? 
_refine.ls_number_restraints                     ? 
_refine.pdbx_starting_model                      'PDB ENTRY 1JOT' 
_refine.pdbx_method_to_determine_struct          'MOLECULAR REPLACEMENT' 
_refine.pdbx_stereochemistry_target_values       'Engh & Huber' 
_refine.pdbx_stereochem_target_val_spec_case     ? 
_refine.overall_FOM_work_R_set                   ? 
_refine.B_iso_max                                69.09 
_refine.B_iso_min                                9.50 
_refine.occupancy_max                            1.00 
_refine.occupancy_min                            0.50 
_refine.pdbx_ls_sigma_I                          ? 
_refine.ls_redundancy_reflns_obs                 ? 
_refine.ls_R_factor_R_free_error_details         ? 
_refine.pdbx_data_cutoff_high_rms_absF           ? 
_refine.overall_FOM_free_R_set                   ? 
_refine.pdbx_overall_phase_error                 ? 
_refine.pdbx_refine_id                           'X-RAY DIFFRACTION' 
_refine.pdbx_diffrn_id                           1 
_refine.pdbx_TLS_residual_ADP_flag               ? 
_refine.pdbx_overall_SU_R_free_Cruickshank_DPI   ? 
_refine.pdbx_overall_SU_R_Blow_DPI               ? 
_refine.pdbx_overall_SU_R_free_Blow_DPI          ? 
# 
_refine_analyze.entry_id                        3LLZ 
_refine_analyze.Luzzati_coordinate_error_obs    0.19 
_refine_analyze.Luzzati_sigma_a_obs             0.09 
_refine_analyze.Luzzati_d_res_low_obs           5 
_refine_analyze.Luzzati_coordinate_error_free   0.21 
_refine_analyze.Luzzati_sigma_a_free            0.13 
_refine_analyze.Luzzati_d_res_low_free          ? 
_refine_analyze.number_disordered_residues      ? 
_refine_analyze.occupancy_sum_non_hydrogen      ? 
_refine_analyze.occupancy_sum_hydrogen          ? 
_refine_analyze.pdbx_Luzzati_d_res_high_obs     ? 
_refine_analyze.pdbx_refine_id                  'X-RAY DIFFRACTION' 
# 
_refine_hist.pdbx_refine_id                   'X-RAY DIFFRACTION' 
_refine_hist.cycle_id                         LAST 
_refine_hist.pdbx_number_atoms_protein        1151 
_refine_hist.pdbx_number_atoms_nucleic_acid   0 
_refine_hist.pdbx_number_atoms_ligand         26 
_refine_hist.number_atoms_solvent             155 
_refine_hist.number_atoms_total               1332 
_refine_hist.d_res_high                       1.550 
_refine_hist.d_res_low                        20.000 
# 
loop_
_refine_ls_restr.type 
_refine_ls_restr.number 
_refine_ls_restr.dev_ideal 
_refine_ls_restr.dev_ideal_target 
_refine_ls_restr.weight 
_refine_ls_restr.pdbx_refine_id 
_refine_ls_restr.pdbx_restraint_function 
c_mcbond_it  ? 1.097 1.500 ? 'X-RAY DIFFRACTION' ? 
c_scbond_it  ? 2.020 2.000 ? 'X-RAY DIFFRACTION' ? 
c_mcangle_it ? 1.608 2.000 ? 'X-RAY DIFFRACTION' ? 
c_scangle_it ? 2.963 2.500 ? 'X-RAY DIFFRACTION' ? 
# 
_refine_ls_shell.d_res_high                       1.55 
_refine_ls_shell.d_res_low                        1.61 
_refine_ls_shell.number_reflns_obs                2164 
_refine_ls_shell.number_reflns_R_free             169 
_refine_ls_shell.R_factor_R_work                  0.2217 
_refine_ls_shell.R_factor_R_free                  0.2555 
_refine_ls_shell.R_factor_R_free_error            ? 
_refine_ls_shell.percent_reflns_obs               76.87 
_refine_ls_shell.percent_reflns_R_free            ? 
_refine_ls_shell.pdbx_total_number_of_bins_used   ? 
_refine_ls_shell.number_reflns_R_work             ? 
_refine_ls_shell.redundancy_reflns_obs            ? 
_refine_ls_shell.number_reflns_all                ? 
_refine_ls_shell.R_factor_all                     ? 
_refine_ls_shell.pdbx_refine_id                   'X-RAY DIFFRACTION' 
# 
loop_
_pdbx_xplor_file.serial_no 
_pdbx_xplor_file.param_file 
_pdbx_xplor_file.topol_file 
_pdbx_xplor_file.pdbx_refine_id 
1 CNS_TOPPAR:protein_rep.param  ? 'X-RAY DIFFRACTION' 
2 CNS_TOPPAR:carbohydrate.param ? 'X-RAY DIFFRACTION' 
3 CNS_TOPPAR:water_rep.param    ? 'X-RAY DIFFRACTION' 
# 
_struct.entry_id                  3LLZ 
_struct.title                     'Crystal Structure Analysis of Maclura pomifera agglutinin complex with Gal-beta-1,3-GalNAc' 
_struct.pdbx_model_details        ? 
_struct.pdbx_CASP_flag            N 
_struct.pdbx_model_type_details   ? 
# 
_struct_keywords.entry_id        3LLZ 
_struct_keywords.pdbx_keywords   'SUGAR BINDING PROTEIN' 
_struct_keywords.text            
'Maclura pomifera agglutinin, MPA, MPA complex, Gal-beta-1, 3-GalNAc;, Lectin, SUGAR BINDING PROTEIN' 
# 
loop_
_struct_asym.id 
_struct_asym.pdbx_blank_PDB_chainid_flag 
_struct_asym.pdbx_modified 
_struct_asym.entity_id 
_struct_asym.details 
A N N 1 ? 
B N N 2 ? 
C N N 3 ? 
D N N 4 ? 
E N N 4 ? 
# 
_struct_biol.id        1 
_struct_biol.details   ? 
# 
_struct_conn.id                            covale1 
_struct_conn.conn_type_id                  covale 
_struct_conn.pdbx_leaving_atom_flag        both 
_struct_conn.pdbx_PDB_id                   ? 
_struct_conn.ptnr1_label_asym_id           C 
_struct_conn.ptnr1_label_comp_id           NGA 
_struct_conn.ptnr1_label_seq_id            . 
_struct_conn.ptnr1_label_atom_id           O3 
_struct_conn.pdbx_ptnr1_label_alt_id       ? 
_struct_conn.pdbx_ptnr1_PDB_ins_code       ? 
_struct_conn.pdbx_ptnr1_standard_comp_id   ? 
_struct_conn.ptnr1_symmetry                1_555 
_struct_conn.ptnr2_label_asym_id           C 
_struct_conn.ptnr2_label_comp_id           GAL 
_struct_conn.ptnr2_label_seq_id            . 
_struct_conn.ptnr2_label_atom_id           C1 
_struct_conn.pdbx_ptnr2_label_alt_id       ? 
_struct_conn.pdbx_ptnr2_PDB_ins_code       ? 
_struct_conn.ptnr1_auth_asym_id            C 
_struct_conn.ptnr1_auth_comp_id            NGA 
_struct_conn.ptnr1_auth_seq_id             1 
_struct_conn.ptnr2_auth_asym_id            C 
_struct_conn.ptnr2_auth_comp_id            GAL 
_struct_conn.ptnr2_auth_seq_id             2 
_struct_conn.ptnr2_symmetry                1_555 
_struct_conn.pdbx_ptnr3_label_atom_id      ? 
_struct_conn.pdbx_ptnr3_label_seq_id       ? 
_struct_conn.pdbx_ptnr3_label_comp_id      ? 
_struct_conn.pdbx_ptnr3_label_asym_id      ? 
_struct_conn.pdbx_ptnr3_label_alt_id       ? 
_struct_conn.pdbx_ptnr3_PDB_ins_code       ? 
_struct_conn.details                       ? 
_struct_conn.pdbx_dist_value               1.395 
_struct_conn.pdbx_value_order              ? 
_struct_conn.pdbx_role                     ? 
# 
_struct_conn_type.id          covale 
_struct_conn_type.criteria    ? 
_struct_conn_type.reference   ? 
# 
loop_
_struct_mon_prot_cis.pdbx_id 
_struct_mon_prot_cis.label_comp_id 
_struct_mon_prot_cis.label_seq_id 
_struct_mon_prot_cis.label_asym_id 
_struct_mon_prot_cis.label_alt_id 
_struct_mon_prot_cis.pdbx_PDB_ins_code 
_struct_mon_prot_cis.auth_comp_id 
_struct_mon_prot_cis.auth_seq_id 
_struct_mon_prot_cis.auth_asym_id 
_struct_mon_prot_cis.pdbx_label_comp_id_2 
_struct_mon_prot_cis.pdbx_label_seq_id_2 
_struct_mon_prot_cis.pdbx_label_asym_id_2 
_struct_mon_prot_cis.pdbx_PDB_ins_code_2 
_struct_mon_prot_cis.pdbx_auth_comp_id_2 
_struct_mon_prot_cis.pdbx_auth_seq_id_2 
_struct_mon_prot_cis.pdbx_auth_asym_id_2 
_struct_mon_prot_cis.pdbx_PDB_model_num 
_struct_mon_prot_cis.pdbx_omega_angle 
1 PHE 60 A . ? PHE 60 A PRO 61 A ? PRO 61 A 1 0.23 
2 GLY 94 A . ? GLY 94 A PRO 95 A ? PRO 95 A 1 0.17 
3 GLY 10 B . ? GLY 12 B PRO 11 B ? PRO 13 B 1 0.38 
# 
loop_
_struct_sheet.id 
_struct_sheet.type 
_struct_sheet.number_strands 
_struct_sheet.details 
A ? 4 ? 
B ? 4 ? 
C ? 4 ? 
# 
loop_
_struct_sheet_order.sheet_id 
_struct_sheet_order.range_id_1 
_struct_sheet_order.range_id_2 
_struct_sheet_order.offset 
_struct_sheet_order.sense 
A 1 2 ? anti-parallel 
A 2 3 ? anti-parallel 
A 3 4 ? anti-parallel 
B 1 2 ? anti-parallel 
B 2 3 ? anti-parallel 
B 3 4 ? anti-parallel 
C 1 2 ? anti-parallel 
C 2 3 ? anti-parallel 
C 3 4 ? anti-parallel 
# 
loop_
_struct_sheet_range.sheet_id 
_struct_sheet_range.id 
_struct_sheet_range.beg_label_comp_id 
_struct_sheet_range.beg_label_asym_id 
_struct_sheet_range.beg_label_seq_id 
_struct_sheet_range.pdbx_beg_PDB_ins_code 
_struct_sheet_range.end_label_comp_id 
_struct_sheet_range.end_label_asym_id 
_struct_sheet_range.end_label_seq_id 
_struct_sheet_range.pdbx_end_PDB_ins_code 
_struct_sheet_range.beg_auth_comp_id 
_struct_sheet_range.beg_auth_asym_id 
_struct_sheet_range.beg_auth_seq_id 
_struct_sheet_range.end_auth_comp_id 
_struct_sheet_range.end_auth_asym_id 
_struct_sheet_range.end_auth_seq_id 
A 1 VAL A 2   ? ASP A 5   ? VAL A 2   ASP A 5   
A 2 LEU A 112 ? ILE A 120 ? LEU A 112 ILE A 120 
A 3 LEU A 124 ? SER A 132 ? LEU A 124 SER A 132 
A 4 ILE B 7   ? TRP B 12  ? ILE B 9   TRP B 14  
B 1 MET A 37  ? VAL A 40  ? MET A 37  VAL A 40  
B 2 ILE A 25  ? LEU A 34  ? ILE A 25  LEU A 34  
B 3 GLY A 11  ? TYR A 19  ? GLY A 11  TYR A 19  
B 4 LYS A 52  ? SER A 57  ? LYS A 52  SER A 57  
C 1 THR A 92  ? GLY A 97  ? THR A 92  GLY A 97  
C 2 TYR A 78  ? THR A 88  ? TYR A 78  THR A 88  
C 3 ILE A 65  ? VAL A 75  ? ILE A 65  VAL A 75  
C 4 THR A 102 ? PRO A 107 ? THR A 102 PRO A 107 
# 
loop_
_pdbx_struct_sheet_hbond.sheet_id 
_pdbx_struct_sheet_hbond.range_id_1 
_pdbx_struct_sheet_hbond.range_id_2 
_pdbx_struct_sheet_hbond.range_1_label_atom_id 
_pdbx_struct_sheet_hbond.range_1_label_comp_id 
_pdbx_struct_sheet_hbond.range_1_label_asym_id 
_pdbx_struct_sheet_hbond.range_1_label_seq_id 
_pdbx_struct_sheet_hbond.range_1_PDB_ins_code 
_pdbx_struct_sheet_hbond.range_1_auth_atom_id 
_pdbx_struct_sheet_hbond.range_1_auth_comp_id 
_pdbx_struct_sheet_hbond.range_1_auth_asym_id 
_pdbx_struct_sheet_hbond.range_1_auth_seq_id 
_pdbx_struct_sheet_hbond.range_2_label_atom_id 
_pdbx_struct_sheet_hbond.range_2_label_comp_id 
_pdbx_struct_sheet_hbond.range_2_label_asym_id 
_pdbx_struct_sheet_hbond.range_2_label_seq_id 
_pdbx_struct_sheet_hbond.range_2_PDB_ins_code 
_pdbx_struct_sheet_hbond.range_2_auth_atom_id 
_pdbx_struct_sheet_hbond.range_2_auth_comp_id 
_pdbx_struct_sheet_hbond.range_2_auth_asym_id 
_pdbx_struct_sheet_hbond.range_2_auth_seq_id 
A 1 2 N PHE A 4   ? N PHE A 4   O GLY A 118 ? O GLY A 118 
A 2 3 N LYS A 117 ? N LYS A 117 O SER A 128 ? O SER A 128 
A 3 4 N ILE A 129 ? N ILE A 129 O VAL B 9   ? O VAL B 11  
B 1 2 O PHE A 39  ? O PHE A 39  N TYR A 32  ? N TYR A 32  
B 2 3 O THR A 31  ? O THR A 31  N GLU A 14  ? N GLU A 14  
B 3 4 N ILE A 15  ? N ILE A 15  O ILE A 56  ? O ILE A 56  
C 1 2 O TYR A 93  ? O TYR A 93  N PHE A 86  ? N PHE A 86  
C 2 3 O LYS A 87  ? O LYS A 87  N VAL A 66  ? N VAL A 66  
C 3 4 N VAL A 68  ? N VAL A 68  O LEU A 106 ? O LEU A 106 
# 
_atom_sites.entry_id                    3LLZ 
_atom_sites.fract_transf_matrix[1][1]   0.00617569 
_atom_sites.fract_transf_matrix[1][2]   0.01238648 
_atom_sites.fract_transf_matrix[1][3]   0.01046887 
_atom_sites.fract_transf_matrix[2][1]   -0.00766366 
_atom_sites.fract_transf_matrix[2][2]   0.01556126 
_atom_sites.fract_transf_matrix[2][3]   0.00049204 
_atom_sites.fract_transf_matrix[3][1]   -0.00406408 
_atom_sites.fract_transf_matrix[3][2]   -0.00215804 
_atom_sites.fract_transf_matrix[3][3]   0.00495078 
_atom_sites.fract_transf_vector[1]      0.132542 
_atom_sites.fract_transf_vector[2]      0.306280 
_atom_sites.fract_transf_vector[3]      0.088677 
# 
loop_
_atom_type.symbol 
C 
N 
O 
S 
# 
loop_
_atom_site.group_PDB 
_atom_site.id 
_atom_site.type_symbol 
_atom_site.label_atom_id 
_atom_site.label_alt_id 
_atom_site.label_comp_id 
_atom_site.label_asym_id 
_atom_site.label_entity_id 
_atom_site.label_seq_id 
_atom_site.pdbx_PDB_ins_code 
_atom_site.Cartn_x 
_atom_site.Cartn_y 
_atom_site.Cartn_z 
_atom_site.occupancy 
_atom_site.B_iso_or_equiv 
_atom_site.pdbx_formal_charge 
_atom_site.auth_seq_id 
_atom_site.auth_comp_id 
_atom_site.auth_asym_id 
_atom_site.auth_atom_id 
_atom_site.pdbx_PDB_model_num 
ATOM   1    N N   . GLY A 1 1   ? 4.716   7.437   13.587  1.00 13.47 ? 1   GLY A N   1 
ATOM   2    C CA  . GLY A 1 1   ? 3.827   6.247   13.710  1.00 13.87 ? 1   GLY A CA  1 
ATOM   3    C C   . GLY A 1 1   ? 4.615   4.985   14.003  1.00 12.75 ? 1   GLY A C   1 
ATOM   4    O O   . GLY A 1 1   ? 5.835   5.027   14.167  1.00 13.22 ? 1   GLY A O   1 
ATOM   5    N N   . VAL A 1 2   ? 3.913   3.860   14.090  1.00 11.82 ? 2   VAL A N   1 
ATOM   6    C CA  . VAL A 1 2   ? 4.564   2.584   14.337  1.00 12.12 ? 2   VAL A CA  1 
ATOM   7    C C   . VAL A 1 2   ? 5.025   2.050   12.985  1.00 11.79 ? 2   VAL A C   1 
ATOM   8    O O   . VAL A 1 2   ? 4.225   1.900   12.061  1.00 13.44 ? 2   VAL A O   1 
ATOM   9    C CB  . VAL A 1 2   ? 3.589   1.571   14.978  1.00 11.59 ? 2   VAL A CB  1 
ATOM   10   C CG1 . VAL A 1 2   ? 4.256   0.207   15.098  1.00 11.56 ? 2   VAL A CG1 1 
ATOM   11   C CG2 . VAL A 1 2   ? 3.156   2.070   16.353  1.00 15.60 ? 2   VAL A CG2 1 
ATOM   12   N N   . THR A 1 3   ? 6.321   1.785   12.866  1.00 12.33 ? 3   THR A N   1 
ATOM   13   C CA  . THR A 1 3   ? 6.858   1.267   11.614  1.00 11.49 ? 3   THR A CA  1 
ATOM   14   C C   . THR A 1 3   ? 6.515   -0.203  11.440  1.00 13.07 ? 3   THR A C   1 
ATOM   15   O O   . THR A 1 3   ? 6.338   -0.941  12.415  1.00 13.74 ? 3   THR A O   1 
ATOM   16   C CB  . THR A 1 3   ? 8.393   1.408   11.552  1.00 12.50 ? 3   THR A CB  1 
ATOM   17   O OG1 . THR A 1 3   ? 8.983   0.701   12.650  1.00 14.86 ? 3   THR A OG1 1 
ATOM   18   C CG2 . THR A 1 3   ? 8.800   2.876   11.619  1.00 12.80 ? 3   THR A CG2 1 
ATOM   19   N N   . PHE A 1 4   ? 6.409   -0.625  10.188  1.00 11.60 ? 4   PHE A N   1 
ATOM   20   C CA  . PHE A 1 4   ? 6.117   -2.017  9.888   1.00 12.22 ? 4   PHE A CA  1 
ATOM   21   C C   . PHE A 1 4   ? 6.862   -2.394  8.624   1.00 13.15 ? 4   PHE A C   1 
ATOM   22   O O   . PHE A 1 4   ? 7.264   -1.530  7.845   1.00 12.80 ? 4   PHE A O   1 
ATOM   23   C CB  . PHE A 1 4   ? 4.616   -2.253  9.692   1.00 12.14 ? 4   PHE A CB  1 
ATOM   24   C CG  . PHE A 1 4   ? 4.065   -1.688  8.410   1.00 12.63 ? 4   PHE A CG  1 
ATOM   25   C CD1 . PHE A 1 4   ? 3.593   -0.378  8.357   1.00 11.97 ? 4   PHE A CD1 1 
ATOM   26   C CD2 . PHE A 1 4   ? 4.012   -2.470  7.255   1.00 13.29 ? 4   PHE A CD2 1 
ATOM   27   C CE1 . PHE A 1 4   ? 3.072   0.147   7.178   1.00 13.02 ? 4   PHE A CE1 1 
ATOM   28   C CE2 . PHE A 1 4   ? 3.493   -1.953  6.066   1.00 14.82 ? 4   PHE A CE2 1 
ATOM   29   C CZ  . PHE A 1 4   ? 3.022   -0.642  6.030   1.00 14.40 ? 4   PHE A CZ  1 
ATOM   30   N N   . ASP A 1 5   ? 7.049   -3.691  8.435   1.00 12.64 ? 5   ASP A N   1 
ATOM   31   C CA  . ASP A 1 5   ? 7.740   -4.196  7.264   1.00 12.10 ? 5   ASP A CA  1 
ATOM   32   C C   . ASP A 1 5   ? 7.256   -5.623  7.073   1.00 12.68 ? 5   ASP A C   1 
ATOM   33   O O   . ASP A 1 5   ? 7.698   -6.529  7.777   1.00 13.51 ? 5   ASP A O   1 
ATOM   34   C CB  . ASP A 1 5   ? 9.253   -4.179  7.501   1.00 12.10 ? 5   ASP A CB  1 
ATOM   35   C CG  . ASP A 1 5   ? 10.046  -4.481  6.247   1.00 11.50 ? 5   ASP A CG  1 
ATOM   36   O OD1 . ASP A 1 5   ? 9.461   -5.018  5.288   1.00 13.55 ? 5   ASP A OD1 1 
ATOM   37   O OD2 . ASP A 1 5   ? 11.260  -4.186  6.232   1.00 15.34 ? 5   ASP A OD2 1 
ATOM   38   N N   . ASP A 1 6   ? 6.331   -5.819  6.141   1.00 12.75 ? 6   ASP A N   1 
ATOM   39   C CA  . ASP A 1 6   ? 5.797   -7.150  5.886   1.00 13.09 ? 6   ASP A CA  1 
ATOM   40   C C   . ASP A 1 6   ? 6.845   -8.059  5.264   1.00 13.43 ? 6   ASP A C   1 
ATOM   41   O O   . ASP A 1 6   ? 6.778   -9.280  5.405   1.00 14.45 ? 6   ASP A O   1 
ATOM   42   C CB  . ASP A 1 6   ? 4.587   -7.088  4.948   1.00 13.89 ? 6   ASP A CB  1 
ATOM   43   C CG  . ASP A 1 6   ? 3.372   -6.451  5.593   1.00 15.19 ? 6   ASP A CG  1 
ATOM   44   O OD1 . ASP A 1 6   ? 3.353   -6.316  6.835   1.00 14.75 ? 6   ASP A OD1 1 
ATOM   45   O OD2 . ASP A 1 6   ? 2.432   -6.098  4.855   1.00 13.02 ? 6   ASP A OD2 1 
ATOM   46   N N   . GLY A 1 7   ? 7.809   -7.468  4.568   1.00 12.78 ? 7   GLY A N   1 
ATOM   47   C CA  . GLY A 1 7   ? 8.823   -8.274  3.919   1.00 13.12 ? 7   GLY A CA  1 
ATOM   48   C C   . GLY A 1 7   ? 8.356   -8.661  2.529   1.00 12.42 ? 7   GLY A C   1 
ATOM   49   O O   . GLY A 1 7   ? 7.408   -8.070  1.996   1.00 11.74 ? 7   GLY A O   1 
ATOM   50   N N   . ALA A 1 8   ? 8.999   -9.668  1.943   1.00 11.08 ? 8   ALA A N   1 
ATOM   51   C CA  . ALA A 1 8   ? 8.664   -10.109 0.596   1.00 12.72 ? 8   ALA A CA  1 
ATOM   52   C C   . ALA A 1 8   ? 7.930   -11.441 0.527   1.00 11.04 ? 8   ALA A C   1 
ATOM   53   O O   . ALA A 1 8   ? 8.154   -12.331 1.350   1.00 11.72 ? 8   ALA A O   1 
ATOM   54   C CB  . ALA A 1 8   ? 9.930   -10.181 -0.242  1.00 12.73 ? 8   ALA A CB  1 
ATOM   55   N N   . TYR A 1 9   ? 7.058   -11.564 -0.470  1.00 10.90 ? 9   TYR A N   1 
ATOM   56   C CA  . TYR A 1 9   ? 6.275   -12.774 -0.690  1.00 11.69 ? 9   TYR A CA  1 
ATOM   57   C C   . TYR A 1 9   ? 6.292   -13.086 -2.184  1.00 11.72 ? 9   TYR A C   1 
ATOM   58   O O   . TYR A 1 9   ? 7.183   -12.624 -2.895  1.00 12.75 ? 9   TYR A O   1 
ATOM   59   C CB  . TYR A 1 9   ? 4.843   -12.572 -0.175  1.00 11.84 ? 9   TYR A CB  1 
ATOM   60   C CG  . TYR A 1 9   ? 4.809   -12.184 1.287   1.00 11.47 ? 9   TYR A CG  1 
ATOM   61   C CD1 . TYR A 1 9   ? 5.088   -10.878 1.690   1.00 11.79 ? 9   TYR A CD1 1 
ATOM   62   C CD2 . TYR A 1 9   ? 4.579   -13.139 2.275   1.00 13.00 ? 9   TYR A CD2 1 
ATOM   63   C CE1 . TYR A 1 9   ? 5.146   -10.531 3.041   1.00 12.36 ? 9   TYR A CE1 1 
ATOM   64   C CE2 . TYR A 1 9   ? 4.637   -12.801 3.633   1.00 12.87 ? 9   TYR A CE2 1 
ATOM   65   C CZ  . TYR A 1 9   ? 4.921   -11.497 4.005   1.00 13.45 ? 9   TYR A CZ  1 
ATOM   66   O OH  . TYR A 1 9   ? 4.998   -11.158 5.337   1.00 16.13 ? 9   TYR A OH  1 
ATOM   67   N N   . THR A 1 10  ? 5.337   -13.868 -2.678  1.00 13.63 ? 10  THR A N   1 
ATOM   68   C CA  . THR A 1 10  ? 5.346   -14.184 -4.105  1.00 13.76 ? 10  THR A CA  1 
ATOM   69   C C   . THR A 1 10  ? 4.225   -13.537 -4.913  1.00 12.79 ? 10  THR A C   1 
ATOM   70   O O   . THR A 1 10  ? 4.034   -13.850 -6.084  1.00 13.09 ? 10  THR A O   1 
ATOM   71   C CB  . THR A 1 10  ? 5.334   -15.711 -4.344  1.00 17.11 ? 10  THR A CB  1 
ATOM   72   O OG1 . THR A 1 10  ? 4.242   -16.303 -3.637  1.00 19.77 ? 10  THR A OG1 1 
ATOM   73   C CG2 . THR A 1 10  ? 6.640   -16.335 -3.855  1.00 18.67 ? 10  THR A CG2 1 
ATOM   74   N N   . GLY A 1 11  ? 3.493   -12.618 -4.289  1.00 12.65 ? 11  GLY A N   1 
ATOM   75   C CA  . GLY A 1 11  ? 2.416   -11.947 -4.992  1.00 11.64 ? 11  GLY A CA  1 
ATOM   76   C C   . GLY A 1 11  ? 1.429   -11.299 -4.046  1.00 11.14 ? 11  GLY A C   1 
ATOM   77   O O   . GLY A 1 11  ? 1.592   -11.363 -2.829  1.00 11.43 ? 11  GLY A O   1 
ATOM   78   N N   . ILE A 1 12  ? 0.404   -10.668 -4.609  1.00 10.89 ? 12  ILE A N   1 
ATOM   79   C CA  . ILE A 1 12  ? -0.619  -10.009 -3.805  1.00 12.37 ? 12  ILE A CA  1 
ATOM   80   C C   . ILE A 1 12  ? -2.001  -10.570 -4.126  1.00 12.32 ? 12  ILE A C   1 
ATOM   81   O O   . ILE A 1 12  ? -2.382  -10.675 -5.288  1.00 13.24 ? 12  ILE A O   1 
ATOM   82   C CB  . ILE A 1 12  ? -0.657  -8.494  -4.072  1.00 12.01 ? 12  ILE A CB  1 
ATOM   83   C CG1 . ILE A 1 12  ? 0.709   -7.874  -3.768  1.00 15.01 ? 12  ILE A CG1 1 
ATOM   84   C CG2 . ILE A 1 12  ? -1.743  -7.847  -3.214  1.00 14.69 ? 12  ILE A CG2 1 
ATOM   85   C CD1 . ILE A 1 12  ? 0.773   -6.391  -4.020  1.00 19.61 ? 12  ILE A CD1 1 
ATOM   86   N N   . ARG A 1 13  ? -2.749  -10.928 -3.089  1.00 14.15 ? 13  ARG A N   1 
ATOM   87   C CA  . ARG A 1 13  ? -4.090  -11.470 -3.275  1.00 14.99 ? 13  ARG A CA  1 
ATOM   88   C C   . ARG A 1 13  ? -5.168  -10.470 -2.876  1.00 16.03 ? 13  ARG A C   1 
ATOM   89   O O   . ARG A 1 13  ? -6.199  -10.367 -3.536  1.00 15.81 ? 13  ARG A O   1 
ATOM   90   C CB  . ARG A 1 13  ? -4.254  -12.760 -2.470  1.00 16.37 ? 13  ARG A CB  1 
ATOM   91   C CG  . ARG A 1 13  ? -3.614  -13.975 -3.122  1.00 17.34 ? 13  ARG A CG  1 
ATOM   92   C CD  . ARG A 1 13  ? -3.524  -15.146 -2.154  1.00 18.95 ? 13  ARG A CD  1 
ATOM   93   N NE  . ARG A 1 13  ? -3.022  -16.358 -2.799  1.00 21.19 ? 13  ARG A NE  1 
ATOM   94   C CZ  . ARG A 1 13  ? -3.737  -17.135 -3.608  1.00 22.73 ? 13  ARG A CZ  1 
ATOM   95   N NH1 . ARG A 1 13  ? -5.001  -16.836 -3.879  1.00 21.78 ? 13  ARG A NH1 1 
ATOM   96   N NH2 . ARG A 1 13  ? -3.187  -18.216 -4.147  1.00 22.64 ? 13  ARG A NH2 1 
ATOM   97   N N   . GLU A 1 14  ? -4.924  -9.727  -1.803  1.00 15.57 ? 14  GLU A N   1 
ATOM   98   C CA  . GLU A 1 14  ? -5.898  -8.750  -1.342  1.00 16.75 ? 14  GLU A CA  1 
ATOM   99   C C   . GLU A 1 14  ? -5.250  -7.608  -0.574  1.00 15.50 ? 14  GLU A C   1 
ATOM   100  O O   . GLU A 1 14  ? -4.254  -7.794  0.125   1.00 15.18 ? 14  GLU A O   1 
ATOM   101  C CB  . GLU A 1 14  ? -6.931  -9.444  -0.455  1.00 18.16 ? 14  GLU A CB  1 
ATOM   102  C CG  . GLU A 1 14  ? -8.054  -8.555  0.041   1.00 23.85 ? 14  GLU A CG  1 
ATOM   103  C CD  . GLU A 1 14  ? -9.107  -9.339  0.800   1.00 27.02 ? 14  GLU A CD  1 
ATOM   104  O OE1 . GLU A 1 14  ? -9.660  -10.295 0.221   1.00 30.18 ? 14  GLU A OE1 1 
ATOM   105  O OE2 . GLU A 1 14  ? -9.381  -8.999  1.971   1.00 28.03 ? 14  GLU A OE2 1 
ATOM   106  N N   . ILE A 1 15  ? -5.820  -6.416  -0.718  1.00 15.79 ? 15  ILE A N   1 
ATOM   107  C CA  . ILE A 1 15  ? -5.318  -5.250  -0.008  1.00 14.63 ? 15  ILE A CA  1 
ATOM   108  C C   . ILE A 1 15  ? -6.489  -4.553  0.665   1.00 15.78 ? 15  ILE A C   1 
ATOM   109  O O   . ILE A 1 15  ? -7.420  -4.108  -0.003  1.00 18.24 ? 15  ILE A O   1 
ATOM   110  C CB  . ILE A 1 15  ? -4.626  -4.243  -0.947  1.00 15.72 ? 15  ILE A CB  1 
ATOM   111  C CG1 . ILE A 1 15  ? -3.435  -4.906  -1.641  1.00 14.99 ? 15  ILE A CG1 1 
ATOM   112  C CG2 . ILE A 1 15  ? -4.163  -3.032  -0.149  1.00 15.83 ? 15  ILE A CG2 1 
ATOM   113  C CD1 . ILE A 1 15  ? -2.688  -3.986  -2.590  1.00 16.71 ? 15  ILE A CD1 1 
ATOM   114  N N   . ASN A 1 16  ? -6.448  -4.476  1.989   1.00 15.74 ? 16  ASN A N   1 
ATOM   115  C CA  . ASN A 1 16  ? -7.504  -3.810  2.735   1.00 17.45 ? 16  ASN A CA  1 
ATOM   116  C C   . ASN A 1 16  ? -6.900  -2.597  3.420   1.00 17.21 ? 16  ASN A C   1 
ATOM   117  O O   . ASN A 1 16  ? -5.844  -2.691  4.046   1.00 18.37 ? 16  ASN A O   1 
ATOM   118  C CB  . ASN A 1 16  ? -8.102  -4.754  3.776   1.00 19.90 ? 16  ASN A CB  1 
ATOM   119  C CG  . ASN A 1 16  ? -8.572  -6.058  3.172   1.00 22.94 ? 16  ASN A CG  1 
ATOM   120  O OD1 . ASN A 1 16  ? -9.188  -6.076  2.107   1.00 25.55 ? 16  ASN A OD1 1 
ATOM   121  N ND2 . ASN A 1 16  ? -8.286  -7.161  3.851   1.00 25.80 ? 16  ASN A ND2 1 
ATOM   122  N N   . PHE A 1 17  ? -7.551  -1.451  3.283   1.00 17.36 ? 17  PHE A N   1 
ATOM   123  C CA  . PHE A 1 17  ? -7.052  -0.247  3.922   1.00 16.71 ? 17  PHE A CA  1 
ATOM   124  C C   . PHE A 1 17  ? -8.173  0.737   4.203   1.00 18.10 ? 17  PHE A C   1 
ATOM   125  O O   . PHE A 1 17  ? -9.271  0.618   3.655   1.00 18.27 ? 17  PHE A O   1 
ATOM   126  C CB  . PHE A 1 17  ? -5.948  0.402   3.075   1.00 18.67 ? 17  PHE A CB  1 
ATOM   127  C CG  . PHE A 1 17  ? -6.412  0.935   1.745   1.00 17.43 ? 17  PHE A CG  1 
ATOM   128  C CD1 . PHE A 1 17  ? -6.808  2.262   1.613   1.00 18.99 ? 17  PHE A CD1 1 
ATOM   129  C CD2 . PHE A 1 17  ? -6.412  0.121   0.616   1.00 19.20 ? 17  PHE A CD2 1 
ATOM   130  C CE1 . PHE A 1 17  ? -7.196  2.776   0.375   1.00 18.10 ? 17  PHE A CE1 1 
ATOM   131  C CE2 . PHE A 1 17  ? -6.798  0.626   -0.629  1.00 19.04 ? 17  PHE A CE2 1 
ATOM   132  C CZ  . PHE A 1 17  ? -7.189  1.957   -0.746  1.00 19.09 ? 17  PHE A CZ  1 
ATOM   133  N N   . GLU A 1 18  ? -7.888  1.691   5.080   1.00 17.21 ? 18  GLU A N   1 
ATOM   134  C CA  . GLU A 1 18  ? -8.858  2.703   5.471   1.00 18.30 ? 18  GLU A CA  1 
ATOM   135  C C   . GLU A 1 18  ? -8.541  4.033   4.814   1.00 17.62 ? 18  GLU A C   1 
ATOM   136  O O   . GLU A 1 18  ? -7.397  4.304   4.457   1.00 16.57 ? 18  GLU A O   1 
ATOM   137  C CB  . GLU A 1 18  ? -8.825  2.906   6.983   1.00 18.00 ? 18  GLU A CB  1 
ATOM   138  C CG  . GLU A 1 18  ? -9.155  1.687   7.808   1.00 21.02 ? 18  GLU A CG  1 
ATOM   139  C CD  . GLU A 1 18  ? -8.929  1.934   9.285   1.00 21.94 ? 18  GLU A CD  1 
ATOM   140  O OE1 . GLU A 1 18  ? -7.808  2.352   9.646   1.00 19.37 ? 18  GLU A OE1 1 
ATOM   141  O OE2 . GLU A 1 18  ? -9.865  1.709   10.083  1.00 23.04 ? 18  GLU A OE2 1 
ATOM   142  N N   . TYR A 1 19  ? -9.563  4.867   4.666   1.00 17.98 ? 19  TYR A N   1 
ATOM   143  C CA  . TYR A 1 19  ? -9.379  6.187   4.093   1.00 19.13 ? 19  TYR A CA  1 
ATOM   144  C C   . TYR A 1 19  ? -10.466 7.106   4.625   1.00 19.09 ? 19  TYR A C   1 
ATOM   145  O O   . TYR A 1 19  ? -11.544 6.654   5.009   1.00 19.39 ? 19  TYR A O   1 
ATOM   146  C CB  . TYR A 1 19  ? -9.422  6.127   2.562   1.00 21.87 ? 19  TYR A CB  1 
ATOM   147  C CG  . TYR A 1 19  ? -10.774 5.785   1.978   1.00 24.41 ? 19  TYR A CG  1 
ATOM   148  C CD1 . TYR A 1 19  ? -11.694 6.786   1.666   1.00 26.89 ? 19  TYR A CD1 1 
ATOM   149  C CD2 . TYR A 1 19  ? -11.135 4.461   1.741   1.00 25.61 ? 19  TYR A CD2 1 
ATOM   150  C CE1 . TYR A 1 19  ? -12.941 6.473   1.127   1.00 27.92 ? 19  TYR A CE1 1 
ATOM   151  C CE2 . TYR A 1 19  ? -12.380 4.138   1.207   1.00 27.43 ? 19  TYR A CE2 1 
ATOM   152  C CZ  . TYR A 1 19  ? -13.277 5.148   0.902   1.00 28.49 ? 19  TYR A CZ  1 
ATOM   153  O OH  . TYR A 1 19  ? -14.507 4.832   0.373   1.00 32.04 ? 19  TYR A OH  1 
ATOM   154  N N   . ASN A 1 20  ? -10.164 8.396   4.670   1.00 19.93 ? 20  ASN A N   1 
ATOM   155  C CA  . ASN A 1 20  ? -11.110 9.396   5.145   1.00 22.51 ? 20  ASN A CA  1 
ATOM   156  C C   . ASN A 1 20  ? -11.075 10.531  4.133   1.00 24.11 ? 20  ASN A C   1 
ATOM   157  O O   . ASN A 1 20  ? -10.050 11.191  3.965   1.00 24.29 ? 20  ASN A O   1 
ATOM   158  C CB  . ASN A 1 20  ? -10.691 9.896   6.530   1.00 23.02 ? 20  ASN A CB  1 
ATOM   159  C CG  . ASN A 1 20  ? -11.696 10.856  7.134   1.00 24.62 ? 20  ASN A CG  1 
ATOM   160  O OD1 . ASN A 1 20  ? -12.097 11.833  6.502   1.00 26.14 ? 20  ASN A OD1 1 
ATOM   161  N ND2 . ASN A 1 20  ? -12.101 10.587  8.371   1.00 24.55 ? 20  ASN A ND2 1 
ATOM   162  N N   . SER A 1 21  ? -12.198 10.745  3.456   1.00 25.30 ? 21  SER A N   1 
ATOM   163  C CA  . SER A 1 21  ? -12.306 11.780  2.434   1.00 27.11 ? 21  SER A CA  1 
ATOM   164  C C   . SER A 1 21  ? -11.939 13.185  2.897   1.00 27.07 ? 21  SER A C   1 
ATOM   165  O O   . SER A 1 21  ? -11.804 14.092  2.078   1.00 28.90 ? 21  SER A O   1 
ATOM   166  C CB  . SER A 1 21  ? -13.722 11.788  1.856   1.00 28.72 ? 21  SER A CB  1 
ATOM   167  O OG  . SER A 1 21  ? -14.033 10.532  1.276   1.00 32.57 ? 21  SER A OG  1 
ATOM   168  N N   . GLU A 1 22  ? -11.771 13.368  4.202   1.00 25.93 ? 22  GLU A N   1 
ATOM   169  C CA  . GLU A 1 22  ? -11.425 14.680  4.734   1.00 26.52 ? 22  GLU A CA  1 
ATOM   170  C C   . GLU A 1 22  ? -9.983  14.747  5.220   1.00 25.08 ? 22  GLU A C   1 
ATOM   171  O O   . GLU A 1 22  ? -9.394  15.826  5.283   1.00 25.47 ? 22  GLU A O   1 
ATOM   172  C CB  . GLU A 1 22  ? -12.370 15.047  5.882   1.00 29.26 ? 22  GLU A CB  1 
ATOM   173  C CG  . GLU A 1 22  ? -13.848 14.961  5.522   1.00 33.70 ? 22  GLU A CG  1 
ATOM   174  C CD  . GLU A 1 22  ? -14.240 15.907  4.401   1.00 36.86 ? 22  GLU A CD  1 
ATOM   175  O OE1 . GLU A 1 22  ? -15.390 15.813  3.921   1.00 38.86 ? 22  GLU A OE1 1 
ATOM   176  O OE2 . GLU A 1 22  ? -13.406 16.748  4.003   1.00 39.49 ? 22  GLU A OE2 1 
ATOM   177  N N   . THR A 1 23  ? -9.411  13.595  5.557   1.00 22.84 ? 23  THR A N   1 
ATOM   178  C CA  . THR A 1 23  ? -8.041  13.563  6.052   1.00 20.55 ? 23  THR A CA  1 
ATOM   179  C C   . THR A 1 23  ? -7.060  12.805  5.164   1.00 18.87 ? 23  THR A C   1 
ATOM   180  O O   . THR A 1 23  ? -6.508  13.370  4.221   1.00 18.31 ? 23  THR A O   1 
ATOM   181  C CB  . THR A 1 23  ? -7.983  12.980  7.482   1.00 18.63 ? 23  THR A CB  1 
ATOM   182  O OG1 . THR A 1 23  ? -8.626  11.701  7.511   1.00 17.98 ? 23  THR A OG1 1 
ATOM   183  C CG2 . THR A 1 23  ? -8.682  13.913  8.461   1.00 20.37 ? 23  THR A CG2 1 
ATOM   184  N N   . ALA A 1 24  ? -6.844  11.528  5.463   1.00 18.49 ? 24  ALA A N   1 
ATOM   185  C CA  . ALA A 1 24  ? -5.896  10.739  4.686   1.00 16.28 ? 24  ALA A CA  1 
ATOM   186  C C   . ALA A 1 24  ? -6.107  9.242   4.838   1.00 15.10 ? 24  ALA A C   1 
ATOM   187  O O   . ALA A 1 24  ? -7.117  8.790   5.379   1.00 16.60 ? 24  ALA A O   1 
ATOM   188  C CB  . ALA A 1 24  ? -4.475  11.103  5.100   1.00 16.71 ? 24  ALA A CB  1 
ATOM   189  N N   . ILE A 1 25  ? -5.138  8.475   4.346   1.00 14.51 ? 25  ILE A N   1 
ATOM   190  C CA  . ILE A 1 25  ? -5.193  7.023   4.434   1.00 13.39 ? 25  ILE A CA  1 
ATOM   191  C C   . ILE A 1 25  ? -4.929  6.606   5.875   1.00 12.67 ? 25  ILE A C   1 
ATOM   192  O O   . ILE A 1 25  ? -4.105  7.215   6.566   1.00 12.37 ? 25  ILE A O   1 
ATOM   193  C CB  . ILE A 1 25  ? -4.124  6.370   3.516   1.00 12.11 ? 25  ILE A CB  1 
ATOM   194  C CG1 . ILE A 1 25  ? -4.360  6.783   2.059   1.00 13.12 ? 25  ILE A CG1 1 
ATOM   195  C CG2 . ILE A 1 25  ? -4.161  4.848   3.655   1.00 13.76 ? 25  ILE A CG2 1 
ATOM   196  C CD1 . ILE A 1 25  ? -5.732  6.421   1.521   1.00 13.31 ? 25  ILE A CD1 1 
ATOM   197  N N   . GLY A 1 26  ? -5.633  5.569   6.318   1.00 12.84 ? 26  GLY A N   1 
ATOM   198  C CA  . GLY A 1 26  ? -5.458  5.068   7.668   1.00 13.63 ? 26  GLY A CA  1 
ATOM   199  C C   . GLY A 1 26  ? -4.653  3.780   7.698   1.00 14.28 ? 26  GLY A C   1 
ATOM   200  O O   . GLY A 1 26  ? -3.581  3.696   7.099   1.00 14.74 ? 26  GLY A O   1 
ATOM   201  N N   . GLY A 1 27  ? -5.177  2.771   8.391   1.00 13.23 ? 27  GLY A N   1 
ATOM   202  C CA  . GLY A 1 27  ? -4.479  1.503   8.493   1.00 15.35 ? 27  GLY A CA  1 
ATOM   203  C C   . GLY A 1 27  ? -4.565  0.653   7.243   1.00 15.86 ? 27  GLY A C   1 
ATOM   204  O O   . GLY A 1 27  ? -5.324  0.953   6.320   1.00 15.22 ? 27  GLY A O   1 
ATOM   205  N N   . LEU A 1 28  ? -3.775  -0.416  7.209   1.00 14.79 ? 28  LEU A N   1 
ATOM   206  C CA  . LEU A 1 28  ? -3.788  -1.310  6.065   1.00 16.74 ? 28  LEU A CA  1 
ATOM   207  C C   . LEU A 1 28  ? -3.322  -2.709  6.438   1.00 15.72 ? 28  LEU A C   1 
ATOM   208  O O   . LEU A 1 28  ? -2.515  -2.895  7.354   1.00 15.21 ? 28  LEU A O   1 
ATOM   209  C CB  . LEU A 1 28  ? -2.931  -0.735  4.937   1.00 20.60 ? 28  LEU A CB  1 
ATOM   210  C CG  . LEU A 1 28  ? -1.415  -0.667  5.076   1.00 22.26 ? 28  LEU A CG  1 
ATOM   211  C CD1 . LEU A 1 28  ? -0.812  -2.011  4.706   1.00 24.83 ? 28  LEU A CD1 1 
ATOM   212  C CD2 . LEU A 1 28  ? -0.872  0.405   4.141   1.00 24.98 ? 28  LEU A CD2 1 
ATOM   213  N N   . ARG A 1 29  ? -3.867  -3.694  5.737   1.00 15.04 ? 29  ARG A N   1 
ATOM   214  C CA  . ARG A 1 29  ? -3.535  -5.092  5.969   1.00 15.04 ? 29  ARG A CA  1 
ATOM   215  C C   . ARG A 1 29  ? -3.529  -5.770  4.615   1.00 15.12 ? 29  ARG A C   1 
ATOM   216  O O   . ARG A 1 29  ? -4.517  -5.738  3.884   1.00 14.01 ? 29  ARG A O   1 
ATOM   217  C CB  . ARG A 1 29  ? -4.578  -5.747  6.876   1.00 14.67 ? 29  ARG A CB  1 
ATOM   218  C CG  . ARG A 1 29  ? -4.209  -7.144  7.349   1.00 18.18 ? 29  ARG A CG  1 
ATOM   219  C CD  . ARG A 1 29  ? -5.349  -7.742  8.163   1.00 23.18 ? 29  ARG A CD  1 
ATOM   220  N NE  . ARG A 1 29  ? -5.073  -9.103  8.616   1.00 30.93 ? 29  ARG A NE  1 
ATOM   221  C CZ  . ARG A 1 29  ? -4.326  -9.414  9.672   1.00 33.37 ? 29  ARG A CZ  1 
ATOM   222  N NH1 . ARG A 1 29  ? -4.135  -10.684 10.004  1.00 36.98 ? 29  ARG A NH1 1 
ATOM   223  N NH2 . ARG A 1 29  ? -3.776  -8.460  10.403  1.00 37.51 ? 29  ARG A NH2 1 
ATOM   224  N N   . VAL A 1 30  ? -2.402  -6.381  4.283   1.00 13.90 ? 30  VAL A N   1 
ATOM   225  C CA  . VAL A 1 30  ? -2.257  -7.040  3.003   1.00 13.62 ? 30  VAL A CA  1 
ATOM   226  C C   . VAL A 1 30  ? -2.281  -8.555  3.107   1.00 13.39 ? 30  VAL A C   1 
ATOM   227  O O   . VAL A 1 30  ? -1.699  -9.137  4.021   1.00 14.15 ? 30  VAL A O   1 
ATOM   228  C CB  . VAL A 1 30  ? -0.929  -6.621  2.334   1.00 13.06 ? 30  VAL A CB  1 
ATOM   229  C CG1 . VAL A 1 30  ? -0.789  -7.298  0.977   1.00 13.08 ? 30  VAL A CG1 1 
ATOM   230  C CG2 . VAL A 1 30  ? -0.868  -5.106  2.195   1.00 12.30 ? 30  VAL A CG2 1 
ATOM   231  N N   . THR A 1 31  ? -2.987  -9.187  2.179   1.00 13.05 ? 31  THR A N   1 
ATOM   232  C CA  . THR A 1 31  ? -3.021  -10.638 2.114   1.00 14.38 ? 31  THR A CA  1 
ATOM   233  C C   . THR A 1 31  ? -2.164  -10.956 0.897   1.00 14.32 ? 31  THR A C   1 
ATOM   234  O O   . THR A 1 31  ? -2.522  -10.639 -0.239  1.00 14.72 ? 31  THR A O   1 
ATOM   235  C CB  . THR A 1 31  ? -4.438  -11.187 1.898   1.00 16.04 ? 31  THR A CB  1 
ATOM   236  O OG1 . THR A 1 31  ? -5.247  -10.866 3.034   1.00 17.02 ? 31  THR A OG1 1 
ATOM   237  C CG2 . THR A 1 31  ? -4.394  -12.700 1.730   1.00 16.57 ? 31  THR A CG2 1 
ATOM   238  N N   . TYR A 1 32  ? -1.009  -11.556 1.150   1.00 14.38 ? 32  TYR A N   1 
ATOM   239  C CA  . TYR A 1 32  ? -0.077  -11.898 0.090   1.00 13.43 ? 32  TYR A CA  1 
ATOM   240  C C   . TYR A 1 32  ? -0.295  -13.307 -0.385  1.00 14.81 ? 32  TYR A C   1 
ATOM   241  O O   . TYR A 1 32  ? -1.078  -14.066 0.193   1.00 15.66 ? 32  TYR A O   1 
ATOM   242  C CB  . TYR A 1 32  ? 1.357   -11.823 0.615   1.00 11.71 ? 32  TYR A CB  1 
ATOM   243  C CG  . TYR A 1 32  ? 1.785   -10.456 1.064   1.00 11.86 ? 32  TYR A CG  1 
ATOM   244  C CD1 . TYR A 1 32  ? 2.263   -9.526  0.146   1.00 10.68 ? 32  TYR A CD1 1 
ATOM   245  C CD2 . TYR A 1 32  ? 1.687   -10.077 2.400   1.00 11.83 ? 32  TYR A CD2 1 
ATOM   246  C CE1 . TYR A 1 32  ? 2.632   -8.251  0.544   1.00 11.10 ? 32  TYR A CE1 1 
ATOM   247  C CE2 . TYR A 1 32  ? 2.052   -8.801  2.810   1.00 10.72 ? 32  TYR A CE2 1 
ATOM   248  C CZ  . TYR A 1 32  ? 2.521   -7.892  1.874   1.00 12.09 ? 32  TYR A CZ  1 
ATOM   249  O OH  . TYR A 1 32  ? 2.856   -6.617  2.264   1.00 10.65 ? 32  TYR A OH  1 
ATOM   250  N N   . ASP A 1 33  ? 0.392   -13.645 -1.467  1.00 15.17 ? 33  ASP A N   1 
ATOM   251  C CA  . ASP A 1 33  ? 0.377   -15.011 -1.936  1.00 15.10 ? 33  ASP A CA  1 
ATOM   252  C C   . ASP A 1 33  ? 1.739   -15.470 -1.457  1.00 14.80 ? 33  ASP A C   1 
ATOM   253  O O   . ASP A 1 33  ? 2.727   -14.741 -1.582  1.00 13.86 ? 33  ASP A O   1 
ATOM   254  C CB  . ASP A 1 33  ? 0.331   -15.132 -3.457  1.00 15.88 ? 33  ASP A CB  1 
ATOM   255  C CG  . ASP A 1 33  ? 0.510   -16.575 -3.917  1.00 19.62 ? 33  ASP A CG  1 
ATOM   256  O OD1 . ASP A 1 33  ? 1.640   -16.964 -4.291  1.00 19.55 ? 33  ASP A OD1 1 
ATOM   257  O OD2 . ASP A 1 33  ? -0.478  -17.331 -3.877  1.00 21.03 ? 33  ASP A OD2 1 
ATOM   258  N N   . LEU A 1 34  ? 1.787   -16.651 -0.861  1.00 15.32 ? 34  LEU A N   1 
ATOM   259  C CA  . LEU A 1 34  ? 3.055   -17.200 -0.416  1.00 16.07 ? 34  LEU A CA  1 
ATOM   260  C C   . LEU A 1 34  ? 3.126   -18.592 -1.012  1.00 16.61 ? 34  LEU A C   1 
ATOM   261  O O   . LEU A 1 34  ? 2.550   -19.542 -0.478  1.00 16.97 ? 34  LEU A O   1 
ATOM   262  C CB  . LEU A 1 34  ? 3.146   -17.270 1.111   1.00 14.98 ? 34  LEU A CB  1 
ATOM   263  C CG  . LEU A 1 34  ? 4.470   -17.853 1.632   1.00 15.73 ? 34  LEU A CG  1 
ATOM   264  C CD1 . LEU A 1 34  ? 5.644   -17.056 1.071   1.00 16.17 ? 34  LEU A CD1 1 
ATOM   265  C CD2 . LEU A 1 34  ? 4.484   -17.836 3.152   1.00 17.38 ? 34  LEU A CD2 1 
ATOM   266  N N   . ASN A 1 35  ? 3.807   -18.689 -2.146  1.00 16.30 ? 35  ASN A N   1 
ATOM   267  C CA  . ASN A 1 35  ? 3.979   -19.954 -2.844  1.00 17.50 ? 35  ASN A CA  1 
ATOM   268  C C   . ASN A 1 35  ? 2.654   -20.668 -3.112  1.00 19.79 ? 35  ASN A C   1 
ATOM   269  O O   . ASN A 1 35  ? 2.521   -21.869 -2.872  1.00 20.76 ? 35  ASN A O   1 
ATOM   270  C CB  . ASN A 1 35  ? 4.926   -20.837 -2.031  1.00 15.92 ? 35  ASN A CB  1 
ATOM   271  C CG  . ASN A 1 35  ? 6.250   -20.150 -1.752  1.00 14.44 ? 35  ASN A CG  1 
ATOM   272  O OD1 . ASN A 1 35  ? 6.683   -20.033 -0.604  1.00 16.84 ? 35  ASN A OD1 1 
ATOM   273  N ND2 . ASN A 1 35  ? 6.893   -19.675 -2.809  1.00 11.42 ? 35  ASN A ND2 1 
ATOM   274  N N   . GLY A 1 36  ? 1.676   -19.915 -3.607  1.00 20.62 ? 36  GLY A N   1 
ATOM   275  C CA  . GLY A 1 36  ? 0.382   -20.493 -3.928  1.00 24.48 ? 36  GLY A CA  1 
ATOM   276  C C   . GLY A 1 36  ? -0.657  -20.482 -2.824  1.00 26.13 ? 36  GLY A C   1 
ATOM   277  O O   . GLY A 1 36  ? -1.828  -20.772 -3.077  1.00 29.02 ? 36  GLY A O   1 
ATOM   278  N N   . MET A 1 37  ? -0.247  -20.158 -1.604  1.00 27.30 ? 37  MET A N   1 
ATOM   279  C CA  . MET A 1 37  ? -1.176  -20.122 -0.480  1.00 28.41 ? 37  MET A CA  1 
ATOM   280  C C   . MET A 1 37  ? -1.433  -18.687 -0.046  1.00 27.74 ? 37  MET A C   1 
ATOM   281  O O   . MET A 1 37  ? -0.534  -17.849 -0.086  1.00 25.94 ? 37  MET A O   1 
ATOM   282  C CB  . MET A 1 37  ? -0.607  -20.868 0.728   1.00 31.10 ? 37  MET A CB  1 
ATOM   283  C CG  . MET A 1 37  ? -0.083  -22.263 0.467   1.00 35.49 ? 37  MET A CG  1 
ATOM   284  S SD  . MET A 1 37  ? 0.522   -22.992 2.010   1.00 40.15 ? 37  MET A SD  1 
ATOM   285  C CE  . MET A 1 37  ? 1.914   -21.923 2.369   1.00 39.56 ? 37  MET A CE  1 
ATOM   286  N N   . PRO A 1 38  ? -2.670  -18.379 0.364   1.00 26.96 ? 38  PRO A N   1 
ATOM   287  C CA  . PRO A 1 38  ? -2.936  -17.009 0.800   1.00 25.43 ? 38  PRO A CA  1 
ATOM   288  C C   . PRO A 1 38  ? -2.231  -16.817 2.142   1.00 24.35 ? 38  PRO A C   1 
ATOM   289  O O   . PRO A 1 38  ? -2.275  -17.699 3.001   1.00 26.26 ? 38  PRO A O   1 
ATOM   290  C CB  . PRO A 1 38  ? -4.456  -16.981 0.946   1.00 26.12 ? 38  PRO A CB  1 
ATOM   291  C CG  . PRO A 1 38  ? -4.913  -18.011 -0.054  1.00 26.97 ? 38  PRO A CG  1 
ATOM   292  C CD  . PRO A 1 38  ? -3.928  -19.123 0.179   1.00 27.31 ? 38  PRO A CD  1 
ATOM   293  N N   . PHE A 1 39  ? -1.566  -15.683 2.317   1.00 22.18 ? 39  PHE A N   1 
ATOM   294  C CA  . PHE A 1 39  ? -0.873  -15.402 3.565   1.00 19.68 ? 39  PHE A CA  1 
ATOM   295  C C   . PHE A 1 39  ? -1.292  -14.027 4.065   1.00 19.77 ? 39  PHE A C   1 
ATOM   296  O O   . PHE A 1 39  ? -0.891  -13.003 3.512   1.00 17.90 ? 39  PHE A O   1 
ATOM   297  C CB  . PHE A 1 39  ? 0.649   -15.460 3.358   1.00 20.68 ? 39  PHE A CB  1 
ATOM   298  C CG  . PHE A 1 39  ? 1.447   -15.270 4.625   1.00 21.02 ? 39  PHE A CG  1 
ATOM   299  C CD1 . PHE A 1 39  ? 1.624   -14.004 5.176   1.00 21.08 ? 39  PHE A CD1 1 
ATOM   300  C CD2 . PHE A 1 39  ? 2.010   -16.364 5.275   1.00 21.78 ? 39  PHE A CD2 1 
ATOM   301  C CE1 . PHE A 1 39  ? 2.349   -13.830 6.355   1.00 22.73 ? 39  PHE A CE1 1 
ATOM   302  C CE2 . PHE A 1 39  ? 2.738   -16.203 6.456   1.00 22.40 ? 39  PHE A CE2 1 
ATOM   303  C CZ  . PHE A 1 39  ? 2.908   -14.934 6.998   1.00 22.81 ? 39  PHE A CZ  1 
ATOM   304  N N   . VAL A 1 40  ? -2.120  -14.006 5.104   1.00 18.20 ? 40  VAL A N   1 
ATOM   305  C CA  . VAL A 1 40  ? -2.584  -12.743 5.660   1.00 18.43 ? 40  VAL A CA  1 
ATOM   306  C C   . VAL A 1 40  ? -1.530  -12.146 6.583   1.00 18.78 ? 40  VAL A C   1 
ATOM   307  O O   . VAL A 1 40  ? -1.205  -12.705 7.634   1.00 20.20 ? 40  VAL A O   1 
ATOM   308  C CB  . VAL A 1 40  ? -3.919  -12.925 6.426   1.00 18.20 ? 40  VAL A CB  1 
ATOM   309  C CG1 . VAL A 1 40  ? -3.751  -13.938 7.534   1.00 24.20 ? 40  VAL A CG1 1 
ATOM   310  C CG2 . VAL A 1 40  ? -4.382  -11.594 6.986   1.00 17.93 ? 40  VAL A CG2 1 
ATOM   311  N N   . ALA A 1 41  ? -0.979  -11.008 6.178   1.00 18.09 ? 41  ALA A N   1 
ATOM   312  C CA  . ALA A 1 41  ? 0.040   -10.342 6.969   1.00 18.33 ? 41  ALA A CA  1 
ATOM   313  C C   . ALA A 1 41  ? -0.583  -9.583  8.134   1.00 19.12 ? 41  ALA A C   1 
ATOM   314  O O   . ALA A 1 41  ? -1.806  -9.519  8.272   1.00 20.72 ? 41  ALA A O   1 
ATOM   315  C CB  . ALA A 1 41  ? 0.847   -9.390  6.090   1.00 18.16 ? 41  ALA A CB  1 
ATOM   316  N N   . GLU A 1 42  ? 0.272   -9.011  8.972   1.00 19.32 ? 42  GLU A N   1 
ATOM   317  C CA  . GLU A 1 42  ? -0.170  -8.258  10.135  1.00 20.98 ? 42  GLU A CA  1 
ATOM   318  C C   . GLU A 1 42  ? -1.009  -7.030  9.789   1.00 20.34 ? 42  GLU A C   1 
ATOM   319  O O   . GLU A 1 42  ? -0.800  -6.383  8.761   1.00 18.77 ? 42  GLU A O   1 
ATOM   320  C CB  . GLU A 1 42  ? 1.051   -7.847  10.961  1.00 24.84 ? 42  GLU A CB  1 
ATOM   321  C CG  . GLU A 1 42  ? 1.751   -9.031  11.623  1.00 32.64 ? 42  GLU A CG  1 
ATOM   322  C CD  . GLU A 1 42  ? 3.175   -8.721  12.052  1.00 35.37 ? 42  GLU A CD  1 
ATOM   323  O OE1 . GLU A 1 42  ? 3.415   -7.623  12.599  1.00 37.82 ? 42  GLU A OE1 1 
ATOM   324  O OE2 . GLU A 1 42  ? 4.054   -9.588  11.853  1.00 39.78 ? 42  GLU A OE2 1 
ATOM   325  N N   . ASP A 1 43  ? -1.969  -6.723  10.655  1.00 20.33 ? 43  ASP A N   1 
ATOM   326  C CA  . ASP A 1 43  ? -2.841  -5.573  10.469  1.00 19.13 ? 43  ASP A CA  1 
ATOM   327  C C   . ASP A 1 43  ? -2.124  -4.363  11.047  1.00 18.52 ? 43  ASP A C   1 
ATOM   328  O O   . ASP A 1 43  ? -1.840  -4.311  12.244  1.00 19.44 ? 43  ASP A O   1 
ATOM   329  C CB  . ASP A 1 43  ? -4.170  -5.795  11.205  1.00 21.39 ? 43  ASP A CB  1 
ATOM   330  C CG  . ASP A 1 43  ? -5.168  -4.673  10.974  1.00 22.60 ? 43  ASP A CG  1 
ATOM   331  O OD1 . ASP A 1 43  ? -6.267  -4.729  11.576  1.00 24.36 ? 43  ASP A OD1 1 
ATOM   332  O OD2 . ASP A 1 43  ? -4.870  -3.740  10.199  1.00 20.57 ? 43  ASP A OD2 1 
ATOM   333  N N   . HIS A 1 44  ? -1.815  -3.400  10.190  1.00 16.08 ? 44  HIS A N   1 
ATOM   334  C CA  . HIS A 1 44  ? -1.131  -2.190  10.619  1.00 14.79 ? 44  HIS A CA  1 
ATOM   335  C C   . HIS A 1 44  ? -2.211  -1.143  10.841  1.00 14.90 ? 44  HIS A C   1 
ATOM   336  O O   . HIS A 1 44  ? -2.661  -0.463  9.919   1.00 14.40 ? 44  HIS A O   1 
ATOM   337  C CB  . HIS A 1 44  ? -0.124  -1.793  9.542   1.00 14.73 ? 44  HIS A CB  1 
ATOM   338  C CG  . HIS A 1 44  ? 0.770   -2.925  9.141   1.00 14.87 ? 44  HIS A CG  1 
ATOM   339  N ND1 . HIS A 1 44  ? 1.628   -3.539  10.030  1.00 14.29 ? 44  HIS A ND1 1 
ATOM   340  C CD2 . HIS A 1 44  ? 0.870   -3.619  7.982   1.00 15.36 ? 44  HIS A CD2 1 
ATOM   341  C CE1 . HIS A 1 44  ? 2.214   -4.563  9.436   1.00 15.13 ? 44  HIS A CE1 1 
ATOM   342  N NE2 . HIS A 1 44  ? 1.771   -4.634  8.194   1.00 15.80 ? 44  HIS A NE2 1 
ATOM   343  N N   . LYS A 1 45  ? -2.631  -1.037  12.096  1.00 13.73 ? 45  LYS A N   1 
ATOM   344  C CA  . LYS A 1 45  ? -3.711  -0.142  12.476  1.00 13.65 ? 45  LYS A CA  1 
ATOM   345  C C   . LYS A 1 45  ? -3.392  1.328   12.656  1.00 12.94 ? 45  LYS A C   1 
ATOM   346  O O   . LYS A 1 45  ? -2.287  1.712   13.033  1.00 14.99 ? 45  LYS A O   1 
ATOM   347  C CB  . LYS A 1 45  ? -4.345  -0.630  13.779  1.00 14.16 ? 45  LYS A CB  1 
ATOM   348  C CG  . LYS A 1 45  ? -4.905  -2.038  13.757  1.00 16.96 ? 45  LYS A CG  1 
ATOM   349  C CD  . LYS A 1 45  ? -5.510  -2.348  15.120  1.00 18.17 ? 45  LYS A CD  1 
ATOM   350  C CE  . LYS A 1 45  ? -6.099  -3.741  15.193  1.00 22.67 ? 45  LYS A CE  1 
ATOM   351  N NZ  . LYS A 1 45  ? -6.800  -3.950  16.497  1.00 23.72 ? 45  LYS A NZ  1 
ATOM   352  N N   . SER A 1 46  ? -4.402  2.146   12.390  1.00 13.28 ? 46  SER A N   1 
ATOM   353  C CA  . SER A 1 46  ? -4.302  3.579   12.590  1.00 14.03 ? 46  SER A CA  1 
ATOM   354  C C   . SER A 1 46  ? -4.473  3.764   14.094  1.00 14.94 ? 46  SER A C   1 
ATOM   355  O O   . SER A 1 46  ? -5.056  2.904   14.764  1.00 15.85 ? 46  SER A O   1 
ATOM   356  C CB  . SER A 1 46  ? -5.440  4.298   11.865  1.00 13.66 ? 46  SER A CB  1 
ATOM   357  O OG  . SER A 1 46  ? -5.620  5.609   12.381  1.00 13.15 ? 46  SER A OG  1 
ATOM   358  N N   . PHE A 1 47  ? -3.964  4.874   14.618  1.00 13.96 ? 47  PHE A N   1 
ATOM   359  C CA  . PHE A 1 47  ? -4.090  5.170   16.044  1.00 16.46 ? 47  PHE A CA  1 
ATOM   360  C C   . PHE A 1 47  ? -5.520  5.595   16.360  1.00 18.03 ? 47  PHE A C   1 
ATOM   361  O O   . PHE A 1 47  ? -5.905  5.675   17.530  1.00 19.76 ? 47  PHE A O   1 
ATOM   362  C CB  . PHE A 1 47  ? -3.151  6.314   16.450  1.00 14.91 ? 47  PHE A CB  1 
ATOM   363  C CG  . PHE A 1 47  ? -1.691  5.943   16.511  1.00 13.33 ? 47  PHE A CG  1 
ATOM   364  C CD1 . PHE A 1 47  ? -0.755  6.887   16.919  1.00 12.80 ? 47  PHE A CD1 1 
ATOM   365  C CD2 . PHE A 1 47  ? -1.244  4.672   16.157  1.00 12.39 ? 47  PHE A CD2 1 
ATOM   366  C CE1 . PHE A 1 47  ? 0.601   6.579   16.976  1.00 12.68 ? 47  PHE A CE1 1 
ATOM   367  C CE2 . PHE A 1 47  ? 0.112   4.355   16.208  1.00 10.89 ? 47  PHE A CE2 1 
ATOM   368  C CZ  . PHE A 1 47  ? 1.037   5.310   16.619  1.00 13.63 ? 47  PHE A CZ  1 
ATOM   369  N N   . ILE A 1 48  ? -6.302  5.876   15.322  1.00 19.06 ? 48  ILE A N   1 
ATOM   370  C CA  . ILE A 1 48  ? -7.683  6.316   15.501  1.00 20.79 ? 48  ILE A CA  1 
ATOM   371  C C   . ILE A 1 48  ? -8.698  5.604   14.609  1.00 22.70 ? 48  ILE A C   1 
ATOM   372  O O   . ILE A 1 48  ? -8.349  4.743   13.798  1.00 22.02 ? 48  ILE A O   1 
ATOM   373  C CB  . ILE A 1 48  ? -7.815  7.830   15.243  1.00 21.39 ? 48  ILE A CB  1 
ATOM   374  C CG1 . ILE A 1 48  ? -7.323  8.160   13.831  1.00 20.50 ? 48  ILE A CG1 1 
ATOM   375  C CG2 . ILE A 1 48  ? -7.016  8.607   16.273  1.00 23.01 ? 48  ILE A CG2 1 
ATOM   376  C CD1 . ILE A 1 48  ? -7.631  9.575   13.387  1.00 22.05 ? 48  ILE A CD1 1 
ATOM   377  N N   . THR A 1 49  ? -9.965  5.976   14.773  1.00 24.34 ? 49  THR A N   1 
ATOM   378  C CA  . THR A 1 49  ? -11.055 5.398   13.993  1.00 25.76 ? 49  THR A CA  1 
ATOM   379  C C   . THR A 1 49  ? -11.724 6.476   13.144  1.00 24.68 ? 49  THR A C   1 
ATOM   380  O O   . THR A 1 49  ? -11.186 7.573   12.981  1.00 26.48 ? 49  THR A O   1 
ATOM   381  C CB  . THR A 1 49  ? -12.123 4.769   14.911  1.00 28.01 ? 49  THR A CB  1 
ATOM   382  O OG1 . THR A 1 49  ? -12.691 5.784   15.749  1.00 29.21 ? 49  THR A OG1 1 
ATOM   383  C CG2 . THR A 1 49  ? -11.503 3.684   15.782  1.00 29.99 ? 49  THR A CG2 1 
ATOM   384  N N   . GLY A 1 50  ? -12.899 6.159   12.608  1.00 24.43 ? 50  GLY A N   1 
ATOM   385  C CA  . GLY A 1 50  ? -13.625 7.116   11.793  1.00 23.10 ? 50  GLY A CA  1 
ATOM   386  C C   . GLY A 1 50  ? -13.333 7.015   10.307  1.00 23.35 ? 50  GLY A C   1 
ATOM   387  O O   . GLY A 1 50  ? -13.670 7.917   9.539   1.00 23.26 ? 50  GLY A O   1 
ATOM   388  N N   . PHE A 1 51  ? -12.713 5.912   9.899   1.00 23.25 ? 51  PHE A N   1 
ATOM   389  C CA  . PHE A 1 51  ? -12.369 5.701   8.496   1.00 22.85 ? 51  PHE A CA  1 
ATOM   390  C C   . PHE A 1 51  ? -13.397 4.857   7.754   1.00 23.54 ? 51  PHE A C   1 
ATOM   391  O O   . PHE A 1 51  ? -14.248 4.199   8.356   1.00 24.40 ? 51  PHE A O   1 
ATOM   392  C CB  . PHE A 1 51  ? -11.027 4.974   8.380   1.00 20.86 ? 51  PHE A CB  1 
ATOM   393  C CG  . PHE A 1 51  ? -9.852  5.758   8.877   1.00 19.95 ? 51  PHE A CG  1 
ATOM   394  C CD1 . PHE A 1 51  ? -9.252  6.723   8.076   1.00 18.63 ? 51  PHE A CD1 1 
ATOM   395  C CD2 . PHE A 1 51  ? -9.326  5.511   10.141  1.00 18.54 ? 51  PHE A CD2 1 
ATOM   396  C CE1 . PHE A 1 51  ? -8.140  7.432   8.524   1.00 18.19 ? 51  PHE A CE1 1 
ATOM   397  C CE2 . PHE A 1 51  ? -8.212  6.212   10.602  1.00 18.54 ? 51  PHE A CE2 1 
ATOM   398  C CZ  . PHE A 1 51  ? -7.616  7.175   9.792   1.00 16.99 ? 51  PHE A CZ  1 
ATOM   399  N N   . LYS A 1 52  ? -13.293 4.880   6.430   1.00 24.35 ? 52  LYS A N   1 
ATOM   400  C CA  . LYS A 1 52  ? -14.143 4.079   5.563   1.00 25.80 ? 52  LYS A CA  1 
ATOM   401  C C   . LYS A 1 52  ? -13.188 3.013   5.038   1.00 26.45 ? 52  LYS A C   1 
ATOM   402  O O   . LYS A 1 52  ? -12.090 3.333   4.584   1.00 28.32 ? 52  LYS A O   1 
ATOM   403  C CB  . LYS A 1 52  ? -14.668 4.909   4.392   1.00 27.44 ? 52  LYS A CB  1 
ATOM   404  C CG  . LYS A 1 52  ? -15.459 6.141   4.798   1.00 31.11 ? 52  LYS A CG  1 
ATOM   405  C CD  . LYS A 1 52  ? -15.916 6.941   3.582   1.00 33.73 ? 52  LYS A CD  1 
ATOM   406  C CE  . LYS A 1 52  ? -16.996 6.212   2.791   1.00 36.14 ? 52  LYS A CE  1 
ATOM   407  N NZ  . LYS A 1 52  ? -16.522 4.929   2.204   1.00 37.30 ? 52  LYS A NZ  1 
ATOM   408  N N   . PRO A 1 53  ? -13.565 1.731   5.138   1.00 26.09 ? 53  PRO A N   1 
ATOM   409  C CA  . PRO A 1 53  ? -12.643 0.712   4.630   1.00 25.19 ? 53  PRO A CA  1 
ATOM   410  C C   . PRO A 1 53  ? -12.897 0.305   3.184   1.00 24.61 ? 53  PRO A C   1 
ATOM   411  O O   . PRO A 1 53  ? -14.012 0.409   2.673   1.00 23.94 ? 53  PRO A O   1 
ATOM   412  C CB  . PRO A 1 53  ? -12.856 -0.464  5.588   1.00 26.49 ? 53  PRO A CB  1 
ATOM   413  C CG  . PRO A 1 53  ? -13.425 0.178   6.822   1.00 28.81 ? 53  PRO A CG  1 
ATOM   414  C CD  . PRO A 1 53  ? -14.381 1.172   6.225   1.00 28.57 ? 53  PRO A CD  1 
ATOM   415  N N   . VAL A 1 54  ? -11.840 -0.157  2.529   1.00 22.33 ? 54  VAL A N   1 
ATOM   416  C CA  . VAL A 1 54  ? -11.921 -0.622  1.157   1.00 22.71 ? 54  VAL A CA  1 
ATOM   417  C C   . VAL A 1 54  ? -11.172 -1.943  1.111   1.00 20.72 ? 54  VAL A C   1 
ATOM   418  O O   . VAL A 1 54  ? -10.082 -2.065  1.668   1.00 19.50 ? 54  VAL A O   1 
ATOM   419  C CB  . VAL A 1 54  ? -11.270 0.370   0.170   1.00 24.11 ? 54  VAL A CB  1 
ATOM   420  C CG1 . VAL A 1 54  ? -9.904  0.771   0.668   1.00 26.24 ? 54  VAL A CG1 1 
ATOM   421  C CG2 . VAL A 1 54  ? -11.168 -0.262  -1.213  1.00 25.27 ? 54  VAL A CG2 1 
ATOM   422  N N   . LYS A 1 55  ? -11.775 -2.936  0.470   1.00 20.72 ? 55  LYS A N   1 
ATOM   423  C CA  . LYS A 1 55  ? -11.161 -4.248  0.354   1.00 20.73 ? 55  LYS A CA  1 
ATOM   424  C C   . LYS A 1 55  ? -10.988 -4.581  -1.120  1.00 20.14 ? 55  LYS A C   1 
ATOM   425  O O   . LYS A 1 55  ? -11.965 -4.817  -1.831  1.00 21.17 ? 55  LYS A O   1 
ATOM   426  C CB  . LYS A 1 55  ? -12.038 -5.305  1.028   1.00 23.41 ? 55  LYS A CB  1 
ATOM   427  C CG  . LYS A 1 55  ? -12.189 -5.130  2.534   1.00 27.39 ? 55  LYS A CG  1 
ATOM   428  C CD  . LYS A 1 55  ? -13.170 -6.143  3.118   1.00 30.99 ? 55  LYS A CD  1 
ATOM   429  C CE  . LYS A 1 55  ? -12.740 -7.577  2.839   1.00 32.54 ? 55  LYS A CE  1 
ATOM   430  N NZ  . LYS A 1 55  ? -11.432 -7.912  3.467   1.00 34.39 ? 55  LYS A NZ  1 
ATOM   431  N N   . ILE A 1 56  ? -9.739  -4.580  -1.575  1.00 18.13 ? 56  ILE A N   1 
ATOM   432  C CA  . ILE A 1 56  ? -9.436  -4.891  -2.964  1.00 17.70 ? 56  ILE A CA  1 
ATOM   433  C C   . ILE A 1 56  ? -9.059  -6.362  -3.076  1.00 17.60 ? 56  ILE A C   1 
ATOM   434  O O   . ILE A 1 56  ? -7.980  -6.765  -2.640  1.00 17.98 ? 56  ILE A O   1 
ATOM   435  C CB  . ILE A 1 56  ? -8.256  -4.043  -3.489  1.00 17.10 ? 56  ILE A CB  1 
ATOM   436  C CG1 . ILE A 1 56  ? -8.598  -2.556  -3.399  1.00 18.82 ? 56  ILE A CG1 1 
ATOM   437  C CG2 . ILE A 1 56  ? -7.942  -4.429  -4.934  1.00 18.32 ? 56  ILE A CG2 1 
ATOM   438  C CD1 . ILE A 1 56  ? -7.455  -1.638  -3.791  1.00 17.01 ? 56  ILE A CD1 1 
ATOM   439  N N   . SER A 1 57  ? -9.954  -7.160  -3.650  1.00 18.09 ? 57  SER A N   1 
ATOM   440  C CA  . SER A 1 57  ? -9.715  -8.588  -3.826  1.00 18.76 ? 57  SER A CA  1 
ATOM   441  C C   . SER A 1 57  ? -9.280  -8.845  -5.260  1.00 18.92 ? 57  SER A C   1 
ATOM   442  O O   . SER A 1 57  ? -10.097 -8.827  -6.178  1.00 20.43 ? 57  SER A O   1 
ATOM   443  C CB  . SER A 1 57  ? -10.988 -9.383  -3.522  1.00 20.62 ? 57  SER A CB  1 
ATOM   444  O OG  . SER A 1 57  ? -11.384 -9.213  -2.173  1.00 23.06 ? 57  SER A OG  1 
ATOM   445  N N   . LEU A 1 58  ? -7.988  -9.088  -5.449  1.00 17.97 ? 58  LEU A N   1 
ATOM   446  C CA  . LEU A 1 58  ? -7.449  -9.333  -6.780  1.00 17.17 ? 58  LEU A CA  1 
ATOM   447  C C   . LEU A 1 58  ? -7.678  -10.758 -7.246  1.00 17.96 ? 58  LEU A C   1 
ATOM   448  O O   . LEU A 1 58  ? -7.593  -11.701 -6.457  1.00 18.29 ? 58  LEU A O   1 
ATOM   449  C CB  . LEU A 1 58  ? -5.946  -9.050  -6.800  1.00 17.21 ? 58  LEU A CB  1 
ATOM   450  C CG  . LEU A 1 58  ? -5.511  -7.650  -6.368  1.00 16.87 ? 58  LEU A CG  1 
ATOM   451  C CD1 . LEU A 1 58  ? -4.001  -7.550  -6.462  1.00 18.03 ? 58  LEU A CD1 1 
ATOM   452  C CD2 . LEU A 1 58  ? -6.170  -6.602  -7.252  1.00 16.97 ? 58  LEU A CD2 1 
ATOM   453  N N   . GLU A 1 59  ? -7.962  -10.902 -8.533  1.00 18.76 ? 59  GLU A N   1 
ATOM   454  C CA  . GLU A 1 59  ? -8.176  -12.210 -9.130  1.00 20.35 ? 59  GLU A CA  1 
ATOM   455  C C   . GLU A 1 59  ? -6.800  -12.827 -9.389  1.00 19.57 ? 59  GLU A C   1 
ATOM   456  O O   . GLU A 1 59  ? -6.375  -12.980 -10.532 1.00 20.27 ? 59  GLU A O   1 
ATOM   457  C CB  . GLU A 1 59  ? -8.951  -12.068 -10.441 1.00 23.91 ? 59  GLU A CB  1 
ATOM   458  C CG  . GLU A 1 59  ? -9.270  -13.383 -11.135 1.00 30.00 ? 59  GLU A CG  1 
ATOM   459  C CD  . GLU A 1 59  ? -10.045 -13.183 -12.425 1.00 33.99 ? 59  GLU A CD  1 
ATOM   460  O OE1 . GLU A 1 59  ? -10.322 -14.187 -13.117 1.00 37.37 ? 59  GLU A OE1 1 
ATOM   461  O OE2 . GLU A 1 59  ? -10.380 -12.021 -12.747 1.00 36.62 ? 59  GLU A OE2 1 
ATOM   462  N N   . PHE A 1 60  ? -6.104  -13.159 -8.307  1.00 20.09 ? 60  PHE A N   1 
ATOM   463  C CA  . PHE A 1 60  ? -4.778  -13.762 -8.386  1.00 21.50 ? 60  PHE A CA  1 
ATOM   464  C C   . PHE A 1 60  ? -4.901  -15.141 -9.034  1.00 21.93 ? 60  PHE A C   1 
ATOM   465  O O   . PHE A 1 60  ? -5.819  -15.897 -8.716  1.00 23.58 ? 60  PHE A O   1 
ATOM   466  C CB  . PHE A 1 60  ? -4.199  -13.902 -6.977  1.00 20.81 ? 60  PHE A CB  1 
ATOM   467  C CG  . PHE A 1 60  ? -2.826  -14.508 -6.937  1.00 20.72 ? 60  PHE A CG  1 
ATOM   468  C CD1 . PHE A 1 60  ? -1.698  -13.730 -7.176  1.00 19.13 ? 60  PHE A CD1 1 
ATOM   469  C CD2 . PHE A 1 60  ? -2.663  -15.863 -6.677  1.00 20.74 ? 60  PHE A CD2 1 
ATOM   470  C CE1 . PHE A 1 60  ? -0.425  -14.295 -7.157  1.00 19.65 ? 60  PHE A CE1 1 
ATOM   471  C CE2 . PHE A 1 60  ? -1.396  -16.438 -6.656  1.00 19.97 ? 60  PHE A CE2 1 
ATOM   472  C CZ  . PHE A 1 60  ? -0.275  -15.652 -6.898  1.00 20.63 ? 60  PHE A CZ  1 
ATOM   473  N N   . PRO A 1 61  ? -3.964  -15.503 -9.926  1.00 21.02 ? 61  PRO A N   1 
ATOM   474  C CA  . PRO A 1 61  ? -2.794  -14.746 -10.386 1.00 20.11 ? 61  PRO A CA  1 
ATOM   475  C C   . PRO A 1 61  ? -2.970  -14.019 -11.722 1.00 19.91 ? 61  PRO A C   1 
ATOM   476  O O   . PRO A 1 61  ? -2.036  -13.368 -12.200 1.00 19.07 ? 61  PRO A O   1 
ATOM   477  C CB  . PRO A 1 61  ? -1.731  -15.823 -10.481 1.00 21.06 ? 61  PRO A CB  1 
ATOM   478  C CG  . PRO A 1 61  ? -2.512  -16.945 -11.084 1.00 20.79 ? 61  PRO A CG  1 
ATOM   479  C CD  . PRO A 1 61  ? -3.830  -16.922 -10.309 1.00 22.24 ? 61  PRO A CD  1 
ATOM   480  N N   . SER A 1 62  ? -4.147  -14.132 -12.331 1.00 18.66 ? 62  SER A N   1 
ATOM   481  C CA  . SER A 1 62  ? -4.386  -13.478 -13.616 1.00 19.37 ? 62  SER A CA  1 
ATOM   482  C C   . SER A 1 62  ? -4.376  -11.957 -13.493 1.00 17.88 ? 62  SER A C   1 
ATOM   483  O O   . SER A 1 62  ? -3.986  -11.256 -14.428 1.00 19.00 ? 62  SER A O   1 
ATOM   484  C CB  . SER A 1 62  ? -5.719  -13.941 -14.221 1.00 20.55 ? 62  SER A CB  1 
ATOM   485  O OG  . SER A 1 62  ? -6.816  -13.566 -13.412 1.00 24.53 ? 62  SER A OG  1 
ATOM   486  N N   . GLU A 1 63  ? -4.800  -11.451 -12.338 1.00 17.20 ? 63  GLU A N   1 
ATOM   487  C CA  . GLU A 1 63  ? -4.827  -10.012 -12.103 1.00 16.40 ? 63  GLU A CA  1 
ATOM   488  C C   . GLU A 1 63  ? -3.714  -9.598  -11.148 1.00 14.70 ? 63  GLU A C   1 
ATOM   489  O O   . GLU A 1 63  ? -3.504  -10.230 -10.112 1.00 15.16 ? 63  GLU A O   1 
ATOM   490  C CB  . GLU A 1 63  ? -6.176  -9.587  -11.512 1.00 16.58 ? 63  GLU A CB  1 
ATOM   491  C CG  . GLU A 1 63  ? -6.286  -8.081  -11.287 1.00 16.97 ? 63  GLU A CG  1 
ATOM   492  C CD  . GLU A 1 63  ? -7.615  -7.653  -10.692 1.00 19.21 ? 63  GLU A CD  1 
ATOM   493  O OE1 . GLU A 1 63  ? -7.922  -6.445  -10.764 1.00 18.56 ? 63  GLU A OE1 1 
ATOM   494  O OE2 . GLU A 1 63  ? -8.346  -8.510  -10.147 1.00 18.60 ? 63  GLU A OE2 1 
ATOM   495  N N   . TYR A 1 64  ? -3.001  -8.537  -11.506 1.00 14.39 ? 64  TYR A N   1 
ATOM   496  C CA  . TYR A 1 64  ? -1.923  -8.028  -10.671 1.00 14.84 ? 64  TYR A CA  1 
ATOM   497  C C   . TYR A 1 64  ? -1.800  -6.525  -10.857 1.00 13.31 ? 64  TYR A C   1 
ATOM   498  O O   . TYR A 1 64  ? -2.193  -5.977  -11.883 1.00 14.52 ? 64  TYR A O   1 
ATOM   499  C CB  . TYR A 1 64  ? -0.594  -8.705  -11.026 1.00 14.15 ? 64  TYR A CB  1 
ATOM   500  C CG  . TYR A 1 64  ? -0.309  -8.711  -12.504 1.00 15.44 ? 64  TYR A CG  1 
ATOM   501  C CD1 . TYR A 1 64  ? -0.870  -9.681  -13.334 1.00 16.30 ? 64  TYR A CD1 1 
ATOM   502  C CD2 . TYR A 1 64  ? 0.471   -7.713  -13.087 1.00 18.53 ? 64  TYR A CD2 1 
ATOM   503  C CE1 . TYR A 1 64  ? -0.666  -9.655  -14.708 1.00 19.85 ? 64  TYR A CE1 1 
ATOM   504  C CE2 . TYR A 1 64  ? 0.680   -7.676  -14.462 1.00 21.01 ? 64  TYR A CE2 1 
ATOM   505  C CZ  . TYR A 1 64  ? 0.107   -8.649  -15.265 1.00 21.71 ? 64  TYR A CZ  1 
ATOM   506  O OH  . TYR A 1 64  ? 0.288   -8.605  -16.627 1.00 25.34 ? 64  TYR A OH  1 
ATOM   507  N N   . ILE A 1 65  ? -1.247  -5.867  -9.850  1.00 12.49 ? 65  ILE A N   1 
ATOM   508  C CA  . ILE A 1 65  ? -1.067  -4.424  -9.865  1.00 12.13 ? 65  ILE A CA  1 
ATOM   509  C C   . ILE A 1 65  ? -0.003  -3.979  -10.867 1.00 13.67 ? 65  ILE A C   1 
ATOM   510  O O   . ILE A 1 65  ? 1.097   -4.532  -10.899 1.00 14.14 ? 65  ILE A O   1 
ATOM   511  C CB  . ILE A 1 65  ? -0.676  -3.947  -8.454  1.00 12.21 ? 65  ILE A CB  1 
ATOM   512  C CG1 . ILE A 1 65  ? -1.823  -4.248  -7.481  1.00 13.36 ? 65  ILE A CG1 1 
ATOM   513  C CG2 . ILE A 1 65  ? -0.332  -2.467  -8.470  1.00 12.89 ? 65  ILE A CG2 1 
ATOM   514  C CD1 . ILE A 1 65  ? -1.457  -4.077  -6.020  1.00 13.04 ? 65  ILE A CD1 1 
ATOM   515  N N   . VAL A 1 66  ? -0.331  -2.977  -11.684 1.00 12.81 ? 66  VAL A N   1 
ATOM   516  C CA  . VAL A 1 66  ? 0.625   -2.458  -12.657 1.00 13.33 ? 66  VAL A CA  1 
ATOM   517  C C   . VAL A 1 66  ? 1.018   -1.018  -12.343 1.00 12.12 ? 66  VAL A C   1 
ATOM   518  O O   . VAL A 1 66  ? 1.914   -0.455  -12.969 1.00 12.44 ? 66  VAL A O   1 
ATOM   519  C CB  . VAL A 1 66  ? 0.084   -2.548  -14.105 1.00 13.61 ? 66  VAL A CB  1 
ATOM   520  C CG1 . VAL A 1 66  ? -0.190  -4.004  -14.461 1.00 15.02 ? 66  VAL A CG1 1 
ATOM   521  C CG2 . VAL A 1 66  ? -1.168  -1.699  -14.262 1.00 13.71 ? 66  VAL A CG2 1 
ATOM   522  N N   . GLU A 1 67  ? 0.334   -0.414  -11.375 1.00 12.63 ? 67  GLU A N   1 
ATOM   523  C CA  . GLU A 1 67  ? 0.669   0.942   -10.956 1.00 12.96 ? 67  GLU A CA  1 
ATOM   524  C C   . GLU A 1 67  ? 0.030   1.333   -9.635  1.00 12.41 ? 67  GLU A C   1 
ATOM   525  O O   . GLU A 1 67  ? -1.134  1.031   -9.379  1.00 13.04 ? 67  GLU A O   1 
ATOM   526  C CB  . GLU A 1 67  ? 0.263   1.984   -12.008 1.00 14.89 ? 67  GLU A CB  1 
ATOM   527  C CG  . GLU A 1 67  ? 0.747   3.392   -11.637 1.00 17.48 ? 67  GLU A CG  1 
ATOM   528  C CD  . GLU A 1 67  ? 0.403   4.457   -12.664 1.00 21.77 ? 67  GLU A CD  1 
ATOM   529  O OE1 . GLU A 1 67  ? 0.255   4.126   -13.856 1.00 25.35 ? 67  GLU A OE1 1 
ATOM   530  O OE2 . GLU A 1 67  ? 0.301   5.640   -12.275 1.00 24.60 ? 67  GLU A OE2 1 
ATOM   531  N N   . VAL A 1 68  ? 0.820   1.992   -8.795  1.00 12.90 ? 68  VAL A N   1 
ATOM   532  C CA  . VAL A 1 68  ? 0.336   2.506   -7.523  1.00 12.13 ? 68  VAL A CA  1 
ATOM   533  C C   . VAL A 1 68  ? 0.627   3.996   -7.604  1.00 12.60 ? 68  VAL A C   1 
ATOM   534  O O   . VAL A 1 68  ? 1.736   4.399   -7.960  1.00 14.45 ? 68  VAL A O   1 
ATOM   535  C CB  . VAL A 1 68  ? 1.094   1.921   -6.310  1.00 12.82 ? 68  VAL A CB  1 
ATOM   536  C CG1 . VAL A 1 68  ? 0.582   2.572   -5.017  1.00 13.62 ? 68  VAL A CG1 1 
ATOM   537  C CG2 . VAL A 1 68  ? 0.899   0.422   -6.251  1.00 14.21 ? 68  VAL A CG2 1 
ATOM   538  N N   . SER A 1 69  ? -0.370  4.817   -7.300  1.00 13.27 ? 69  SER A N   1 
ATOM   539  C CA  . SER A 1 69  ? -0.192  6.260   -7.339  1.00 14.02 ? 69  SER A CA  1 
ATOM   540  C C   . SER A 1 69  ? -1.015  6.869   -6.221  1.00 14.45 ? 69  SER A C   1 
ATOM   541  O O   . SER A 1 69  ? -1.806  6.183   -5.578  1.00 13.99 ? 69  SER A O   1 
ATOM   542  C CB  . SER A 1 69  ? -0.639  6.825   -8.697  1.00 15.07 ? 69  SER A CB  1 
ATOM   543  O OG  . SER A 1 69  ? -2.010  6.561   -8.951  1.00 16.43 ? 69  SER A OG  1 
ATOM   544  N N   . GLY A 1 70  ? -0.828  8.161   -5.987  1.00 15.12 ? 70  GLY A N   1 
ATOM   545  C CA  . GLY A 1 70  ? -1.582  8.805   -4.933  1.00 15.33 ? 70  GLY A CA  1 
ATOM   546  C C   . GLY A 1 70  ? -1.107  10.213  -4.680  1.00 15.51 ? 70  GLY A C   1 
ATOM   547  O O   . GLY A 1 70  ? -0.406  10.804  -5.501  1.00 15.75 ? 70  GLY A O   1 
ATOM   548  N N   . TYR A 1 71  ? -1.496  10.751  -3.530  1.00 15.50 ? 71  TYR A N   1 
ATOM   549  C CA  . TYR A 1 71  ? -1.117  12.101  -3.151  1.00 16.48 ? 71  TYR A CA  1 
ATOM   550  C C   . TYR A 1 71  ? -0.553  12.144  -1.744  1.00 16.55 ? 71  TYR A C   1 
ATOM   551  O O   . TYR A 1 71  ? -0.987  11.397  -0.866  1.00 17.72 ? 71  TYR A O   1 
ATOM   552  C CB  . TYR A 1 71  ? -2.322  13.043  -3.227  1.00 18.09 ? 71  TYR A CB  1 
ATOM   553  C CG  . TYR A 1 71  ? -2.656  13.497  -4.624  1.00 18.96 ? 71  TYR A CG  1 
ATOM   554  C CD1 . TYR A 1 71  ? -3.405  12.696  -5.484  1.00 20.70 ? 71  TYR A CD1 1 
ATOM   555  C CD2 . TYR A 1 71  ? -2.196  14.722  -5.098  1.00 22.22 ? 71  TYR A CD2 1 
ATOM   556  C CE1 . TYR A 1 71  ? -3.689  13.109  -6.785  1.00 23.03 ? 71  TYR A CE1 1 
ATOM   557  C CE2 . TYR A 1 71  ? -2.471  15.141  -6.392  1.00 23.13 ? 71  TYR A CE2 1 
ATOM   558  C CZ  . TYR A 1 71  ? -3.217  14.332  -7.229  1.00 24.34 ? 71  TYR A CZ  1 
ATOM   559  O OH  . TYR A 1 71  ? -3.487  14.752  -8.513  1.00 28.01 ? 71  TYR A OH  1 
ATOM   560  N N   . VAL A 1 72  ? 0.419   13.029  -1.553  1.00 15.91 ? 72  VAL A N   1 
ATOM   561  C CA  . VAL A 1 72  ? 1.070   13.230  -0.269  1.00 16.17 ? 72  VAL A CA  1 
ATOM   562  C C   . VAL A 1 72  ? 0.779   14.659  0.155   1.00 17.58 ? 72  VAL A C   1 
ATOM   563  O O   . VAL A 1 72  ? 0.895   15.584  -0.646  1.00 16.23 ? 72  VAL A O   1 
ATOM   564  C CB  . VAL A 1 72  ? 2.594   13.042  -0.375  1.00 17.39 ? 72  VAL A CB  1 
ATOM   565  C CG1 . VAL A 1 72  ? 3.258   13.451  0.930   1.00 18.09 ? 72  VAL A CG1 1 
ATOM   566  C CG2 . VAL A 1 72  ? 2.916   11.592  -0.691  1.00 18.48 ? 72  VAL A CG2 1 
ATOM   567  N N   . GLY A 1 73  ? 0.395   14.837  1.412   1.00 16.20 ? 73  GLY A N   1 
ATOM   568  C CA  . GLY A 1 73  ? 0.095   16.172  1.891   1.00 16.74 ? 73  GLY A CA  1 
ATOM   569  C C   . GLY A 1 73  ? 0.053   16.201  3.402   1.00 16.64 ? 73  GLY A C   1 
ATOM   570  O O   . GLY A 1 73  ? 0.200   15.171  4.051   1.00 16.30 ? 73  GLY A O   1 
ATOM   571  N N   . LYS A 1 74  ? -0.156  17.381  3.969   1.00 16.42 ? 74  LYS A N   1 
ATOM   572  C CA  . LYS A 1 74  ? -0.196  17.504  5.415   1.00 16.94 ? 74  LYS A CA  1 
ATOM   573  C C   . LYS A 1 74  ? -1.592  17.438  6.012   1.00 16.10 ? 74  LYS A C   1 
ATOM   574  O O   . LYS A 1 74  ? -2.566  17.943  5.449   1.00 17.21 ? 74  LYS A O   1 
ATOM   575  C CB  . LYS A 1 74  ? 0.479   18.807  5.854   1.00 17.30 ? 74  LYS A CB  1 
ATOM   576  C CG  . LYS A 1 74  ? 1.986   18.838  5.647   1.00 21.54 ? 74  LYS A CG  1 
ATOM   577  C CD  . LYS A 1 74  ? 2.573   20.147  6.142   1.00 25.65 ? 74  LYS A CD  1 
ATOM   578  C CE  . LYS A 1 74  ? 4.088   20.159  6.009   1.00 27.90 ? 74  LYS A CE  1 
ATOM   579  N NZ  . LYS A 1 74  ? 4.677   21.440  6.501   1.00 31.17 ? 74  LYS A NZ  1 
ATOM   580  N N   . VAL A 1 75  ? -1.672  16.772  7.156   1.00 15.63 ? 75  VAL A N   1 
ATOM   581  C CA  . VAL A 1 75  ? -2.902  16.643  7.914   1.00 15.70 ? 75  VAL A CA  1 
ATOM   582  C C   . VAL A 1 75  ? -2.439  16.902  9.340   1.00 15.75 ? 75  VAL A C   1 
ATOM   583  O O   . VAL A 1 75  ? -1.583  16.185  9.861   1.00 15.99 ? 75  VAL A O   1 
ATOM   584  C CB  . VAL A 1 75  ? -3.509  15.230  7.798   1.00 15.94 ? 75  VAL A CB  1 
ATOM   585  C CG1 . VAL A 1 75  ? -4.745  15.122  8.684   1.00 14.76 ? 75  VAL A CG1 1 
ATOM   586  C CG2 . VAL A 1 75  ? -3.878  14.947  6.345   1.00 16.07 ? 75  VAL A CG2 1 
ATOM   587  N N   . GLU A 1 76  ? -2.981  17.948  9.956   1.00 16.74 ? 76  GLU A N   1 
ATOM   588  C CA  . GLU A 1 76  ? -2.591  18.321  11.306  1.00 17.11 ? 76  GLU A CA  1 
ATOM   589  C C   . GLU A 1 76  ? -1.075  18.503  11.391  1.00 16.40 ? 76  GLU A C   1 
ATOM   590  O O   . GLU A 1 76  ? -0.454  18.196  12.406  1.00 15.67 ? 76  GLU A O   1 
ATOM   591  C CB  . GLU A 1 76  ? -3.081  17.269  12.311  1.00 18.01 ? 76  GLU A CB  1 
ATOM   592  C CG  . GLU A 1 76  ? -4.574  17.379  12.605  1.00 22.02 ? 76  GLU A CG  1 
ATOM   593  C CD  . GLU A 1 76  ? -5.131  16.196  13.379  1.00 24.73 ? 76  GLU A CD  1 
ATOM   594  O OE1 . GLU A 1 76  ? -4.435  15.677  14.277  1.00 26.81 ? 76  GLU A OE1 1 
ATOM   595  O OE2 . GLU A 1 76  ? -6.280  15.793  13.096  1.00 30.48 ? 76  GLU A OE2 1 
ATOM   596  N N   . GLY A 1 77  ? -0.485  19.002  10.304  1.00 14.95 ? 77  GLY A N   1 
ATOM   597  C CA  . GLY A 1 77  ? 0.948   19.245  10.277  1.00 15.02 ? 77  GLY A CA  1 
ATOM   598  C C   . GLY A 1 77  ? 1.837   18.073  9.908   1.00 15.05 ? 77  GLY A C   1 
ATOM   599  O O   . GLY A 1 77  ? 3.025   18.261  9.644   1.00 15.68 ? 77  GLY A O   1 
ATOM   600  N N   . TYR A 1 78  ? 1.276   16.869  9.896   1.00 15.16 ? 78  TYR A N   1 
ATOM   601  C CA  . TYR A 1 78  ? 2.045   15.677  9.554   1.00 15.38 ? 78  TYR A CA  1 
ATOM   602  C C   . TYR A 1 78  ? 1.966   15.374  8.063   1.00 13.59 ? 78  TYR A C   1 
ATOM   603  O O   . TYR A 1 78  ? 0.887   15.411  7.480   1.00 14.15 ? 78  TYR A O   1 
ATOM   604  C CB  . TYR A 1 78  ? 1.530   14.462  10.340  1.00 14.23 ? 78  TYR A CB  1 
ATOM   605  C CG  . TYR A 1 78  ? 1.864   14.491  11.813  1.00 13.18 ? 78  TYR A CG  1 
ATOM   606  C CD1 . TYR A 1 78  ? 0.924   14.901  12.759  1.00 14.72 ? 78  TYR A CD1 1 
ATOM   607  C CD2 . TYR A 1 78  ? 3.126   14.112  12.262  1.00 13.70 ? 78  TYR A CD2 1 
ATOM   608  C CE1 . TYR A 1 78  ? 1.237   14.923  14.120  1.00 14.14 ? 78  TYR A CE1 1 
ATOM   609  C CE2 . TYR A 1 78  ? 3.449   14.134  13.618  1.00 14.27 ? 78  TYR A CE2 1 
ATOM   610  C CZ  . TYR A 1 78  ? 2.501   14.537  14.537  1.00 15.17 ? 78  TYR A CZ  1 
ATOM   611  O OH  . TYR A 1 78  ? 2.822   14.542  15.875  1.00 16.53 ? 78  TYR A OH  1 
ATOM   612  N N   . THR A 1 79  ? 3.109   15.073  7.453   1.00 14.98 ? 79  THR A N   1 
ATOM   613  C CA  . THR A 1 79  ? 3.142   14.747  6.029   1.00 15.28 ? 79  THR A CA  1 
ATOM   614  C C   . THR A 1 79  ? 2.759   13.281  5.903   1.00 13.92 ? 79  THR A C   1 
ATOM   615  O O   . THR A 1 79  ? 3.475   12.402  6.379   1.00 14.36 ? 79  THR A O   1 
ATOM   616  C CB  . THR A 1 79  ? 4.543   14.966  5.432   1.00 14.85 ? 79  THR A CB  1 
ATOM   617  O OG1 . THR A 1 79  ? 4.936   16.330  5.626   1.00 17.99 ? 79  THR A OG1 1 
ATOM   618  C CG2 . THR A 1 79  ? 4.534   14.659  3.938   1.00 16.62 ? 79  THR A CG2 1 
ATOM   619  N N   . VAL A 1 80  ? 1.628   13.023  5.261   1.00 12.72 ? 80  VAL A N   1 
ATOM   620  C CA  . VAL A 1 80  ? 1.128   11.664  5.129   1.00 12.85 ? 80  VAL A CA  1 
ATOM   621  C C   . VAL A 1 80  ? 0.590   11.352  3.745   1.00 14.07 ? 80  VAL A C   1 
ATOM   622  O O   . VAL A 1 80  ? 0.480   12.234  2.891   1.00 14.71 ? 80  VAL A O   1 
ATOM   623  C CB  . VAL A 1 80  ? -0.002  11.406  6.150   1.00 14.27 ? 80  VAL A CB  1 
ATOM   624  C CG1 . VAL A 1 80  ? 0.533   11.560  7.567   1.00 14.72 ? 80  VAL A CG1 1 
ATOM   625  C CG2 . VAL A 1 80  ? -1.155  12.381  5.905   1.00 14.08 ? 80  VAL A CG2 1 
ATOM   626  N N   . ILE A 1 81  ? 0.271   10.082  3.526   1.00 13.50 ? 81  ILE A N   1 
ATOM   627  C CA  . ILE A 1 81  ? -0.294  9.648   2.256   1.00 14.35 ? 81  ILE A CA  1 
ATOM   628  C C   . ILE A 1 81  ? -1.785  9.941   2.377   1.00 14.17 ? 81  ILE A C   1 
ATOM   629  O O   . ILE A 1 81  ? -2.491  9.328   3.183   1.00 13.11 ? 81  ILE A O   1 
ATOM   630  C CB  . ILE A 1 81  ? -0.058  8.136   2.012   1.00 15.08 ? 81  ILE A CB  1 
ATOM   631  C CG1 . ILE A 1 81  ? 1.441   7.848   1.877   1.00 16.21 ? 81  ILE A CG1 1 
ATOM   632  C CG2 . ILE A 1 81  ? -0.755  7.701   0.731   1.00 15.77 ? 81  ILE A CG2 1 
ATOM   633  C CD1 . ILE A 1 81  ? 2.256   8.184   3.089   1.00 23.33 ? 81  ILE A CD1 1 
ATOM   634  N N   . ARG A 1 82  ? -2.259  10.894  1.583   1.00 15.20 ? 82  ARG A N   1 
ATOM   635  C CA  . ARG A 1 82  ? -3.659  11.293  1.642   1.00 16.26 ? 82  ARG A CA  1 
ATOM   636  C C   . ARG A 1 82  ? -4.580  10.549  0.694   1.00 16.82 ? 82  ARG A C   1 
ATOM   637  O O   . ARG A 1 82  ? -5.788  10.494  0.917   1.00 17.73 ? 82  ARG A O   1 
ATOM   638  C CB  . ARG A 1 82  ? -3.777  12.794  1.395   1.00 16.83 ? 82  ARG A CB  1 
ATOM   639  C CG  . ARG A 1 82  ? -2.889  13.633  2.295   1.00 18.67 ? 82  ARG A CG  1 
ATOM   640  C CD  . ARG A 1 82  ? -3.356  15.071  2.321   1.00 19.33 ? 82  ARG A CD  1 
ATOM   641  N NE  . ARG A 1 82  ? -4.671  15.180  2.946   1.00 20.08 ? 82  ARG A NE  1 
ATOM   642  C CZ  . ARG A 1 82  ? -5.387  16.299  2.986   1.00 20.24 ? 82  ARG A CZ  1 
ATOM   643  N NH1 . ARG A 1 82  ? -4.916  17.410  2.434   1.00 21.24 ? 82  ARG A NH1 1 
ATOM   644  N NH2 . ARG A 1 82  ? -6.571  16.309  3.584   1.00 21.65 ? 82  ARG A NH2 1 
ATOM   645  N N   . SER A 1 83  ? -4.015  9.976   -0.363  1.00 16.55 ? 83  SER A N   1 
ATOM   646  C CA  . SER A 1 83  ? -4.819  9.248   -1.329  1.00 16.01 ? 83  SER A CA  1 
ATOM   647  C C   . SER A 1 83  ? -4.017  8.140   -1.993  1.00 14.72 ? 83  SER A C   1 
ATOM   648  O O   . SER A 1 83  ? -2.792  8.229   -2.104  1.00 15.65 ? 83  SER A O   1 
ATOM   649  C CB  . SER A 1 83  ? -5.349  10.211  -2.398  1.00 17.82 ? 83  SER A CB  1 
ATOM   650  O OG  . SER A 1 83  ? -6.152  9.533   -3.344  0.50 16.48 ? 83  SER A OG  1 
ATOM   651  N N   . LEU A 1 84  ? -4.723  7.100   -2.423  1.00 15.11 ? 84  LEU A N   1 
ATOM   652  C CA  . LEU A 1 84  ? -4.116  5.958   -3.099  1.00 14.68 ? 84  LEU A CA  1 
ATOM   653  C C   . LEU A 1 84  ? -4.990  5.446   -4.231  1.00 16.50 ? 84  LEU A C   1 
ATOM   654  O O   . LEU A 1 84  ? -6.219  5.456   -4.144  1.00 15.23 ? 84  LEU A O   1 
ATOM   655  C CB  . LEU A 1 84  ? -3.880  4.808   -2.115  1.00 15.80 ? 84  LEU A CB  1 
ATOM   656  C CG  . LEU A 1 84  ? -2.731  4.924   -1.115  1.00 15.25 ? 84  LEU A CG  1 
ATOM   657  C CD1 . LEU A 1 84  ? -2.833  3.773   -0.124  1.00 16.27 ? 84  LEU A CD1 1 
ATOM   658  C CD2 . LEU A 1 84  ? -1.392  4.891   -1.840  1.00 14.39 ? 84  LEU A CD2 1 
ATOM   659  N N   . THR A 1 85  ? -4.335  4.997   -5.296  1.00 15.26 ? 85  THR A N   1 
ATOM   660  C CA  . THR A 1 85  ? -5.014  4.430   -6.448  1.00 15.48 ? 85  THR A CA  1 
ATOM   661  C C   . THR A 1 85  ? -4.217  3.203   -6.863  1.00 13.97 ? 85  THR A C   1 
ATOM   662  O O   . THR A 1 85  ? -2.996  3.271   -7.001  1.00 14.66 ? 85  THR A O   1 
ATOM   663  C CB  . THR A 1 85  ? -5.045  5.406   -7.636  1.00 15.77 ? 85  THR A CB  1 
ATOM   664  O OG1 . THR A 1 85  ? -5.794  6.574   -7.280  1.00 16.84 ? 85  THR A OG1 1 
ATOM   665  C CG2 . THR A 1 85  ? -5.694  4.746   -8.845  1.00 16.82 ? 85  THR A CG2 1 
ATOM   666  N N   . PHE A 1 86  ? -4.903  2.080   -7.041  1.00 14.60 ? 86  PHE A N   1 
ATOM   667  C CA  . PHE A 1 86  ? -4.242  0.852   -7.464  1.00 14.41 ? 86  PHE A CA  1 
ATOM   668  C C   . PHE A 1 86  ? -4.783  0.424   -8.817  1.00 14.70 ? 86  PHE A C   1 
ATOM   669  O O   . PHE A 1 86  ? -5.953  0.068   -8.941  1.00 15.00 ? 86  PHE A O   1 
ATOM   670  C CB  . PHE A 1 86  ? -4.467  -0.280  -6.455  1.00 14.52 ? 86  PHE A CB  1 
ATOM   671  C CG  . PHE A 1 86  ? -3.772  -0.075  -5.140  1.00 15.20 ? 86  PHE A CG  1 
ATOM   672  C CD1 . PHE A 1 86  ? -4.401  0.601   -4.100  1.00 15.09 ? 86  PHE A CD1 1 
ATOM   673  C CD2 . PHE A 1 86  ? -2.480  -0.553  -4.943  1.00 14.74 ? 86  PHE A CD2 1 
ATOM   674  C CE1 . PHE A 1 86  ? -3.753  0.797   -2.880  1.00 15.96 ? 86  PHE A CE1 1 
ATOM   675  C CE2 . PHE A 1 86  ? -1.822  -0.362  -3.727  1.00 15.79 ? 86  PHE A CE2 1 
ATOM   676  C CZ  . PHE A 1 86  ? -2.460  0.314   -2.693  1.00 15.02 ? 86  PHE A CZ  1 
ATOM   677  N N   . LYS A 1 87  ? -3.930  0.471   -9.833  1.00 12.60 ? 87  LYS A N   1 
ATOM   678  C CA  . LYS A 1 87  ? -4.323  0.070   -11.173 1.00 14.84 ? 87  LYS A CA  1 
ATOM   679  C C   . LYS A 1 87  ? -3.788  -1.329  -11.450 1.00 14.62 ? 87  LYS A C   1 
ATOM   680  O O   . LYS A 1 87  ? -2.609  -1.600  -11.222 1.00 15.42 ? 87  LYS A O   1 
ATOM   681  C CB  . LYS A 1 87  ? -3.754  1.049   -12.203 1.00 15.94 ? 87  LYS A CB  1 
ATOM   682  C CG  . LYS A 1 87  ? -4.081  0.699   -13.647 1.00 17.70 ? 87  LYS A CG  1 
ATOM   683  C CD  . LYS A 1 87  ? -3.419  1.678   -14.606 1.00 21.60 ? 87  LYS A CD  1 
ATOM   684  C CE  . LYS A 1 87  ? -3.608  1.256   -16.051 1.00 24.01 ? 87  LYS A CE  1 
ATOM   685  N NZ  . LYS A 1 87  ? -2.895  2.177   -16.983 1.00 28.15 ? 87  LYS A NZ  1 
ATOM   686  N N   . THR A 1 88  ? -4.653  -2.226  -11.912 1.00 15.16 ? 88  THR A N   1 
ATOM   687  C CA  . THR A 1 88  ? -4.210  -3.575  -12.239 1.00 16.36 ? 88  THR A CA  1 
ATOM   688  C C   . THR A 1 88  ? -4.330  -3.731  -13.745 1.00 16.83 ? 88  THR A C   1 
ATOM   689  O O   . THR A 1 88  ? -4.723  -2.796  -14.440 1.00 16.49 ? 88  THR A O   1 
ATOM   690  C CB  . THR A 1 88  ? -5.068  -4.664  -11.558 1.00 17.02 ? 88  THR A CB  1 
ATOM   691  O OG1 . THR A 1 88  ? -6.368  -4.711  -12.161 1.00 17.79 ? 88  THR A OG1 1 
ATOM   692  C CG2 . THR A 1 88  ? -5.211  -4.372  -10.072 1.00 17.44 ? 88  THR A CG2 1 
ATOM   693  N N   . ASN A 1 89  ? -3.981  -4.906  -14.251 1.00 17.54 ? 89  ASN A N   1 
ATOM   694  C CA  . ASN A 1 89  ? -4.070  -5.158  -15.679 1.00 18.50 ? 89  ASN A CA  1 
ATOM   695  C C   . ASN A 1 89  ? -5.527  -5.349  -16.091 1.00 20.15 ? 89  ASN A C   1 
ATOM   696  O O   . ASN A 1 89  ? -5.843  -5.414  -17.278 1.00 21.82 ? 89  ASN A O   1 
ATOM   697  C CB  . ASN A 1 89  ? -3.240  -6.397  -16.044 1.00 18.56 ? 89  ASN A CB  1 
ATOM   698  C CG  . ASN A 1 89  ? -3.647  -7.630  -15.258 1.00 18.55 ? 89  ASN A CG  1 
ATOM   699  O OD1 . ASN A 1 89  ? -3.842  -7.572  -14.043 1.00 18.52 ? 89  ASN A OD1 1 
ATOM   700  N ND2 . ASN A 1 89  ? -3.764  -8.756  -15.947 1.00 19.77 ? 89  ASN A ND2 1 
ATOM   701  N N   . LYS A 1 90  ? -6.417  -5.413  -15.104 1.00 20.27 ? 90  LYS A N   1 
ATOM   702  C CA  . LYS A 1 90  ? -7.839  -5.606  -15.369 1.00 20.95 ? 90  LYS A CA  1 
ATOM   703  C C   . LYS A 1 90  ? -8.702  -4.372  -15.114 1.00 22.43 ? 90  LYS A C   1 
ATOM   704  O O   . LYS A 1 90  ? -9.674  -4.131  -15.834 1.00 22.94 ? 90  LYS A O   1 
ATOM   705  C CB  . LYS A 1 90  ? -8.375  -6.770  -14.529 1.00 22.70 ? 90  LYS A CB  1 
ATOM   706  C CG  . LYS A 1 90  ? -7.713  -8.112  -14.806 1.00 24.53 ? 90  LYS A CG  1 
ATOM   707  C CD  . LYS A 1 90  ? -7.963  -8.582  -16.231 1.00 29.17 ? 90  LYS A CD  1 
ATOM   708  C CE  . LYS A 1 90  ? -7.407  -9.983  -16.448 1.00 31.61 ? 90  LYS A CE  1 
ATOM   709  N NZ  . LYS A 1 90  ? -8.013  -10.971 -15.507 1.00 34.18 ? 90  LYS A NZ  1 
ATOM   710  N N   . GLN A 1 91  ? -8.359  -3.594  -14.092 1.00 21.13 ? 91  GLN A N   1 
ATOM   711  C CA  . GLN A 1 91  ? -9.148  -2.409  -13.769 1.00 21.66 ? 91  GLN A CA  1 
ATOM   712  C C   . GLN A 1 91  ? -8.418  -1.469  -12.818 1.00 20.96 ? 91  GLN A C   1 
ATOM   713  O O   . GLN A 1 91  ? -7.277  -1.718  -12.434 1.00 19.48 ? 91  GLN A O   1 
ATOM   714  C CB  . GLN A 1 91  ? -10.477 -2.834  -13.143 1.00 22.81 ? 91  GLN A CB  1 
ATOM   715  C CG  . GLN A 1 91  ? -10.345 -3.435  -11.752 1.00 24.81 ? 91  GLN A CG  1 
ATOM   716  C CD  . GLN A 1 91  ? -11.595 -4.173  -11.313 1.00 28.20 ? 91  GLN A CD  1 
ATOM   717  O OE1 . GLN A 1 91  ? -11.849 -5.296  -11.746 1.00 31.59 ? 91  GLN A OE1 1 
ATOM   718  N NE2 . GLN A 1 91  ? -12.388 -3.539  -10.459 1.00 27.98 ? 91  GLN A NE2 1 
ATOM   719  N N   . THR A 1 92  ? -9.091  -0.388  -12.440 1.00 19.53 ? 92  THR A N   1 
ATOM   720  C CA  . THR A 1 92  ? -8.512  0.590   -11.530 1.00 20.05 ? 92  THR A CA  1 
ATOM   721  C C   . THR A 1 92  ? -9.351  0.709   -10.268 1.00 20.35 ? 92  THR A C   1 
ATOM   722  O O   . THR A 1 92  ? -10.574 0.835   -10.333 1.00 21.17 ? 92  THR A O   1 
ATOM   723  C CB  . THR A 1 92  ? -8.411  1.985   -12.191 1.00 20.47 ? 92  THR A CB  1 
ATOM   724  O OG1 . THR A 1 92  ? -7.529  1.917   -13.316 1.00 21.93 ? 92  THR A OG1 1 
ATOM   725  C CG2 . THR A 1 92  ? -7.876  3.013   -11.201 1.00 21.77 ? 92  THR A CG2 1 
ATOM   726  N N   . TYR A 1 93  ? -8.683  0.654   -9.121  1.00 19.06 ? 93  TYR A N   1 
ATOM   727  C CA  . TYR A 1 93  ? -9.352  0.780   -7.837  1.00 19.10 ? 93  TYR A CA  1 
ATOM   728  C C   . TYR A 1 93  ? -8.926  2.115   -7.249  1.00 18.83 ? 93  TYR A C   1 
ATOM   729  O O   . TYR A 1 93  ? -7.755  2.316   -6.925  1.00 18.06 ? 93  TYR A O   1 
ATOM   730  C CB  . TYR A 1 93  ? -8.948  -0.355  -6.891  1.00 20.31 ? 93  TYR A CB  1 
ATOM   731  C CG  . TYR A 1 93  ? -9.183  -1.739  -7.452  1.00 21.84 ? 93  TYR A CG  1 
ATOM   732  C CD1 . TYR A 1 93  ? -8.242  -2.341  -8.287  1.00 23.27 ? 93  TYR A CD1 1 
ATOM   733  C CD2 . TYR A 1 93  ? -10.358 -2.435  -7.172  1.00 23.28 ? 93  TYR A CD2 1 
ATOM   734  C CE1 . TYR A 1 93  ? -8.463  -3.603  -8.829  1.00 24.48 ? 93  TYR A CE1 1 
ATOM   735  C CE2 . TYR A 1 93  ? -10.591 -3.702  -7.711  1.00 23.78 ? 93  TYR A CE2 1 
ATOM   736  C CZ  . TYR A 1 93  ? -9.637  -4.277  -8.540  1.00 23.89 ? 93  TYR A CZ  1 
ATOM   737  O OH  . TYR A 1 93  ? -9.855  -5.522  -9.083  1.00 26.01 ? 93  TYR A OH  1 
ATOM   738  N N   . GLY A 1 94  ? -9.879  3.032   -7.129  1.00 18.66 ? 94  GLY A N   1 
ATOM   739  C CA  . GLY A 1 94  ? -9.568  4.340   -6.586  1.00 19.13 ? 94  GLY A CA  1 
ATOM   740  C C   . GLY A 1 94  ? -9.780  5.443   -7.602  1.00 20.73 ? 94  GLY A C   1 
ATOM   741  O O   . GLY A 1 94  ? -10.302 5.190   -8.690  1.00 21.09 ? 94  GLY A O   1 
ATOM   742  N N   . PRO A 1 95  ? -9.359  6.677   -7.292  1.00 20.68 ? 95  PRO A N   1 
ATOM   743  C CA  . PRO A 1 95  ? -8.697  7.069   -6.045  1.00 20.96 ? 95  PRO A CA  1 
ATOM   744  C C   . PRO A 1 95  ? -9.556  6.996   -4.783  1.00 21.60 ? 95  PRO A C   1 
ATOM   745  O O   . PRO A 1 95  ? -10.778 7.150   -4.835  1.00 21.08 ? 95  PRO A O   1 
ATOM   746  C CB  . PRO A 1 95  ? -8.246  8.496   -6.337  1.00 21.19 ? 95  PRO A CB  1 
ATOM   747  C CG  . PRO A 1 95  ? -9.342  9.002   -7.221  1.00 20.35 ? 95  PRO A CG  1 
ATOM   748  C CD  . PRO A 1 95  ? -9.543  7.844   -8.173  1.00 21.44 ? 95  PRO A CD  1 
ATOM   749  N N   . TYR A 1 96  ? -8.895  6.749   -3.654  1.00 21.51 ? 96  TYR A N   1 
ATOM   750  C CA  . TYR A 1 96  ? -9.559  6.697   -2.354  1.00 22.47 ? 96  TYR A CA  1 
ATOM   751  C C   . TYR A 1 96  ? -8.855  7.715   -1.466  1.00 23.19 ? 96  TYR A C   1 
ATOM   752  O O   . TYR A 1 96  ? -7.626  7.717   -1.370  1.00 22.93 ? 96  TYR A O   1 
ATOM   753  C CB  . TYR A 1 96  ? -9.432  5.318   -1.699  1.00 23.19 ? 96  TYR A CB  1 
ATOM   754  C CG  . TYR A 1 96  ? -9.943  4.160   -2.518  1.00 24.42 ? 96  TYR A CG  1 
ATOM   755  C CD1 . TYR A 1 96  ? -9.075  3.411   -3.313  1.00 24.86 ? 96  TYR A CD1 1 
ATOM   756  C CD2 . TYR A 1 96  ? -11.286 3.789   -2.477  1.00 25.10 ? 96  TYR A CD2 1 
ATOM   757  C CE1 . TYR A 1 96  ? -9.530  2.320   -4.041  1.00 25.49 ? 96  TYR A CE1 1 
ATOM   758  C CE2 . TYR A 1 96  ? -11.753 2.698   -3.209  1.00 25.94 ? 96  TYR A CE2 1 
ATOM   759  C CZ  . TYR A 1 96  ? -10.866 1.969   -3.986  1.00 25.81 ? 96  TYR A CZ  1 
ATOM   760  O OH  . TYR A 1 96  ? -11.311 0.886   -4.708  1.00 28.30 ? 96  TYR A OH  1 
ATOM   761  N N   . GLY A 1 97  ? -9.630  8.582   -0.823  1.00 23.97 ? 97  GLY A N   1 
ATOM   762  C CA  . GLY A 1 97  ? -9.041  9.582   0.046   1.00 24.80 ? 97  GLY A CA  1 
ATOM   763  C C   . GLY A 1 97  ? -9.102  10.991  -0.513  1.00 25.73 ? 97  GLY A C   1 
ATOM   764  O O   . GLY A 1 97  ? -10.031 11.342  -1.239  1.00 27.27 ? 97  GLY A O   1 
ATOM   765  N N   . VAL A 1 98  ? -8.104  11.797  -0.172  1.00 24.58 ? 98  VAL A N   1 
ATOM   766  C CA  . VAL A 1 98  ? -8.039  13.177  -0.631  1.00 24.39 ? 98  VAL A CA  1 
ATOM   767  C C   . VAL A 1 98  ? -6.968  13.337  -1.703  1.00 24.77 ? 98  VAL A C   1 
ATOM   768  O O   . VAL A 1 98  ? -5.774  13.237  -1.425  1.00 23.15 ? 98  VAL A O   1 
ATOM   769  C CB  . VAL A 1 98  ? -7.723  14.131  0.536   1.00 25.51 ? 98  VAL A CB  1 
ATOM   770  C CG1 . VAL A 1 98  ? -7.746  15.570  0.053   1.00 25.19 ? 98  VAL A CG1 1 
ATOM   771  C CG2 . VAL A 1 98  ? -8.731  13.926  1.655   1.00 23.65 ? 98  VAL A CG2 1 
ATOM   772  N N   . THR A 1 99  ? -7.405  13.592  -2.931  1.00 26.03 ? 99  THR A N   1 
ATOM   773  C CA  . THR A 1 99  ? -6.488  13.752  -4.050  1.00 27.72 ? 99  THR A CA  1 
ATOM   774  C C   . THR A 1 99  ? -5.920  15.164  -4.141  1.00 28.45 ? 99  THR A C   1 
ATOM   775  O O   . THR A 1 99  ? -5.977  15.805  -5.191  1.00 29.70 ? 99  THR A O   1 
ATOM   776  C CB  . THR A 1 99  ? -7.182  13.399  -5.377  1.00 28.35 ? 99  THR A CB  1 
ATOM   777  O OG1 . THR A 1 99  ? -8.375  14.179  -5.515  1.00 30.44 ? 99  THR A OG1 1 
ATOM   778  C CG2 . THR A 1 99  ? -7.541  11.920  -5.411  1.00 28.00 ? 99  THR A CG2 1 
ATOM   779  N N   . ASN A 1 100 ? -5.368  15.643  -3.031  1.00 29.12 ? 100 ASN A N   1 
ATOM   780  C CA  . ASN A 1 100 ? -4.775  16.971  -2.989  1.00 29.33 ? 100 ASN A CA  1 
ATOM   781  C C   . ASN A 1 100 ? -3.369  16.896  -2.417  1.00 27.65 ? 100 ASN A C   1 
ATOM   782  O O   . ASN A 1 100 ? -3.089  16.083  -1.536  1.00 26.51 ? 100 ASN A O   1 
ATOM   783  C CB  . ASN A 1 100 ? -5.631  17.919  -2.142  1.00 31.96 ? 100 ASN A CB  1 
ATOM   784  C CG  . ASN A 1 100 ? -7.030  18.090  -2.696  1.00 34.16 ? 100 ASN A CG  1 
ATOM   785  O OD1 . ASN A 1 100 ? -7.212  18.309  -3.896  1.00 36.78 ? 100 ASN A OD1 1 
ATOM   786  N ND2 . ASN A 1 100 ? -8.029  17.997  -1.825  1.00 35.57 ? 100 ASN A ND2 1 
ATOM   787  N N   . GLY A 1 101 ? -2.488  17.750  -2.927  1.00 25.37 ? 101 GLY A N   1 
ATOM   788  C CA  . GLY A 1 101 ? -1.118  17.766  -2.459  1.00 23.22 ? 101 GLY A CA  1 
ATOM   789  C C   . GLY A 1 101 ? -0.142  17.417  -3.563  1.00 22.19 ? 101 GLY A C   1 
ATOM   790  O O   . GLY A 1 101 ? -0.366  17.751  -4.726  1.00 22.86 ? 101 GLY A O   1 
ATOM   791  N N   . THR A 1 102 ? 0.940   16.741  -3.196  1.00 20.25 ? 102 THR A N   1 
ATOM   792  C CA  . THR A 1 102 ? 1.967   16.340  -4.150  1.00 18.95 ? 102 THR A CA  1 
ATOM   793  C C   . THR A 1 102 ? 1.697   14.929  -4.663  1.00 18.75 ? 102 THR A C   1 
ATOM   794  O O   . THR A 1 102 ? 1.602   13.984  -3.884  1.00 17.97 ? 102 THR A O   1 
ATOM   795  C CB  . THR A 1 102 ? 3.359   16.379  -3.496  1.00 19.84 ? 102 THR A CB  1 
ATOM   796  O OG1 . THR A 1 102 ? 3.623   17.707  -3.029  1.00 21.55 ? 102 THR A OG1 1 
ATOM   797  C CG2 . THR A 1 102 ? 4.438   15.967  -4.491  1.00 17.94 ? 102 THR A CG2 1 
ATOM   798  N N   . PRO A 1 103 ? 1.560   14.770  -5.986  1.00 16.44 ? 103 PRO A N   1 
ATOM   799  C CA  . PRO A 1 103 ? 1.299   13.434  -6.524  1.00 16.06 ? 103 PRO A CA  1 
ATOM   800  C C   . PRO A 1 103 ? 2.556   12.588  -6.645  1.00 13.39 ? 103 PRO A C   1 
ATOM   801  O O   . PRO A 1 103 ? 3.670   13.104  -6.716  1.00 15.30 ? 103 PRO A O   1 
ATOM   802  C CB  . PRO A 1 103 ? 0.688   13.728  -7.888  1.00 16.19 ? 103 PRO A CB  1 
ATOM   803  C CG  . PRO A 1 103 ? 1.457   14.946  -8.317  1.00 16.44 ? 103 PRO A CG  1 
ATOM   804  C CD  . PRO A 1 103 ? 1.476   15.791  -7.048  1.00 17.89 ? 103 PRO A CD  1 
ATOM   805  N N   . PHE A 1 104 ? 2.361   11.275  -6.641  1.00 13.25 ? 104 PHE A N   1 
ATOM   806  C CA  . PHE A 1 104 ? 3.462   10.341  -6.813  1.00 14.83 ? 104 PHE A CA  1 
ATOM   807  C C   . PHE A 1 104 ? 2.893   9.172   -7.590  1.00 14.02 ? 104 PHE A C   1 
ATOM   808  O O   . PHE A 1 104 ? 1.688   8.911   -7.547  1.00 14.59 ? 104 PHE A O   1 
ATOM   809  C CB  . PHE A 1 104 ? 4.037   9.881   -5.460  1.00 14.08 ? 104 PHE A CB  1 
ATOM   810  C CG  . PHE A 1 104 ? 3.131   8.971   -4.684  1.00 14.97 ? 104 PHE A CG  1 
ATOM   811  C CD1 . PHE A 1 104 ? 3.155   7.591   -4.891  1.00 13.88 ? 104 PHE A CD1 1 
ATOM   812  C CD2 . PHE A 1 104 ? 2.253   9.490   -3.743  1.00 15.20 ? 104 PHE A CD2 1 
ATOM   813  C CE1 . PHE A 1 104 ? 2.314   6.750   -4.168  1.00 16.30 ? 104 PHE A CE1 1 
ATOM   814  C CE2 . PHE A 1 104 ? 1.411   8.659   -3.018  1.00 15.68 ? 104 PHE A CE2 1 
ATOM   815  C CZ  . PHE A 1 104 ? 1.441   7.286   -3.230  1.00 16.51 ? 104 PHE A CZ  1 
ATOM   816  N N   . SER A 1 105 ? 3.751   8.475   -8.319  1.00 13.89 ? 105 SER A N   1 
ATOM   817  C CA  . SER A 1 105 ? 3.287   7.343   -9.097  1.00 15.69 ? 105 SER A CA  1 
ATOM   818  C C   . SER A 1 105 ? 4.396   6.350   -9.346  1.00 15.24 ? 105 SER A C   1 
ATOM   819  O O   . SER A 1 105 ? 5.538   6.730   -9.621  1.00 16.30 ? 105 SER A O   1 
ATOM   820  C CB  . SER A 1 105 ? 2.731   7.815   -10.442 1.00 19.13 ? 105 SER A CB  1 
ATOM   821  O OG  . SER A 1 105 ? 3.740   8.442   -11.218 1.00 22.64 ? 105 SER A OG  1 
ATOM   822  N N   . LEU A 1 106 ? 4.053   5.076   -9.229  1.00 13.80 ? 106 LEU A N   1 
ATOM   823  C CA  . LEU A 1 106 ? 5.006   4.018   -9.494  1.00 13.21 ? 106 LEU A CA  1 
ATOM   824  C C   . LEU A 1 106 ? 4.386   3.082   -10.513 1.00 12.48 ? 106 LEU A C   1 
ATOM   825  O O   . LEU A 1 106 ? 3.677   2.135   -10.161 1.00 11.10 ? 106 LEU A O   1 
ATOM   826  C CB  . LEU A 1 106 ? 5.357   3.233   -8.227  1.00 12.83 ? 106 LEU A CB  1 
ATOM   827  C CG  . LEU A 1 106 ? 6.371   2.107   -8.490  1.00 14.32 ? 106 LEU A CG  1 
ATOM   828  C CD1 . LEU A 1 106 ? 7.735   2.697   -8.833  1.00 14.06 ? 106 LEU A CD1 1 
ATOM   829  C CD2 . LEU A 1 106 ? 6.472   1.213   -7.266  1.00 16.22 ? 106 LEU A CD2 1 
ATOM   830  N N   . PRO A 1 107 ? 4.595   3.374   -11.805 1.00 12.96 ? 107 PRO A N   1 
ATOM   831  C CA  . PRO A 1 107 ? 4.056   2.524   -12.862 1.00 12.84 ? 107 PRO A CA  1 
ATOM   832  C C   . PRO A 1 107 ? 5.063   1.385   -12.963 1.00 11.78 ? 107 PRO A C   1 
ATOM   833  O O   . PRO A 1 107 ? 6.261   1.608   -12.790 1.00 11.39 ? 107 PRO A O   1 
ATOM   834  C CB  . PRO A 1 107 ? 4.105   3.420   -14.108 1.00 13.99 ? 107 PRO A CB  1 
ATOM   835  C CG  . PRO A 1 107 ? 4.362   4.807   -13.579 1.00 14.77 ? 107 PRO A CG  1 
ATOM   836  C CD  . PRO A 1 107 ? 5.216   4.580   -12.369 1.00 13.70 ? 107 PRO A CD  1 
ATOM   837  N N   . ILE A 1 108 ? 4.586   0.175   -13.223 1.00 12.28 ? 108 ILE A N   1 
ATOM   838  C CA  . ILE A 1 108 ? 5.481   -0.967  -13.342 1.00 12.86 ? 108 ILE A CA  1 
ATOM   839  C C   . ILE A 1 108 ? 5.361   -1.524  -14.750 1.00 12.82 ? 108 ILE A C   1 
ATOM   840  O O   . ILE A 1 108 ? 4.303   -2.012  -15.146 1.00 14.35 ? 108 ILE A O   1 
ATOM   841  C CB  . ILE A 1 108 ? 5.128   -2.062  -12.322 1.00 13.16 ? 108 ILE A CB  1 
ATOM   842  C CG1 . ILE A 1 108 ? 5.182   -1.477  -10.907 1.00 12.68 ? 108 ILE A CG1 1 
ATOM   843  C CG2 . ILE A 1 108 ? 6.102   -3.231  -12.460 1.00 13.58 ? 108 ILE A CG2 1 
ATOM   844  C CD1 . ILE A 1 108 ? 4.607   -2.392  -9.840  1.00 15.35 ? 108 ILE A CD1 1 
ATOM   845  N N   . GLU A 1 109 ? 6.453   -1.435  -15.505 1.00 12.92 ? 109 GLU A N   1 
ATOM   846  C CA  . GLU A 1 109 ? 6.476   -1.918  -16.878 1.00 13.70 ? 109 GLU A CA  1 
ATOM   847  C C   . GLU A 1 109 ? 6.670   -3.432  -16.893 1.00 12.44 ? 109 GLU A C   1 
ATOM   848  O O   . GLU A 1 109 ? 6.084   -4.135  -17.715 1.00 13.57 ? 109 GLU A O   1 
ATOM   849  C CB  . GLU A 1 109 ? 7.590   -1.217  -17.655 1.00 15.56 ? 109 GLU A CB  1 
ATOM   850  C CG  . GLU A 1 109 ? 7.438   -1.318  -19.157 1.00 17.83 ? 109 GLU A CG  1 
ATOM   851  C CD  . GLU A 1 109 ? 8.351   -0.360  -19.899 1.00 17.07 ? 109 GLU A CD  1 
ATOM   852  O OE1 . GLU A 1 109 ? 8.335   0.848   -19.582 1.00 18.18 ? 109 GLU A OE1 1 
ATOM   853  O OE2 . GLU A 1 109 ? 9.077   -0.816  -20.804 1.00 21.58 ? 109 GLU A OE2 1 
ATOM   854  N N   . ASN A 1 110 ? 7.505   -3.924  -15.986 1.00 11.37 ? 110 ASN A N   1 
ATOM   855  C CA  . ASN A 1 110 ? 7.732   -5.355  -15.856 1.00 11.91 ? 110 ASN A CA  1 
ATOM   856  C C   . ASN A 1 110 ? 8.184   -5.627  -14.431 1.00 11.75 ? 110 ASN A C   1 
ATOM   857  O O   . ASN A 1 110 ? 9.061   -4.948  -13.905 1.00 12.23 ? 110 ASN A O   1 
ATOM   858  C CB  . ASN A 1 110 ? 8.786   -5.854  -16.844 1.00 14.17 ? 110 ASN A CB  1 
ATOM   859  C CG  . ASN A 1 110 ? 8.733   -7.356  -17.020 1.00 17.45 ? 110 ASN A CG  1 
ATOM   860  O OD1 . ASN A 1 110 ? 7.693   -7.907  -17.383 1.00 19.09 ? 110 ASN A OD1 1 
ATOM   861  N ND2 . ASN A 1 110 ? 9.848   -8.030  -16.763 1.00 16.87 ? 110 ASN A ND2 1 
ATOM   862  N N   . GLY A 1 111 ? 7.570   -6.621  -13.806 1.00 11.88 ? 111 GLY A N   1 
ATOM   863  C CA  . GLY A 1 111 ? 7.912   -6.938  -12.435 1.00 11.64 ? 111 GLY A CA  1 
ATOM   864  C C   . GLY A 1 111 ? 6.646   -6.956  -11.611 1.00 11.55 ? 111 GLY A C   1 
ATOM   865  O O   . GLY A 1 111 ? 5.571   -6.598  -12.101 1.00 13.19 ? 111 GLY A O   1 
ATOM   866  N N   . LEU A 1 112 ? 6.772   -7.356  -10.352 1.00 10.62 ? 112 LEU A N   1 
ATOM   867  C CA  . LEU A 1 112 ? 5.617   -7.453  -9.472  1.00 9.74  ? 112 LEU A CA  1 
ATOM   868  C C   . LEU A 1 112 ? 5.851   -6.881  -8.088  1.00 9.98  ? 112 LEU A C   1 
ATOM   869  O O   . LEU A 1 112 ? 6.969   -6.898  -7.572  1.00 11.29 ? 112 LEU A O   1 
ATOM   870  C CB  . LEU A 1 112 ? 5.223   -8.920  -9.301  1.00 10.20 ? 112 LEU A CB  1 
ATOM   871  C CG  . LEU A 1 112 ? 4.818   -9.727  -10.528 1.00 10.93 ? 112 LEU A CG  1 
ATOM   872  C CD1 . LEU A 1 112 ? 4.839   -11.212 -10.189 1.00 12.26 ? 112 LEU A CD1 1 
ATOM   873  C CD2 . LEU A 1 112 ? 3.434   -9.293  -10.981 1.00 11.97 ? 112 LEU A CD2 1 
ATOM   874  N N   . ILE A 1 113 ? 4.781   -6.377  -7.485  1.00 10.27 ? 113 ILE A N   1 
ATOM   875  C CA  . ILE A 1 113 ? 4.859   -5.877  -6.121  1.00 10.35 ? 113 ILE A CA  1 
ATOM   876  C C   . ILE A 1 113 ? 4.762   -7.148  -5.283  1.00 10.00 ? 113 ILE A C   1 
ATOM   877  O O   . ILE A 1 113 ? 3.844   -7.952  -5.473  1.00 11.97 ? 113 ILE A O   1 
ATOM   878  C CB  . ILE A 1 113 ? 3.668   -4.956  -5.786  1.00 11.04 ? 113 ILE A CB  1 
ATOM   879  C CG1 . ILE A 1 113 ? 3.764   -3.665  -6.602  1.00 12.13 ? 113 ILE A CG1 1 
ATOM   880  C CG2 . ILE A 1 113 ? 3.647   -4.657  -4.291  1.00 12.17 ? 113 ILE A CG2 1 
ATOM   881  C CD1 . ILE A 1 113 ? 2.645   -2.674  -6.309  1.00 13.32 ? 113 ILE A CD1 1 
ATOM   882  N N   . VAL A 1 114 ? 5.708   -7.353  -4.375  1.00 10.82 ? 114 VAL A N   1 
ATOM   883  C CA  . VAL A 1 114 ? 5.678   -8.562  -3.554  1.00 10.25 ? 114 VAL A CA  1 
ATOM   884  C C   . VAL A 1 114 ? 5.751   -8.278  -2.063  1.00 10.98 ? 114 VAL A C   1 
ATOM   885  O O   . VAL A 1 114 ? 5.925   -9.193  -1.260  1.00 11.09 ? 114 VAL A O   1 
ATOM   886  C CB  . VAL A 1 114 ? 6.825   -9.532  -3.935  1.00 10.70 ? 114 VAL A CB  1 
ATOM   887  C CG1 . VAL A 1 114 ? 6.634   -10.023 -5.360  1.00 12.21 ? 114 VAL A CG1 1 
ATOM   888  C CG2 . VAL A 1 114 ? 8.174   -8.845  -3.779  1.00 10.08 ? 114 VAL A CG2 1 
ATOM   889  N N   . GLY A 1 115 ? 5.613   -7.012  -1.689  1.00 9.89  ? 115 GLY A N   1 
ATOM   890  C CA  . GLY A 1 115 ? 5.669   -6.658  -0.284  1.00 10.65 ? 115 GLY A CA  1 
ATOM   891  C C   . GLY A 1 115 ? 5.528   -5.170  -0.036  1.00 10.90 ? 115 GLY A C   1 
ATOM   892  O O   . GLY A 1 115 ? 5.762   -4.349  -0.927  1.00 11.00 ? 115 GLY A O   1 
ATOM   893  N N   . PHE A 1 116 ? 5.132   -4.827  1.185   1.00 10.38 ? 116 PHE A N   1 
ATOM   894  C CA  . PHE A 1 116 ? 4.963   -3.438  1.592   1.00 10.59 ? 116 PHE A CA  1 
ATOM   895  C C   . PHE A 1 116 ? 5.609   -3.224  2.951   1.00 10.21 ? 116 PHE A C   1 
ATOM   896  O O   . PHE A 1 116 ? 5.666   -4.141  3.771   1.00 11.39 ? 116 PHE A O   1 
ATOM   897  C CB  . PHE A 1 116 ? 3.480   -3.070  1.748   1.00 12.25 ? 116 PHE A CB  1 
ATOM   898  C CG  . PHE A 1 116 ? 2.724   -2.974  0.457   1.00 11.87 ? 116 PHE A CG  1 
ATOM   899  C CD1 . PHE A 1 116 ? 2.068   -4.079  -0.069  1.00 11.47 ? 116 PHE A CD1 1 
ATOM   900  C CD2 . PHE A 1 116 ? 2.656   -1.765  -0.230  1.00 14.77 ? 116 PHE A CD2 1 
ATOM   901  C CE1 . PHE A 1 116 ? 1.351   -3.987  -1.259  1.00 13.12 ? 116 PHE A CE1 1 
ATOM   902  C CE2 . PHE A 1 116 ? 1.942   -1.661  -1.423  1.00 15.44 ? 116 PHE A CE2 1 
ATOM   903  C CZ  . PHE A 1 116 ? 1.288   -2.774  -1.939  1.00 14.46 ? 116 PHE A CZ  1 
ATOM   904  N N   . LYS A 1 117 ? 6.092   -2.009  3.175   1.00 10.28 ? 117 LYS A N   1 
ATOM   905  C CA  . LYS A 1 117 ? 6.658   -1.617  4.456   1.00 10.60 ? 117 LYS A CA  1 
ATOM   906  C C   . LYS A 1 117 ? 6.335   -0.138  4.606   1.00 12.10 ? 117 LYS A C   1 
ATOM   907  O O   . LYS A 1 117 ? 5.995   0.534   3.627   1.00 11.38 ? 117 LYS A O   1 
ATOM   908  C CB  . LYS A 1 117 ? 8.175   -1.862  4.519   1.00 11.55 ? 117 LYS A CB  1 
ATOM   909  C CG  . LYS A 1 117 ? 9.023   -1.054  3.547   1.00 10.42 ? 117 LYS A CG  1 
ATOM   910  C CD  . LYS A 1 117 ? 10.506  -1.400  3.717   1.00 12.84 ? 117 LYS A CD  1 
ATOM   911  C CE  . LYS A 1 117 ? 11.072  -0.909  5.044   1.00 14.30 ? 117 LYS A CE  1 
ATOM   912  N NZ  . LYS A 1 117 ? 11.237  0.571   5.067   1.00 15.48 ? 117 LYS A NZ  1 
ATOM   913  N N   . GLY A 1 118 ? 6.401   0.369   5.827   1.00 10.49 ? 118 GLY A N   1 
ATOM   914  C CA  . GLY A 1 118 ? 6.108   1.774   6.024   1.00 11.19 ? 118 GLY A CA  1 
ATOM   915  C C   . GLY A 1 118 ? 5.921   2.140   7.476   1.00 11.66 ? 118 GLY A C   1 
ATOM   916  O O   . GLY A 1 118 ? 6.560   1.574   8.363   1.00 12.62 ? 118 GLY A O   1 
ATOM   917  N N   . SER A 1 119 ? 5.030   3.095   7.712   1.00 11.80 ? 119 SER A N   1 
ATOM   918  C CA  . SER A 1 119 ? 4.756   3.573   9.059   1.00 10.64 ? 119 SER A CA  1 
ATOM   919  C C   . SER A 1 119 ? 3.346   4.118   9.127   1.00 11.19 ? 119 SER A C   1 
ATOM   920  O O   . SER A 1 119 ? 2.902   4.798   8.208   1.00 11.62 ? 119 SER A O   1 
ATOM   921  C CB  . SER A 1 119 ? 5.743   4.681   9.424   1.00 11.83 ? 119 SER A CB  1 
ATOM   922  O OG  . SER A 1 119 ? 5.378   5.320   10.639  1.00 12.96 ? 119 SER A OG  1 
ATOM   923  N N   . ILE A 1 120 ? 2.635   3.810   10.207  1.00 10.97 ? 120 ILE A N   1 
ATOM   924  C CA  . ILE A 1 120 ? 1.281   4.311   10.372  1.00 11.91 ? 120 ILE A CA  1 
ATOM   925  C C   . ILE A 1 120 ? 1.062   4.806   11.796  1.00 12.21 ? 120 ILE A C   1 
ATOM   926  O O   . ILE A 1 120 ? 1.346   4.098   12.762  1.00 12.76 ? 120 ILE A O   1 
ATOM   927  C CB  . ILE A 1 120 ? 0.219   3.228   10.064  1.00 13.57 ? 120 ILE A CB  1 
ATOM   928  C CG1 . ILE A 1 120 ? 0.455   2.652   8.663   1.00 13.15 ? 120 ILE A CG1 1 
ATOM   929  C CG2 . ILE A 1 120 ? -1.187  3.836   10.150  1.00 14.08 ? 120 ILE A CG2 1 
ATOM   930  C CD1 . ILE A 1 120 ? -0.578  1.619   8.229   1.00 14.70 ? 120 ILE A CD1 1 
ATOM   931  N N   . GLY A 1 121 ? 0.587   6.040   11.904  1.00 12.34 ? 121 GLY A N   1 
ATOM   932  C CA  . GLY A 1 121 ? 0.283   6.632   13.199  1.00 12.44 ? 121 GLY A CA  1 
ATOM   933  C C   . GLY A 1 121 ? -1.201  6.902   13.083  1.00 11.35 ? 121 GLY A C   1 
ATOM   934  O O   . GLY A 1 121 ? -1.988  5.975   12.924  1.00 12.84 ? 121 GLY A O   1 
ATOM   935  N N   . TYR A 1 122 ? -1.598  8.165   13.152  1.00 14.22 ? 122 TYR A N   1 
ATOM   936  C CA  . TYR A 1 122 ? -3.003  8.484   12.968  1.00 14.69 ? 122 TYR A CA  1 
ATOM   937  C C   . TYR A 1 122 ? -3.321  8.137   11.515  1.00 13.85 ? 122 TYR A C   1 
ATOM   938  O O   . TYR A 1 122 ? -4.411  7.665   11.196  1.00 14.28 ? 122 TYR A O   1 
ATOM   939  C CB  . TYR A 1 122 ? -3.255  9.972   13.229  1.00 16.93 ? 122 TYR A CB  1 
ATOM   940  C CG  . TYR A 1 122 ? -3.478  10.290  14.691  1.00 21.66 ? 122 TYR A CG  1 
ATOM   941  C CD1 . TYR A 1 122 ? -2.534  9.935   15.654  1.00 24.16 ? 122 TYR A CD1 1 
ATOM   942  C CD2 . TYR A 1 122 ? -4.650  10.912  15.114  1.00 25.65 ? 122 TYR A CD2 1 
ATOM   943  C CE1 . TYR A 1 122 ? -2.755  10.187  17.006  1.00 27.24 ? 122 TYR A CE1 1 
ATOM   944  C CE2 . TYR A 1 122 ? -4.882  11.168  16.463  1.00 28.45 ? 122 TYR A CE2 1 
ATOM   945  C CZ  . TYR A 1 122 ? -3.929  10.802  17.403  1.00 29.03 ? 122 TYR A CZ  1 
ATOM   946  O OH  . TYR A 1 122 ? -4.163  11.035  18.740  1.00 31.86 ? 122 TYR A OH  1 
ATOM   947  N N   . TRP A 1 123 ? -2.340  8.353   10.642  1.00 13.33 ? 123 TRP A N   1 
ATOM   948  C CA  . TRP A 1 123 ? -2.492  8.074   9.218   1.00 12.54 ? 123 TRP A CA  1 
ATOM   949  C C   . TRP A 1 123 ? -1.245  7.390   8.680   1.00 11.04 ? 123 TRP A C   1 
ATOM   950  O O   . TRP A 1 123 ? -0.232  7.276   9.377   1.00 12.19 ? 123 TRP A O   1 
ATOM   951  C CB  . TRP A 1 123 ? -2.728  9.383   8.456   1.00 12.53 ? 123 TRP A CB  1 
ATOM   952  C CG  . TRP A 1 123 ? -3.879  10.141  9.014   1.00 12.94 ? 123 TRP A CG  1 
ATOM   953  C CD1 . TRP A 1 123 ? -5.197  9.812   8.913   1.00 14.62 ? 123 TRP A CD1 1 
ATOM   954  C CD2 . TRP A 1 123 ? -3.813  11.279  9.884   1.00 14.67 ? 123 TRP A CD2 1 
ATOM   955  N NE1 . TRP A 1 123 ? -5.961  10.668  9.674   1.00 15.17 ? 123 TRP A NE1 1 
ATOM   956  C CE2 . TRP A 1 123 ? -5.135  11.577  10.281  1.00 14.84 ? 123 TRP A CE2 1 
ATOM   957  C CE3 . TRP A 1 123 ? -2.764  12.072  10.371  1.00 14.76 ? 123 TRP A CE3 1 
ATOM   958  C CZ2 . TRP A 1 123 ? -5.439  12.637  11.147  1.00 15.28 ? 123 TRP A CZ2 1 
ATOM   959  C CZ3 . TRP A 1 123 ? -3.065  13.126  11.233  1.00 15.88 ? 123 TRP A CZ3 1 
ATOM   960  C CH2 . TRP A 1 123 ? -4.394  13.395  11.610  1.00 16.70 ? 123 TRP A CH2 1 
ATOM   961  N N   . LEU A 1 124 ? -1.333  6.926   7.439   1.00 12.53 ? 124 LEU A N   1 
ATOM   962  C CA  . LEU A 1 124 ? -0.202  6.277   6.781   1.00 12.06 ? 124 LEU A CA  1 
ATOM   963  C C   . LEU A 1 124 ? 0.856   7.352   6.561   1.00 12.45 ? 124 LEU A C   1 
ATOM   964  O O   . LEU A 1 124 ? 0.682   8.247   5.735   1.00 12.08 ? 124 LEU A O   1 
ATOM   965  C CB  . LEU A 1 124 ? -0.661  5.690   5.444   1.00 10.71 ? 124 LEU A CB  1 
ATOM   966  C CG  . LEU A 1 124 ? 0.402   5.041   4.557   1.00 10.23 ? 124 LEU A CG  1 
ATOM   967  C CD1 . LEU A 1 124 ? 1.092   3.904   5.301   1.00 11.91 ? 124 LEU A CD1 1 
ATOM   968  C CD2 . LEU A 1 124 ? -0.268  4.526   3.289   1.00 12.29 ? 124 LEU A CD2 1 
ATOM   969  N N   . ASP A 1 125 ? 1.952   7.271   7.307   1.00 12.00 ? 125 ASP A N   1 
ATOM   970  C CA  . ASP A 1 125 ? 3.014   8.268   7.213   1.00 12.21 ? 125 ASP A CA  1 
ATOM   971  C C   . ASP A 1 125 ? 3.781   8.192   5.905   1.00 12.40 ? 125 ASP A C   1 
ATOM   972  O O   . ASP A 1 125 ? 4.064   9.210   5.267   1.00 12.39 ? 125 ASP A O   1 
ATOM   973  C CB  . ASP A 1 125 ? 3.997   8.101   8.369   1.00 12.74 ? 125 ASP A CB  1 
ATOM   974  C CG  . ASP A 1 125 ? 3.320   8.171   9.715   1.00 13.21 ? 125 ASP A CG  1 
ATOM   975  O OD1 . ASP A 1 125 ? 2.649   9.192   9.990   1.00 14.11 ? 125 ASP A OD1 1 
ATOM   976  O OD2 . ASP A 1 125 ? 3.463   7.210   10.496  1.00 13.66 ? 125 ASP A OD2 1 
ATOM   977  N N   . TYR A 1 126 ? 4.127   6.973   5.524   1.00 11.45 ? 126 TYR A N   1 
ATOM   978  C CA  . TYR A 1 126 ? 4.877   6.732   4.306   1.00 12.25 ? 126 TYR A CA  1 
ATOM   979  C C   . TYR A 1 126 ? 4.900   5.235   4.075   1.00 12.81 ? 126 TYR A C   1 
ATOM   980  O O   . TYR A 1 126 ? 4.533   4.461   4.953   1.00 11.66 ? 126 TYR A O   1 
ATOM   981  C CB  . TYR A 1 126 ? 6.314   7.254   4.445   1.00 11.87 ? 126 TYR A CB  1 
ATOM   982  C CG  . TYR A 1 126 ? 7.090   6.697   5.626   1.00 11.90 ? 126 TYR A CG  1 
ATOM   983  C CD1 . TYR A 1 126 ? 7.247   7.442   6.795   1.00 11.87 ? 126 TYR A CD1 1 
ATOM   984  C CD2 . TYR A 1 126 ? 7.669   5.427   5.572   1.00 12.38 ? 126 TYR A CD2 1 
ATOM   985  C CE1 . TYR A 1 126 ? 7.965   6.940   7.883   1.00 12.90 ? 126 TYR A CE1 1 
ATOM   986  C CE2 . TYR A 1 126 ? 8.387   4.915   6.655   1.00 12.97 ? 126 TYR A CE2 1 
ATOM   987  C CZ  . TYR A 1 126 ? 8.529   5.677   7.805   1.00 10.81 ? 126 TYR A CZ  1 
ATOM   988  O OH  . TYR A 1 126 ? 9.228   5.172   8.881   1.00 15.81 ? 126 TYR A OH  1 
ATOM   989  N N   . PHE A 1 127 ? 5.319   4.825   2.886   1.00 12.15 ? 127 PHE A N   1 
ATOM   990  C CA  . PHE A 1 127 ? 5.405   3.407   2.591   1.00 11.85 ? 127 PHE A CA  1 
ATOM   991  C C   . PHE A 1 127 ? 6.377   3.167   1.455   1.00 11.50 ? 127 PHE A C   1 
ATOM   992  O O   . PHE A 1 127 ? 6.668   4.068   0.664   1.00 12.08 ? 127 PHE A O   1 
ATOM   993  C CB  . PHE A 1 127 ? 4.027   2.835   2.231   1.00 11.89 ? 127 PHE A CB  1 
ATOM   994  C CG  . PHE A 1 127 ? 3.535   3.233   0.868   1.00 13.09 ? 127 PHE A CG  1 
ATOM   995  C CD1 . PHE A 1 127 ? 3.758   2.412   -0.233  1.00 14.66 ? 127 PHE A CD1 1 
ATOM   996  C CD2 . PHE A 1 127 ? 2.854   4.431   0.685   1.00 15.28 ? 127 PHE A CD2 1 
ATOM   997  C CE1 . PHE A 1 127 ? 3.305   2.780   -1.502  1.00 15.18 ? 127 PHE A CE1 1 
ATOM   998  C CE2 . PHE A 1 127 ? 2.400   4.809   -0.575  1.00 14.35 ? 127 PHE A CE2 1 
ATOM   999  C CZ  . PHE A 1 127 ? 2.625   3.981   -1.671  1.00 16.09 ? 127 PHE A CZ  1 
ATOM   1000 N N   . SER A 1 128 ? 6.898   1.947   1.413   1.00 11.93 ? 128 SER A N   1 
ATOM   1001 C CA  . SER A 1 128 ? 7.820   1.524   0.374   1.00 10.75 ? 128 SER A CA  1 
ATOM   1002 C C   . SER A 1 128 ? 7.260   0.238   -0.211  1.00 11.49 ? 128 SER A C   1 
ATOM   1003 O O   . SER A 1 128 ? 6.436   -0.440  0.412   1.00 10.75 ? 128 SER A O   1 
ATOM   1004 C CB  . SER A 1 128 ? 9.221   1.300   0.943   1.00 11.05 ? 128 SER A CB  1 
ATOM   1005 O OG  . SER A 1 128 ? 9.775   2.531   1.390   1.00 11.93 ? 128 SER A OG  1 
ATOM   1006 N N   . ILE A 1 129 ? 7.709   -0.086  -1.415  1.00 10.42 ? 129 ILE A N   1 
ATOM   1007 C CA  . ILE A 1 129 ? 7.243   -1.262  -2.128  1.00 11.82 ? 129 ILE A CA  1 
ATOM   1008 C C   . ILE A 1 129 ? 8.375   -2.215  -2.508  1.00 10.59 ? 129 ILE A C   1 
ATOM   1009 O O   . ILE A 1 129 ? 9.431   -1.789  -2.992  1.00 12.11 ? 129 ILE A O   1 
ATOM   1010 C CB  . ILE A 1 129 ? 6.501   -0.828  -3.424  1.00 12.80 ? 129 ILE A CB  1 
ATOM   1011 C CG1 . ILE A 1 129 ? 5.204   -0.101  -3.053  1.00 15.26 ? 129 ILE A CG1 1 
ATOM   1012 C CG2 . ILE A 1 129 ? 6.238   -2.028  -4.317  1.00 15.99 ? 129 ILE A CG2 1 
ATOM   1013 C CD1 . ILE A 1 129 ? 4.442   0.459   -4.244  1.00 19.27 ? 129 ILE A CD1 1 
ATOM   1014 N N   . TYR A 1 130 ? 8.150   -3.504  -2.275  1.00 9.54  ? 130 TYR A N   1 
ATOM   1015 C CA  . TYR A 1 130 ? 9.111   -4.537  -2.646  1.00 10.80 ? 130 TYR A CA  1 
ATOM   1016 C C   . TYR A 1 130 ? 8.787   -4.951  -4.077  1.00 10.44 ? 130 TYR A C   1 
ATOM   1017 O O   . TYR A 1 130 ? 7.635   -5.236  -4.395  1.00 9.86  ? 130 TYR A O   1 
ATOM   1018 C CB  . TYR A 1 130 ? 8.970   -5.779  -1.761  1.00 9.50  ? 130 TYR A CB  1 
ATOM   1019 C CG  . TYR A 1 130 ? 9.575   -5.684  -0.380  1.00 10.99 ? 130 TYR A CG  1 
ATOM   1020 C CD1 . TYR A 1 130 ? 9.019   -4.865  0.599   1.00 11.06 ? 130 TYR A CD1 1 
ATOM   1021 C CD2 . TYR A 1 130 ? 10.682  -6.459  -0.040  1.00 10.22 ? 130 TYR A CD2 1 
ATOM   1022 C CE1 . TYR A 1 130 ? 9.546   -4.826  1.891   1.00 10.74 ? 130 TYR A CE1 1 
ATOM   1023 C CE2 . TYR A 1 130 ? 11.219  -6.432  1.241   1.00 11.65 ? 130 TYR A CE2 1 
ATOM   1024 C CZ  . TYR A 1 130 ? 10.645  -5.614  2.202   1.00 9.71  ? 130 TYR A CZ  1 
ATOM   1025 O OH  . TYR A 1 130 ? 11.168  -5.601  3.466   1.00 12.00 ? 130 TYR A OH  1 
ATOM   1026 N N   . LEU A 1 131 ? 9.802   -4.987  -4.936  1.00 9.75  ? 131 LEU A N   1 
ATOM   1027 C CA  . LEU A 1 131 ? 9.605   -5.386  -6.325  1.00 10.48 ? 131 LEU A CA  1 
ATOM   1028 C C   . LEU A 1 131 ? 10.443  -6.611  -6.654  1.00 10.83 ? 131 LEU A C   1 
ATOM   1029 O O   . LEU A 1 131 ? 11.582  -6.746  -6.199  1.00 12.97 ? 131 LEU A O   1 
ATOM   1030 C CB  . LEU A 1 131 ? 9.991   -4.249  -7.274  1.00 11.95 ? 131 LEU A CB  1 
ATOM   1031 C CG  . LEU A 1 131 ? 9.156   -2.968  -7.237  1.00 10.83 ? 131 LEU A CG  1 
ATOM   1032 C CD1 . LEU A 1 131 ? 9.790   -1.947  -8.183  1.00 11.94 ? 131 LEU A CD1 1 
ATOM   1033 C CD2 . LEU A 1 131 ? 7.720   -3.258  -7.643  1.00 12.29 ? 131 LEU A CD2 1 
ATOM   1034 N N   . SER A 1 132 ? 9.875   -7.505  -7.452  1.00 11.66 ? 132 SER A N   1 
ATOM   1035 C CA  . SER A 1 132 ? 10.591  -8.707  -7.845  1.00 10.88 ? 132 SER A CA  1 
ATOM   1036 C C   . SER A 1 132 ? 9.996   -9.327  -9.094  1.00 12.67 ? 132 SER A C   1 
ATOM   1037 O O   . SER A 1 132 ? 8.852   -9.060  -9.456  1.00 12.32 ? 132 SER A O   1 
ATOM   1038 C CB  . SER A 1 132 ? 10.540  -9.739  -6.713  1.00 12.79 ? 132 SER A CB  1 
ATOM   1039 O OG  . SER A 1 132 ? 11.196  -10.944 -7.087  1.00 15.39 ? 132 SER A OG  1 
ATOM   1040 N N   . LEU A 1 133 ? 10.791  -10.141 -9.776  1.00 13.37 ? 133 LEU A N   1 
ATOM   1041 C CA  . LEU A 1 133 ? 10.273  -10.852 -10.927 1.00 13.02 ? 133 LEU A CA  1 
ATOM   1042 C C   . LEU A 1 133 ? 9.558   -12.054 -10.312 1.00 14.97 ? 133 LEU A C   1 
ATOM   1043 O O   . LEU A 1 133 ? 9.721   -12.254 -9.086  1.00 17.95 ? 133 LEU A O   1 
ATOM   1044 C CB  . LEU A 1 133 ? 11.411  -11.319 -11.836 1.00 12.83 ? 133 LEU A CB  1 
ATOM   1045 C CG  . LEU A 1 133 ? 12.098  -10.199 -12.620 1.00 13.68 ? 133 LEU A CG  1 
ATOM   1046 C CD1 . LEU A 1 133 ? 13.292  -10.762 -13.383 1.00 15.93 ? 133 LEU A CD1 1 
ATOM   1047 C CD2 . LEU A 1 133 ? 11.103  -9.565  -13.580 1.00 16.80 ? 133 LEU A CD2 1 
ATOM   1048 O OXT . LEU A 1 133 ? 8.856   -12.774 -11.041 1.00 16.02 ? 133 LEU A OXT 1 
ATOM   1049 N N   . ASN B 2 1   ? 25.412  -12.180 4.045   1.00 24.66 ? 3   ASN B N   1 
ATOM   1050 C CA  . ASN B 2 1   ? 24.830  -13.077 5.084   1.00 22.51 ? 3   ASN B CA  1 
ATOM   1051 C C   . ASN B 2 1   ? 23.750  -13.984 4.503   1.00 19.83 ? 3   ASN B C   1 
ATOM   1052 O O   . ASN B 2 1   ? 23.561  -14.044 3.288   1.00 19.82 ? 3   ASN B O   1 
ATOM   1053 C CB  . ASN B 2 1   ? 24.237  -12.251 6.226   1.00 25.17 ? 3   ASN B CB  1 
ATOM   1054 C CG  . ASN B 2 1   ? 23.264  -11.204 5.735   1.00 27.11 ? 3   ASN B CG  1 
ATOM   1055 O OD1 . ASN B 2 1   ? 23.664  -10.125 5.299   1.00 33.11 ? 3   ASN B OD1 1 
ATOM   1056 N ND2 . ASN B 2 1   ? 21.982  -11.525 5.781   1.00 29.02 ? 3   ASN B ND2 1 
ATOM   1057 N N   . GLY B 2 2   ? 23.031  -14.673 5.382   1.00 17.97 ? 4   GLY B N   1 
ATOM   1058 C CA  . GLY B 2 2   ? 21.999  -15.588 4.932   1.00 15.74 ? 4   GLY B CA  1 
ATOM   1059 C C   . GLY B 2 2   ? 20.622  -15.009 4.668   1.00 14.08 ? 4   GLY B C   1 
ATOM   1060 O O   . GLY B 2 2   ? 19.681  -15.755 4.412   1.00 13.68 ? 4   GLY B O   1 
ATOM   1061 N N   . LYS B 2 3   ? 20.493  -13.689 4.718   1.00 15.18 ? 5   LYS B N   1 
ATOM   1062 C CA  . LYS B 2 3   ? 19.203  -13.049 4.484   1.00 16.48 ? 5   LYS B CA  1 
ATOM   1063 C C   . LYS B 2 3   ? 19.013  -12.647 3.024   1.00 14.70 ? 5   LYS B C   1 
ATOM   1064 O O   . LYS B 2 3   ? 19.798  -11.866 2.484   1.00 15.16 ? 5   LYS B O   1 
ATOM   1065 C CB  . LYS B 2 3   ? 19.067  -11.804 5.359   1.00 18.37 ? 5   LYS B CB  1 
ATOM   1066 C CG  . LYS B 2 3   ? 19.137  -12.072 6.853   1.00 22.90 ? 5   LYS B CG  1 
ATOM   1067 C CD  . LYS B 2 3   ? 19.157  -10.773 7.655   1.00 27.33 ? 5   LYS B CD  1 
ATOM   1068 C CE  . LYS B 2 3   ? 17.882  -9.964  7.464   1.00 30.31 ? 5   LYS B CE  1 
ATOM   1069 N NZ  . LYS B 2 3   ? 17.713  -9.463  6.069   1.00 33.27 ? 5   LYS B NZ  1 
ATOM   1070 N N   . SER B 2 4   ? 17.971  -13.179 2.392   1.00 13.91 ? 6   SER B N   1 
ATOM   1071 C CA  . SER B 2 4   ? 17.674  -12.857 1.000   1.00 14.54 ? 6   SER B CA  1 
ATOM   1072 C C   . SER B 2 4   ? 17.373  -11.366 0.881   1.00 14.81 ? 6   SER B C   1 
ATOM   1073 O O   . SER B 2 4   ? 16.645  -10.798 1.705   1.00 15.01 ? 6   SER B O   1 
ATOM   1074 C CB  . SER B 2 4   ? 16.467  -13.664 0.510   1.00 14.55 ? 6   SER B CB  1 
ATOM   1075 O OG  . SER B 2 4   ? 16.118  -13.313 -0.821  1.00 15.72 ? 6   SER B OG  1 
ATOM   1076 N N   . GLN B 2 5   ? 17.931  -10.738 -0.148  1.00 13.39 ? 7   GLN B N   1 
ATOM   1077 C CA  . GLN B 2 5   ? 17.729  -9.315  -0.367  1.00 15.31 ? 7   GLN B CA  1 
ATOM   1078 C C   . GLN B 2 5   ? 16.636  -9.045  -1.391  1.00 12.97 ? 7   GLN B C   1 
ATOM   1079 O O   . GLN B 2 5   ? 16.338  -9.889  -2.244  1.00 13.86 ? 7   GLN B O   1 
ATOM   1080 C CB  . GLN B 2 5   ? 19.035  -8.656  -0.817  1.00 18.24 ? 7   GLN B CB  1 
ATOM   1081 C CG  . GLN B 2 5   ? 20.163  -8.796  0.190   1.00 23.25 ? 7   GLN B CG  1 
ATOM   1082 C CD  . GLN B 2 5   ? 21.184  -7.680  0.093   1.00 29.38 ? 7   GLN B CD  1 
ATOM   1083 O OE1 . GLN B 2 5   ? 22.148  -7.643  0.858   1.00 32.11 ? 7   GLN B OE1 1 
ATOM   1084 N NE2 . GLN B 2 5   ? 20.976  -6.759  -0.847  1.00 31.77 ? 7   GLN B NE2 1 
ATOM   1085 N N   . SER B 2 6   ? 16.040  -7.861  -1.299  1.00 13.37 ? 8   SER B N   1 
ATOM   1086 C CA  . SER B 2 6   ? 14.975  -7.462  -2.210  1.00 12.64 ? 8   SER B CA  1 
ATOM   1087 C C   . SER B 2 6   ? 15.163  -6.050  -2.729  1.00 12.33 ? 8   SER B C   1 
ATOM   1088 O O   . SER B 2 6   ? 15.799  -5.213  -2.083  1.00 12.97 ? 8   SER B O   1 
ATOM   1089 C CB  . SER B 2 6   ? 13.613  -7.511  -1.508  1.00 14.18 ? 8   SER B CB  1 
ATOM   1090 O OG  . SER B 2 6   ? 13.267  -8.816  -1.095  1.00 16.71 ? 8   SER B OG  1 
ATOM   1091 N N   . ILE B 2 7   ? 14.601  -5.797  -3.905  1.00 12.59 ? 9   ILE B N   1 
ATOM   1092 C CA  . ILE B 2 7   ? 14.620  -4.468  -4.490  1.00 12.00 ? 9   ILE B CA  1 
ATOM   1093 C C   . ILE B 2 7   ? 13.465  -3.764  -3.784  1.00 10.08 ? 9   ILE B C   1 
ATOM   1094 O O   . ILE B 2 7   ? 12.359  -4.300  -3.710  1.00 11.20 ? 9   ILE B O   1 
ATOM   1095 C CB  . ILE B 2 7   ? 14.325  -4.511  -6.001  1.00 11.99 ? 9   ILE B CB  1 
ATOM   1096 C CG1 . ILE B 2 7   ? 15.496  -5.165  -6.736  1.00 13.72 ? 9   ILE B CG1 1 
ATOM   1097 C CG2 . ILE B 2 7   ? 14.073  -3.103  -6.528  1.00 11.64 ? 9   ILE B CG2 1 
ATOM   1098 C CD1 . ILE B 2 7   ? 15.233  -5.421  -8.203  1.00 17.99 ? 9   ILE B CD1 1 
ATOM   1099 N N   . ILE B 2 8   ? 13.728  -2.588  -3.231  1.00 10.78 ? 10  ILE B N   1 
ATOM   1100 C CA  . ILE B 2 8   ? 12.684  -1.839  -2.544  1.00 10.77 ? 10  ILE B CA  1 
ATOM   1101 C C   . ILE B 2 8   ? 12.706  -0.410  -3.038  1.00 9.84  ? 10  ILE B C   1 
ATOM   1102 O O   . ILE B 2 8   ? 13.748  0.244   -3.000  1.00 10.57 ? 10  ILE B O   1 
ATOM   1103 C CB  . ILE B 2 8   ? 12.898  -1.815  -1.018  1.00 10.57 ? 10  ILE B CB  1 
ATOM   1104 C CG1 . ILE B 2 8   ? 12.949  -3.242  -0.464  1.00 12.37 ? 10  ILE B CG1 1 
ATOM   1105 C CG2 . ILE B 2 8   ? 11.767  -1.032  -0.356  1.00 13.05 ? 10  ILE B CG2 1 
ATOM   1106 C CD1 . ILE B 2 8   ? 13.255  -3.302  1.027   1.00 11.88 ? 10  ILE B CD1 1 
ATOM   1107 N N   . VAL B 2 9   ? 11.562  0.067   -3.515  1.00 10.36 ? 11  VAL B N   1 
ATOM   1108 C CA  . VAL B 2 9   ? 11.465  1.438   -3.992  1.00 10.19 ? 11  VAL B CA  1 
ATOM   1109 C C   . VAL B 2 9   ? 10.607  2.221   -3.019  1.00 11.63 ? 11  VAL B C   1 
ATOM   1110 O O   . VAL B 2 9   ? 9.699   1.678   -2.391  1.00 11.45 ? 11  VAL B O   1 
ATOM   1111 C CB  . VAL B 2 9   ? 10.886  1.524   -5.433  1.00 11.30 ? 11  VAL B CB  1 
ATOM   1112 C CG1 . VAL B 2 9   ? 11.907  0.971   -6.417  1.00 12.34 ? 11  VAL B CG1 1 
ATOM   1113 C CG2 . VAL B 2 9   ? 9.579   0.762   -5.539  1.00 11.64 ? 11  VAL B CG2 1 
ATOM   1114 N N   . GLY B 2 10  ? 10.916  3.504   -2.902  1.00 11.32 ? 12  GLY B N   1 
ATOM   1115 C CA  . GLY B 2 10  ? 10.217  4.361   -1.969  1.00 12.31 ? 12  GLY B CA  1 
ATOM   1116 C C   . GLY B 2 10  ? 11.248  4.851   -0.971  1.00 11.61 ? 12  GLY B C   1 
ATOM   1117 O O   . GLY B 2 10  ? 12.449  4.658   -1.172  1.00 12.03 ? 12  GLY B O   1 
ATOM   1118 N N   . PRO B 2 11  ? 10.820  5.447   0.145   1.00 12.91 ? 13  PRO B N   1 
ATOM   1119 C CA  . PRO B 2 11  ? 9.420   5.667   0.504   1.00 13.28 ? 13  PRO B CA  1 
ATOM   1120 C C   . PRO B 2 11  ? 8.765   6.885   -0.130  1.00 13.30 ? 13  PRO B C   1 
ATOM   1121 O O   . PRO B 2 11  ? 9.432   7.808   -0.596  1.00 14.55 ? 13  PRO B O   1 
ATOM   1122 C CB  . PRO B 2 11  ? 9.489   5.810   2.017   1.00 13.91 ? 13  PRO B CB  1 
ATOM   1123 C CG  . PRO B 2 11  ? 10.755  6.585   2.188   1.00 16.45 ? 13  PRO B CG  1 
ATOM   1124 C CD  . PRO B 2 11  ? 11.713  5.885   1.230   1.00 15.14 ? 13  PRO B CD  1 
ATOM   1125 N N   . TRP B 2 12  ? 7.442   6.853   -0.148  1.00 14.18 ? 14  TRP B N   1 
ATOM   1126 C CA  . TRP B 2 12  ? 6.639   7.963   -0.630  1.00 14.48 ? 14  TRP B CA  1 
ATOM   1127 C C   . TRP B 2 12  ? 5.856   8.367   0.610   1.00 15.56 ? 14  TRP B C   1 
ATOM   1128 O O   . TRP B 2 12  ? 5.342   7.507   1.328   1.00 14.39 ? 14  TRP B O   1 
ATOM   1129 C CB  . TRP B 2 12  ? 5.691   7.519   -1.745  1.00 15.77 ? 14  TRP B CB  1 
ATOM   1130 C CG  . TRP B 2 12  ? 6.392   7.349   -3.061  1.00 15.18 ? 14  TRP B CG  1 
ATOM   1131 C CD1 . TRP B 2 12  ? 6.812   8.345   -3.902  1.00 15.33 ? 14  TRP B CD1 1 
ATOM   1132 C CD2 . TRP B 2 12  ? 6.808   6.118   -3.658  1.00 16.16 ? 14  TRP B CD2 1 
ATOM   1133 N NE1 . TRP B 2 12  ? 7.469   7.805   -4.985  1.00 14.34 ? 14  TRP B NE1 1 
ATOM   1134 C CE2 . TRP B 2 12  ? 7.480   6.440   -4.859  1.00 15.16 ? 14  TRP B CE2 1 
ATOM   1135 C CE3 . TRP B 2 12  ? 6.682   4.772   -3.292  1.00 15.92 ? 14  TRP B CE3 1 
ATOM   1136 C CZ2 . TRP B 2 12  ? 8.025   5.464   -5.698  1.00 16.69 ? 14  TRP B CZ2 1 
ATOM   1137 C CZ3 . TRP B 2 12  ? 7.228   3.796   -4.133  1.00 16.56 ? 14  TRP B CZ3 1 
ATOM   1138 C CH2 . TRP B 2 12  ? 7.889   4.153   -5.318  1.00 16.68 ? 14  TRP B CH2 1 
ATOM   1139 N N   . GLY B 2 13  ? 5.799   9.666   0.880   1.00 15.60 ? 15  GLY B N   1 
ATOM   1140 C CA  . GLY B 2 13  ? 5.074   10.135  2.047   1.00 19.91 ? 15  GLY B CA  1 
ATOM   1141 C C   . GLY B 2 13  ? 5.920   10.950  3.009   1.00 22.51 ? 15  GLY B C   1 
ATOM   1142 O O   . GLY B 2 13  ? 5.410   11.448  4.013   1.00 21.84 ? 15  GLY B O   1 
ATOM   1143 N N   . ASP B 2 14  ? 7.212   11.083  2.722   1.00 26.14 ? 16  ASP B N   1 
ATOM   1144 C CA  . ASP B 2 14  ? 8.095   11.862  3.585   1.00 30.81 ? 16  ASP B CA  1 
ATOM   1145 C C   . ASP B 2 14  ? 7.980   13.345  3.250   1.00 31.24 ? 16  ASP B C   1 
ATOM   1146 O O   . ASP B 2 14  ? 7.397   13.662  2.192   1.00 32.46 ? 16  ASP B O   1 
ATOM   1147 C CB  . ASP B 2 14  ? 9.549   11.414  3.412   1.00 33.33 ? 16  ASP B CB  1 
ATOM   1148 C CG  . ASP B 2 14  ? 9.802   10.027  3.965   1.00 35.95 ? 16  ASP B CG  1 
ATOM   1149 O OD1 . ASP B 2 14  ? 10.940  9.529   3.822   1.00 38.11 ? 16  ASP B OD1 1 
ATOM   1150 O OD2 . ASP B 2 14  ? 8.866   9.437   4.544   1.00 37.43 ? 16  ASP B OD2 1 
ATOM   1151 O OXT . ASP B 2 14  ? 8.485   14.171  4.043   1.00 33.71 ? 16  ASP B OXT 1 
HETATM 1152 C C1  . NGA C 3 .   ? 1.211   10.231  15.397  1.00 16.75 ? 1   NGA C C1  1 
HETATM 1153 C C2  . NGA C 3 .   ? 2.645   9.672   15.383  1.00 16.26 ? 1   NGA C C2  1 
HETATM 1154 C C3  . NGA C 3 .   ? 3.478   10.545  14.451  1.00 16.09 ? 1   NGA C C3  1 
HETATM 1155 C C4  . NGA C 3 .   ? 2.866   10.491  13.045  1.00 13.94 ? 1   NGA C C4  1 
HETATM 1156 C C5  . NGA C 3 .   ? 1.423   11.023  13.135  1.00 14.87 ? 1   NGA C C5  1 
HETATM 1157 C C6  . NGA C 3 .   ? 0.664   11.051  11.812  1.00 14.20 ? 1   NGA C C6  1 
HETATM 1158 C C7  . NGA C 3 .   ? 3.799   8.602   17.204  1.00 16.81 ? 1   NGA C C7  1 
HETATM 1159 C C8  . NGA C 3 .   ? 4.277   8.655   18.644  1.00 16.99 ? 1   NGA C C8  1 
HETATM 1160 N N2  . NGA C 3 .   ? 3.200   9.687   16.723  1.00 16.02 ? 1   NGA C N2  1 
HETATM 1161 O O1  . NGA C 3 .   ? 0.409   9.444   16.202  1.00 26.93 ? 1   NGA C O1  1 
HETATM 1162 O O3  . NGA C 3 .   ? 4.884   10.173  14.455  1.00 16.62 ? 1   NGA C O3  1 
HETATM 1163 O O4  . NGA C 3 .   ? 2.855   9.148   12.576  1.00 14.32 ? 1   NGA C O4  1 
HETATM 1164 O O5  . NGA C 3 .   ? 0.649   10.229  14.070  1.00 14.31 ? 1   NGA C O5  1 
HETATM 1165 O O6  . NGA C 3 .   ? 0.281   9.749   11.381  1.00 13.51 ? 1   NGA C O6  1 
HETATM 1166 O O7  . NGA C 3 .   ? 3.977   7.585   16.535  1.00 17.21 ? 1   NGA C O7  1 
HETATM 1167 C C1  . GAL C 3 .   ? 5.681   11.285  14.725  1.00 21.08 ? 2   GAL C C1  1 
HETATM 1168 C C2  . GAL C 3 .   ? 6.762   10.200  14.951  1.00 22.42 ? 2   GAL C C2  1 
HETATM 1169 C C3  . GAL C 3 .   ? 8.161   10.828  14.953  1.00 22.69 ? 2   GAL C C3  1 
HETATM 1170 C C4  . GAL C 3 .   ? 8.377   11.773  13.754  1.00 21.45 ? 2   GAL C C4  1 
HETATM 1171 C C5  . GAL C 3 .   ? 7.173   12.708  13.554  1.00 21.19 ? 2   GAL C C5  1 
HETATM 1172 C C6  . GAL C 3 .   ? 7.258   13.517  12.275  1.00 22.88 ? 2   GAL C C6  1 
HETATM 1173 O O2  . GAL C 3 .   ? 6.549   9.541   16.192  1.00 25.06 ? 2   GAL C O2  1 
HETATM 1174 O O3  . GAL C 3 .   ? 9.165   9.825   14.952  1.00 27.87 ? 2   GAL C O3  1 
HETATM 1175 O O4  . GAL C 3 .   ? 8.594   11.020  12.572  1.00 21.96 ? 2   GAL C O4  1 
HETATM 1176 O O5  . GAL C 3 .   ? 5.955   11.943  13.489  1.00 19.49 ? 2   GAL C O5  1 
HETATM 1177 O O6  . GAL C 3 .   ? 7.958   14.733  12.488  1.00 25.71 ? 2   GAL C O6  1 
HETATM 1178 O O   . HOH D 4 .   ? 1.963   -8.323  -7.422  1.00 13.11 ? 136 HOH A O   1 
HETATM 1179 O O   . HOH D 4 .   ? -8.738  -5.225  -18.926 1.00 52.93 ? 137 HOH A O   1 
HETATM 1180 O O   . HOH D 4 .   ? -7.191  1.229   14.896  1.00 32.56 ? 138 HOH A O   1 
HETATM 1181 O O   . HOH D 4 .   ? -4.263  -8.508  -19.157 1.00 42.06 ? 139 HOH A O   1 
HETATM 1182 O O   . HOH D 4 .   ? 8.434   -6.105  -23.490 1.00 50.27 ? 140 HOH A O   1 
HETATM 1183 O O   . HOH D 4 .   ? 5.677   -6.850  -18.859 1.00 32.88 ? 141 HOH A O   1 
HETATM 1184 O O   . HOH D 4 .   ? 7.307   -9.519  8.533   1.00 36.99 ? 142 HOH A O   1 
HETATM 1185 O O   . HOH D 4 .   ? -3.822  -4.497  -19.348 1.00 55.44 ? 143 HOH A O   1 
HETATM 1186 O O   . HOH D 4 .   ? -10.255 -4.062  19.896  1.00 34.66 ? 144 HOH A O   1 
HETATM 1187 O O   . HOH D 4 .   ? -7.892  0.773   -15.660 1.00 30.01 ? 145 HOH A O   1 
HETATM 1188 O O   . HOH D 4 .   ? 10.148  6.733   10.923  1.00 43.90 ? 146 HOH A O   1 
HETATM 1189 O O   . HOH D 4 .   ? 4.378   20.501  10.455  1.00 33.42 ? 147 HOH A O   1 
HETATM 1190 O O   . HOH D 4 .   ? -12.367 9.053   -1.187  1.00 32.51 ? 148 HOH A O   1 
HETATM 1191 O O   . HOH D 4 .   ? -12.688 7.270   -6.730  1.00 43.75 ? 149 HOH A O   1 
HETATM 1192 O O   . HOH D 4 .   ? 10.916  8.350   13.816  1.00 37.39 ? 150 HOH A O   1 
HETATM 1193 O O   . HOH D 4 .   ? 8.212   -5.195  -20.334 1.00 39.97 ? 151 HOH A O   1 
HETATM 1194 O O   . HOH D 4 .   ? -0.717  -7.427  -7.563  1.00 12.52 ? 152 HOH A O   1 
HETATM 1195 O O   . HOH D 4 .   ? 3.560   -4.666  -15.315 1.00 17.39 ? 153 HOH A O   1 
HETATM 1196 O O   . HOH D 4 .   ? 2.019   0.253   11.812  1.00 15.83 ? 154 HOH A O   1 
HETATM 1197 O O   . HOH D 4 .   ? 2.432   -6.142  -9.028  1.00 14.22 ? 155 HOH A O   1 
HETATM 1198 O O   . HOH D 4 .   ? 3.146   -5.273  -12.647 1.00 14.39 ? 156 HOH A O   1 
HETATM 1199 O O   . HOH D 4 .   ? -8.453  13.807  14.831  0.50 51.45 ? 157 HOH A O   1 
HETATM 1200 O O   . HOH D 4 .   ? 1.948   -2.371  12.588  1.00 17.26 ? 158 HOH A O   1 
HETATM 1201 O O   . HOH D 4 .   ? 7.023   7.077   11.876  1.00 18.15 ? 159 HOH A O   1 
HETATM 1202 O O   . HOH D 4 .   ? 0.216   1.646   13.577  1.00 15.34 ? 160 HOH A O   1 
HETATM 1203 O O   . HOH D 4 .   ? -8.817  10.799  10.181  1.00 17.69 ? 161 HOH A O   1 
HETATM 1204 O O   . HOH D 4 .   ? 3.493   11.690  9.295   1.00 19.70 ? 162 HOH A O   1 
HETATM 1205 O O   . HOH D 4 .   ? 13.538  -8.164  -5.258  1.00 17.58 ? 163 HOH A O   1 
HETATM 1206 O O   . HOH D 4 .   ? -3.772  4.824   -12.186 1.00 29.54 ? 164 HOH A O   1 
HETATM 1207 O O   . HOH D 4 .   ? -10.712 8.736   10.442  1.00 21.56 ? 165 HOH A O   1 
HETATM 1208 O O   . HOH D 4 .   ? -0.151  -6.118  5.966   1.00 14.80 ? 166 HOH A O   1 
HETATM 1209 O O   . HOH D 4 .   ? -4.857  8.659   -5.747  1.00 18.55 ? 167 HOH A O   1 
HETATM 1210 O O   . HOH D 4 .   ? 6.799   -19.793 -5.560  1.00 17.66 ? 168 HOH A O   1 
HETATM 1211 O O   . HOH D 4 .   ? 5.280   14.403  9.136   1.00 23.24 ? 169 HOH A O   1 
HETATM 1212 O O   . HOH D 4 .   ? 6.336   -5.375  10.602  1.00 22.47 ? 170 HOH A O   1 
HETATM 1213 O O   . HOH D 4 .   ? 10.761  2.910   8.348   1.00 19.75 ? 171 HOH A O   1 
HETATM 1214 O O   . HOH D 4 .   ? 9.132   2.530   4.154   1.00 15.00 ? 172 HOH A O   1 
HETATM 1215 O O   . HOH D 4 .   ? -1.880  -10.004 -7.957  1.00 15.95 ? 173 HOH A O   1 
HETATM 1216 O O   . HOH D 4 .   ? -6.925  0.792   11.569  1.00 19.87 ? 174 HOH A O   1 
HETATM 1217 O O   . HOH D 4 .   ? -5.857  -8.186  3.657   1.00 20.56 ? 175 HOH A O   1 
HETATM 1218 O O   . HOH D 4 .   ? -2.348  4.059   -10.069 1.00 18.33 ? 176 HOH A O   1 
HETATM 1219 O O   . HOH D 4 .   ? 7.937   1.946   15.244  1.00 23.28 ? 177 HOH A O   1 
HETATM 1220 O O   . HOH D 4 .   ? -11.573 0.440   -13.809 1.00 28.36 ? 178 HOH A O   1 
HETATM 1221 O O   . HOH D 4 .   ? 4.561   -2.984  13.387  1.00 24.47 ? 179 HOH A O   1 
HETATM 1222 O O   . HOH D 4 .   ? -4.988  19.539  8.722   1.00 25.77 ? 180 HOH A O   1 
HETATM 1223 O O   . HOH D 4 .   ? 7.895   -12.146 -13.299 1.00 24.89 ? 181 HOH A O   1 
HETATM 1224 O O   . HOH D 4 .   ? 1.272   14.142  18.001  1.00 25.21 ? 182 HOH A O   1 
HETATM 1225 O O   . HOH D 4 .   ? 9.374   0.608   7.744   1.00 17.60 ? 183 HOH A O   1 
HETATM 1226 O O   . HOH D 4 .   ? -6.839  -14.544 -4.232  1.00 34.09 ? 184 HOH A O   1 
HETATM 1227 O O   . HOH D 4 .   ? 12.446  -2.681  8.259   1.00 22.84 ? 185 HOH A O   1 
HETATM 1228 O O   . HOH D 4 .   ? 13.768  -10.182 -9.313  1.00 19.96 ? 186 HOH A O   1 
HETATM 1229 O O   . HOH D 4 .   ? 2.414   -18.193 -6.654  1.00 27.98 ? 187 HOH A O   1 
HETATM 1230 O O   . HOH D 4 .   ? -7.189  -6.395  17.943  1.00 22.50 ? 188 HOH A O   1 
HETATM 1231 O O   . HOH D 4 .   ? -1.670  20.597  8.186   1.00 22.50 ? 189 HOH A O   1 
HETATM 1232 O O   . HOH D 4 .   ? -0.684  17.654  14.976  1.00 21.61 ? 190 HOH A O   1 
HETATM 1233 O O   . HOH D 4 .   ? 9.881   -12.374 -3.513  1.00 34.40 ? 191 HOH A O   1 
HETATM 1234 O O   . HOH D 4 .   ? -8.071  6.195   19.123  1.00 22.35 ? 192 HOH A O   1 
HETATM 1235 O O   . HOH D 4 .   ? -4.612  4.126   19.325  1.00 24.81 ? 193 HOH A O   1 
HETATM 1236 O O   . HOH D 4 .   ? 9.958   -14.444 0.739   1.00 25.00 ? 194 HOH A O   1 
HETATM 1237 O O   . HOH D 4 .   ? -5.240  18.708  5.979   1.00 30.31 ? 195 HOH A O   1 
HETATM 1238 O O   . HOH D 4 .   ? -12.684 -0.868  -10.117 1.00 36.02 ? 196 HOH A O   1 
HETATM 1239 O O   . HOH D 4 .   ? -12.052 3.419   11.276  1.00 31.97 ? 197 HOH A O   1 
HETATM 1240 O O   . HOH D 4 .   ? -1.254  10.785  -8.252  1.00 26.45 ? 198 HOH A O   1 
HETATM 1241 O O   . HOH D 4 .   ? -13.761 -10.193 4.114   1.00 57.23 ? 199 HOH A O   1 
HETATM 1242 O O   . HOH D 4 .   ? -2.658  -16.522 6.611   1.00 26.77 ? 200 HOH A O   1 
HETATM 1243 O O   . HOH D 4 .   ? 12.578  -7.601  4.927   1.00 26.52 ? 201 HOH A O   1 
HETATM 1244 O O   . HOH D 4 .   ? -6.647  -15.741 -11.841 1.00 25.35 ? 202 HOH A O   1 
HETATM 1245 O O   . HOH D 4 .   ? 13.587  -3.828  4.664   1.00 27.07 ? 203 HOH A O   1 
HETATM 1246 O O   . HOH D 4 .   ? -8.377  -12.342 -3.646  1.00 29.32 ? 204 HOH A O   1 
HETATM 1247 O O   . HOH D 4 .   ? -12.268 -5.991  -5.080  1.00 23.11 ? 205 HOH A O   1 
HETATM 1248 O O   . HOH D 4 .   ? -6.390  -1.483  9.967   1.00 23.72 ? 206 HOH A O   1 
HETATM 1249 O O   . HOH D 4 .   ? -9.391  -1.995  16.386  1.00 39.80 ? 207 HOH A O   1 
HETATM 1250 O O   . HOH D 4 .   ? -12.651 2.448   -7.748  1.00 32.43 ? 208 HOH A O   1 
HETATM 1251 O O   . HOH D 4 .   ? 5.238   17.401  8.077   1.00 24.27 ? 209 HOH A O   1 
HETATM 1252 O O   . HOH D 4 .   ? 4.443   -6.895  9.210   1.00 23.66 ? 210 HOH A O   1 
HETATM 1253 O O   . HOH D 4 .   ? -6.355  -1.483  -16.374 1.00 29.11 ? 211 HOH A O   1 
HETATM 1254 O O   . HOH D 4 .   ? 5.539   18.013  3.495   1.00 30.32 ? 212 HOH A O   1 
HETATM 1255 O O   . HOH D 4 .   ? 0.056   19.803  2.171   1.00 36.95 ? 213 HOH A O   1 
HETATM 1256 O O   . HOH D 4 .   ? -6.074  8.214   -9.405  1.00 26.16 ? 214 HOH A O   1 
HETATM 1257 O O   . HOH D 4 .   ? -7.884  -7.114  10.369  1.00 37.40 ? 215 HOH A O   1 
HETATM 1258 O O   . HOH D 4 .   ? 4.970   -8.278  -14.490 1.00 33.68 ? 216 HOH A O   1 
HETATM 1259 O O   . HOH D 4 .   ? -14.860 8.514   7.088   1.00 35.52 ? 217 HOH A O   1 
HETATM 1260 O O   . HOH D 4 .   ? -11.942 3.328   -10.536 1.00 43.54 ? 218 HOH A O   1 
HETATM 1261 O O   . HOH D 4 .   ? -15.972 4.615   10.614  1.00 42.34 ? 219 HOH A O   1 
HETATM 1262 O O   . HOH D 4 .   ? -15.219 1.676   0.485   1.00 50.33 ? 220 HOH A O   1 
HETATM 1263 O O   . HOH D 4 .   ? -2.621  17.939  0.815   1.00 26.69 ? 221 HOH A O   1 
HETATM 1264 O O   . HOH D 4 .   ? 6.517   12.800  -6.683  1.00 26.14 ? 222 HOH A O   1 
HETATM 1265 O O   . HOH D 4 .   ? -11.405 -0.404  12.778  1.00 59.99 ? 223 HOH A O   1 
HETATM 1266 O O   . HOH D 4 .   ? -8.709  -0.941  13.451  1.00 41.44 ? 224 HOH A O   1 
HETATM 1267 O O   . HOH D 4 .   ? -13.466 -7.159  -2.043  1.00 43.28 ? 225 HOH A O   1 
HETATM 1268 O O   . HOH D 4 .   ? 7.065   9.679   10.845  1.00 30.17 ? 226 HOH A O   1 
HETATM 1269 O O   . HOH D 4 .   ? -8.598  -6.440  20.320  1.00 22.83 ? 227 HOH A O   1 
HETATM 1270 O O   . HOH D 4 .   ? 12.091  -7.932  -19.147 1.00 28.52 ? 228 HOH A O   1 
HETATM 1271 O O   . HOH D 4 .   ? 9.074   6.144   13.599  1.00 37.20 ? 229 HOH A O   1 
HETATM 1272 O O   . HOH D 4 .   ? 8.778   -10.403 10.597  1.00 69.09 ? 230 HOH A O   1 
HETATM 1273 O O   . HOH D 4 .   ? 9.745   -3.105  -21.703 1.00 28.13 ? 231 HOH A O   1 
HETATM 1274 O O   . HOH D 4 .   ? -7.419  17.216  6.934   1.00 34.41 ? 232 HOH A O   1 
HETATM 1275 O O   . HOH D 4 .   ? -7.887  -9.602  7.919   1.00 49.79 ? 233 HOH A O   1 
HETATM 1276 O O   . HOH D 4 .   ? 6.752   -12.584 6.903   1.00 24.58 ? 234 HOH A O   1 
HETATM 1277 O O   . HOH D 4 .   ? -5.918  4.219   -13.853 1.00 34.95 ? 235 HOH A O   1 
HETATM 1278 O O   . HOH D 4 .   ? 3.799   -7.148  -16.589 1.00 30.71 ? 236 HOH A O   1 
HETATM 1279 O O   . HOH D 4 .   ? -11.864 -7.080  -7.693  1.00 39.42 ? 237 HOH A O   1 
HETATM 1280 O O   . HOH D 4 .   ? 7.555   6.877   15.860  1.00 32.94 ? 238 HOH A O   1 
HETATM 1281 O O   . HOH D 4 .   ? 6.953   2.925   17.467  1.00 30.09 ? 239 HOH A O   1 
HETATM 1282 O O   . HOH D 4 .   ? 7.588   13.278  8.391   1.00 46.52 ? 240 HOH A O   1 
HETATM 1283 O O   . HOH D 4 .   ? -10.925 -0.758  9.273   1.00 51.71 ? 241 HOH A O   1 
HETATM 1284 O O   . HOH D 4 .   ? -10.593 10.362  -3.974  1.00 36.66 ? 242 HOH A O   1 
HETATM 1285 O O   . HOH D 4 .   ? -10.340 14.559  -2.697  1.00 34.79 ? 243 HOH A O   1 
HETATM 1286 O O   . HOH D 4 .   ? -17.454 6.648   7.525   1.00 44.42 ? 244 HOH A O   1 
HETATM 1287 O O   . HOH D 4 .   ? -14.102 -0.771  -7.594  1.00 42.99 ? 245 HOH A O   1 
HETATM 1288 O O   . HOH D 4 .   ? -0.695  -15.574 8.507   1.00 43.30 ? 246 HOH A O   1 
HETATM 1289 O O   . HOH D 4 .   ? 11.394  3.821   5.188   1.00 33.35 ? 247 HOH A O   1 
HETATM 1290 O O   . HOH D 4 .   ? -14.710 -2.886  0.015   1.00 35.01 ? 248 HOH A O   1 
HETATM 1291 O O   . HOH D 4 .   ? -3.206  -12.120 -16.798 1.00 35.85 ? 249 HOH A O   1 
HETATM 1292 O O   . HOH D 4 .   ? 12.628  2.528   10.101  1.00 40.21 ? 250 HOH A O   1 
HETATM 1293 O O   . HOH D 4 .   ? 0.756   -13.384 9.628   1.00 51.37 ? 251 HOH A O   1 
HETATM 1294 O O   . HOH D 4 .   ? -9.516  12.742  12.025  1.00 30.80 ? 252 HOH A O   1 
HETATM 1295 O O   . HOH D 4 .   ? -8.454  -3.347  12.076  1.00 24.62 ? 253 HOH A O   1 
HETATM 1296 O O   . HOH D 4 .   ? 3.206   18.524  1.957   1.00 36.21 ? 254 HOH A O   1 
HETATM 1297 O O   . HOH D 4 .   ? -11.608 16.521  0.870   1.00 51.55 ? 255 HOH A O   1 
HETATM 1298 O O   . HOH D 4 .   ? -7.983  9.681   2.756   1.00 31.56 ? 256 HOH A O   1 
HETATM 1299 O O   . HOH D 4 .   ? 7.216   20.245  3.828   1.00 51.29 ? 257 HOH A O   1 
HETATM 1300 O O   . HOH D 4 .   ? 2.090   18.224  -0.594  1.00 41.19 ? 258 HOH A O   1 
HETATM 1301 O O   . HOH D 4 .   ? -2.500  20.187  3.823   1.00 33.41 ? 259 HOH A O   1 
HETATM 1302 O O   . HOH D 4 .   ? -0.039  -0.632  14.811  1.00 36.20 ? 260 HOH A O   1 
HETATM 1303 O O   . HOH D 4 .   ? 8.191   14.794  -6.114  1.00 35.78 ? 261 HOH A O   1 
HETATM 1304 O O   . HOH D 4 .   ? -11.089 -5.967  -17.412 1.00 40.86 ? 262 HOH A O   1 
HETATM 1305 O O   . HOH D 4 .   ? -1.728  8.446   -12.025 1.00 56.52 ? 263 HOH A O   1 
HETATM 1306 O O   . HOH D 4 .   ? 11.571  -13.397 -1.221  1.00 33.98 ? 264 HOH A O   1 
HETATM 1307 O O   . HOH D 4 .   ? 6.563   9.158   -8.533  0.50 19.84 ? 265 HOH A O   1 
HETATM 1308 O O   . HOH D 4 .   ? 10.534  -7.919  7.332   1.00 35.76 ? 266 HOH A O   1 
HETATM 1309 O O   . HOH D 4 .   ? 15.232  -9.254  -7.152  1.00 23.03 ? 267 HOH A O   1 
HETATM 1310 O O   . HOH D 4 .   ? -6.399  20.282  3.151   1.00 44.09 ? 268 HOH A O   1 
HETATM 1311 O O   . HOH D 4 .   ? -7.872  -12.080 8.537   1.00 32.05 ? 269 HOH A O   1 
HETATM 1312 O O   . HOH D 4 .   ? -11.465 14.201  10.882  1.00 38.32 ? 270 HOH A O   1 
HETATM 1313 O O   . HOH D 4 .   ? -7.803  -11.823 2.862   1.00 32.01 ? 271 HOH A O   1 
HETATM 1314 O O   . HOH D 4 .   ? -1.344  -2.865  14.366  1.00 31.58 ? 272 HOH A O   1 
HETATM 1315 O O   . HOH D 4 .   ? 9.422   9.925   9.339   1.00 35.91 ? 273 HOH A O   1 
HETATM 1316 O O   . HOH E 4 .   ? 19.748  -18.487 4.661   1.00 12.85 ? 17  HOH B O   1 
HETATM 1317 O O   . HOH E 4 .   ? 14.894  5.591   -0.279  1.00 18.55 ? 29  HOH B O   1 
HETATM 1318 O O   . HOH E 4 .   ? 15.358  -11.227 4.125   1.00 25.11 ? 44  HOH B O   1 
HETATM 1319 O O   . HOH E 4 .   ? 12.416  -10.223 -3.290  1.00 30.22 ? 48  HOH B O   1 
HETATM 1320 O O   . HOH E 4 .   ? 6.225   10.929  6.972   1.00 20.26 ? 66  HOH B O   1 
HETATM 1321 O O   . HOH E 4 .   ? 24.902  -10.780 1.751   1.00 56.29 ? 74  HOH B O   1 
HETATM 1322 O O   . HOH E 4 .   ? 14.057  -9.702  1.228   1.00 22.01 ? 80  HOH B O   1 
HETATM 1323 O O   . HOH E 4 .   ? 16.682  6.993   -1.723  1.00 18.39 ? 83  HOH B O   1 
HETATM 1324 O O   . HOH E 4 .   ? 15.498  5.033   2.230   1.00 36.89 ? 88  HOH B O   1 
HETATM 1325 O O   . HOH E 4 .   ? 10.231  16.102  3.879   1.00 51.99 ? 117 HOH B O   1 
HETATM 1326 O O   . HOH E 4 .   ? 13.927  -11.528 -0.725  1.00 37.50 ? 124 HOH B O   1 
HETATM 1327 O O   . HOH E 4 .   ? 18.937  6.924   0.144   1.00 29.81 ? 136 HOH B O   1 
HETATM 1328 O O   . HOH E 4 .   ? 9.049   10.631  6.859   1.00 49.69 ? 152 HOH B O   1 
HETATM 1329 O O   . HOH E 4 .   ? 8.994   10.497  0.594   1.00 32.07 ? 153 HOH B O   1 
HETATM 1330 O O   . HOH E 4 .   ? 19.516  -6.254  1.770   1.00 53.39 ? 154 HOH B O   1 
HETATM 1331 O O   . HOH E 4 .   ? 22.565  -7.162  -2.921  1.00 34.50 ? 155 HOH B O   1 
HETATM 1332 O O   . HOH E 4 .   ? 22.432  -11.722 1.773   1.00 32.80 ? 156 HOH B O   1 
# 
loop_
_pdbx_poly_seq_scheme.asym_id 
_pdbx_poly_seq_scheme.entity_id 
_pdbx_poly_seq_scheme.seq_id 
_pdbx_poly_seq_scheme.mon_id 
_pdbx_poly_seq_scheme.ndb_seq_num 
_pdbx_poly_seq_scheme.pdb_seq_num 
_pdbx_poly_seq_scheme.auth_seq_num 
_pdbx_poly_seq_scheme.pdb_mon_id 
_pdbx_poly_seq_scheme.auth_mon_id 
_pdbx_poly_seq_scheme.pdb_strand_id 
_pdbx_poly_seq_scheme.pdb_ins_code 
_pdbx_poly_seq_scheme.hetero 
A 1 1   GLY 1   1   1   GLY GLY A . n 
A 1 2   VAL 2   2   2   VAL VAL A . n 
A 1 3   THR 3   3   3   THR THR A . n 
A 1 4   PHE 4   4   4   PHE PHE A . n 
A 1 5   ASP 5   5   5   ASP ASP A . n 
A 1 6   ASP 6   6   6   ASP ASP A . n 
A 1 7   GLY 7   7   7   GLY GLY A . n 
A 1 8   ALA 8   8   8   ALA ALA A . n 
A 1 9   TYR 9   9   9   TYR TYR A . n 
A 1 10  THR 10  10  10  THR THR A . n 
A 1 11  GLY 11  11  11  GLY GLY A . n 
A 1 12  ILE 12  12  12  ILE ILE A . n 
A 1 13  ARG 13  13  13  ARG ARG A . n 
A 1 14  GLU 14  14  14  GLU GLU A . n 
A 1 15  ILE 15  15  15  ILE ILE A . n 
A 1 16  ASN 16  16  16  ASN ASN A . n 
A 1 17  PHE 17  17  17  PHE PHE A . n 
A 1 18  GLU 18  18  18  GLU GLU A . n 
A 1 19  TYR 19  19  19  TYR TYR A . n 
A 1 20  ASN 20  20  20  ASN ASN A . n 
A 1 21  SER 21  21  21  SER SER A . n 
A 1 22  GLU 22  22  22  GLU GLU A . n 
A 1 23  THR 23  23  23  THR THR A . n 
A 1 24  ALA 24  24  24  ALA ALA A . n 
A 1 25  ILE 25  25  25  ILE ILE A . n 
A 1 26  GLY 26  26  26  GLY GLY A . n 
A 1 27  GLY 27  27  27  GLY GLY A . n 
A 1 28  LEU 28  28  28  LEU LEU A . n 
A 1 29  ARG 29  29  29  ARG ARG A . n 
A 1 30  VAL 30  30  30  VAL VAL A . n 
A 1 31  THR 31  31  31  THR THR A . n 
A 1 32  TYR 32  32  32  TYR TYR A . n 
A 1 33  ASP 33  33  33  ASP ASP A . n 
A 1 34  LEU 34  34  34  LEU LEU A . n 
A 1 35  ASN 35  35  35  ASN ASN A . n 
A 1 36  GLY 36  36  36  GLY GLY A . n 
A 1 37  MET 37  37  37  MET MET A . n 
A 1 38  PRO 38  38  38  PRO PRO A . n 
A 1 39  PHE 39  39  39  PHE PHE A . n 
A 1 40  VAL 40  40  40  VAL VAL A . n 
A 1 41  ALA 41  41  41  ALA ALA A . n 
A 1 42  GLU 42  42  42  GLU GLU A . n 
A 1 43  ASP 43  43  43  ASP ASP A . n 
A 1 44  HIS 44  44  44  HIS HIS A . n 
A 1 45  LYS 45  45  45  LYS LYS A . n 
A 1 46  SER 46  46  46  SER SER A . n 
A 1 47  PHE 47  47  47  PHE PHE A . n 
A 1 48  ILE 48  48  48  ILE ILE A . n 
A 1 49  THR 49  49  49  THR THR A . n 
A 1 50  GLY 50  50  50  GLY GLY A . n 
A 1 51  PHE 51  51  51  PHE PHE A . n 
A 1 52  LYS 52  52  52  LYS LYS A . n 
A 1 53  PRO 53  53  53  PRO PRO A . n 
A 1 54  VAL 54  54  54  VAL VAL A . n 
A 1 55  LYS 55  55  55  LYS LYS A . n 
A 1 56  ILE 56  56  56  ILE ILE A . n 
A 1 57  SER 57  57  57  SER SER A . n 
A 1 58  LEU 58  58  58  LEU LEU A . n 
A 1 59  GLU 59  59  59  GLU GLU A . n 
A 1 60  PHE 60  60  60  PHE PHE A . n 
A 1 61  PRO 61  61  61  PRO PRO A . n 
A 1 62  SER 62  62  62  SER SER A . n 
A 1 63  GLU 63  63  63  GLU GLU A . n 
A 1 64  TYR 64  64  64  TYR TYR A . n 
A 1 65  ILE 65  65  65  ILE ILE A . n 
A 1 66  VAL 66  66  66  VAL VAL A . n 
A 1 67  GLU 67  67  67  GLU GLU A . n 
A 1 68  VAL 68  68  68  VAL VAL A . n 
A 1 69  SER 69  69  69  SER SER A . n 
A 1 70  GLY 70  70  70  GLY GLY A . n 
A 1 71  TYR 71  71  71  TYR TYR A . n 
A 1 72  VAL 72  72  72  VAL VAL A . n 
A 1 73  GLY 73  73  73  GLY GLY A . n 
A 1 74  LYS 74  74  74  LYS LYS A . n 
A 1 75  VAL 75  75  75  VAL VAL A . n 
A 1 76  GLU 76  76  76  GLU GLU A . n 
A 1 77  GLY 77  77  77  GLY GLY A . n 
A 1 78  TYR 78  78  78  TYR TYR A . n 
A 1 79  THR 79  79  79  THR THR A . n 
A 1 80  VAL 80  80  80  VAL VAL A . n 
A 1 81  ILE 81  81  81  ILE ILE A . n 
A 1 82  ARG 82  82  82  ARG ARG A . n 
A 1 83  SER 83  83  83  SER SER A . n 
A 1 84  LEU 84  84  84  LEU LEU A . n 
A 1 85  THR 85  85  85  THR THR A . n 
A 1 86  PHE 86  86  86  PHE PHE A . n 
A 1 87  LYS 87  87  87  LYS LYS A . n 
A 1 88  THR 88  88  88  THR THR A . n 
A 1 89  ASN 89  89  89  ASN ASN A . n 
A 1 90  LYS 90  90  90  LYS LYS A . n 
A 1 91  GLN 91  91  91  GLN GLN A . n 
A 1 92  THR 92  92  92  THR THR A . n 
A 1 93  TYR 93  93  93  TYR TYR A . n 
A 1 94  GLY 94  94  94  GLY GLY A . n 
A 1 95  PRO 95  95  95  PRO PRO A . n 
A 1 96  TYR 96  96  96  TYR TYR A . n 
A 1 97  GLY 97  97  97  GLY GLY A . n 
A 1 98  VAL 98  98  98  VAL VAL A . n 
A 1 99  THR 99  99  99  THR THR A . n 
A 1 100 ASN 100 100 100 ASN ASN A . n 
A 1 101 GLY 101 101 101 GLY GLY A . n 
A 1 102 THR 102 102 102 THR THR A . n 
A 1 103 PRO 103 103 103 PRO PRO A . n 
A 1 104 PHE 104 104 104 PHE PHE A . n 
A 1 105 SER 105 105 105 SER SER A . n 
A 1 106 LEU 106 106 106 LEU LEU A . n 
A 1 107 PRO 107 107 107 PRO PRO A . n 
A 1 108 ILE 108 108 108 ILE ILE A . n 
A 1 109 GLU 109 109 109 GLU GLU A . n 
A 1 110 ASN 110 110 110 ASN ASN A . n 
A 1 111 GLY 111 111 111 GLY GLY A . n 
A 1 112 LEU 112 112 112 LEU LEU A . n 
A 1 113 ILE 113 113 113 ILE ILE A . n 
A 1 114 VAL 114 114 114 VAL VAL A . n 
A 1 115 GLY 115 115 115 GLY GLY A . n 
A 1 116 PHE 116 116 116 PHE PHE A . n 
A 1 117 LYS 117 117 117 LYS LYS A . n 
A 1 118 GLY 118 118 118 GLY GLY A . n 
A 1 119 SER 119 119 119 SER SER A . n 
A 1 120 ILE 120 120 120 ILE ILE A . n 
A 1 121 GLY 121 121 121 GLY GLY A . n 
A 1 122 TYR 122 122 122 TYR TYR A . n 
A 1 123 TRP 123 123 123 TRP TRP A . n 
A 1 124 LEU 124 124 124 LEU LEU A . n 
A 1 125 ASP 125 125 125 ASP ASP A . n 
A 1 126 TYR 126 126 126 TYR TYR A . n 
A 1 127 PHE 127 127 127 PHE PHE A . n 
A 1 128 SER 128 128 128 SER SER A . n 
A 1 129 ILE 129 129 129 ILE ILE A . n 
A 1 130 TYR 130 130 130 TYR TYR A . n 
A 1 131 LEU 131 131 131 LEU LEU A . n 
A 1 132 SER 132 132 132 SER SER A . n 
A 1 133 LEU 133 133 133 LEU LEU A . n 
B 2 1   ASN 1   3   3   ASN ASN B . n 
B 2 2   GLY 2   4   4   GLY GLY B . n 
B 2 3   LYS 3   5   5   LYS LYS B . n 
B 2 4   SER 4   6   6   SER SER B . n 
B 2 5   GLN 5   7   7   GLN GLN B . n 
B 2 6   SER 6   8   8   SER SER B . n 
B 2 7   ILE 7   9   9   ILE ILE B . n 
B 2 8   ILE 8   10  10  ILE ILE B . n 
B 2 9   VAL 9   11  11  VAL VAL B . n 
B 2 10  GLY 10  12  12  GLY GLY B . n 
B 2 11  PRO 11  13  13  PRO PRO B . n 
B 2 12  TRP 12  14  14  TRP TRP B . n 
B 2 13  GLY 13  15  15  GLY GLY B . n 
B 2 14  ASP 14  16  16  ASP ASP B . n 
# 
loop_
_pdbx_nonpoly_scheme.asym_id 
_pdbx_nonpoly_scheme.entity_id 
_pdbx_nonpoly_scheme.mon_id 
_pdbx_nonpoly_scheme.ndb_seq_num 
_pdbx_nonpoly_scheme.pdb_seq_num 
_pdbx_nonpoly_scheme.auth_seq_num 
_pdbx_nonpoly_scheme.pdb_mon_id 
_pdbx_nonpoly_scheme.auth_mon_id 
_pdbx_nonpoly_scheme.pdb_strand_id 
_pdbx_nonpoly_scheme.pdb_ins_code 
D 4 HOH 1   136 1   HOH HOH A . 
D 4 HOH 2   137 137 HOH HOH A . 
D 4 HOH 3   138 138 HOH HOH A . 
D 4 HOH 4   139 139 HOH HOH A . 
D 4 HOH 5   140 140 HOH HOH A . 
D 4 HOH 6   141 141 HOH HOH A . 
D 4 HOH 7   142 142 HOH HOH A . 
D 4 HOH 8   143 143 HOH HOH A . 
D 4 HOH 9   144 144 HOH HOH A . 
D 4 HOH 10  145 145 HOH HOH A . 
D 4 HOH 11  146 146 HOH HOH A . 
D 4 HOH 12  147 147 HOH HOH A . 
D 4 HOH 13  148 148 HOH HOH A . 
D 4 HOH 14  149 149 HOH HOH A . 
D 4 HOH 15  150 150 HOH HOH A . 
D 4 HOH 16  151 151 HOH HOH A . 
D 4 HOH 17  152 2   HOH HOH A . 
D 4 HOH 18  153 3   HOH HOH A . 
D 4 HOH 19  154 4   HOH HOH A . 
D 4 HOH 20  155 5   HOH HOH A . 
D 4 HOH 21  156 7   HOH HOH A . 
D 4 HOH 22  157 157 HOH HOH A . 
D 4 HOH 23  158 8   HOH HOH A . 
D 4 HOH 24  159 9   HOH HOH A . 
D 4 HOH 25  160 10  HOH HOH A . 
D 4 HOH 26  161 11  HOH HOH A . 
D 4 HOH 27  162 12  HOH HOH A . 
D 4 HOH 28  163 13  HOH HOH A . 
D 4 HOH 29  164 14  HOH HOH A . 
D 4 HOH 30  165 15  HOH HOH A . 
D 4 HOH 31  166 16  HOH HOH A . 
D 4 HOH 32  167 17  HOH HOH A . 
D 4 HOH 33  168 18  HOH HOH A . 
D 4 HOH 34  169 19  HOH HOH A . 
D 4 HOH 35  170 20  HOH HOH A . 
D 4 HOH 36  171 21  HOH HOH A . 
D 4 HOH 37  172 22  HOH HOH A . 
D 4 HOH 38  173 23  HOH HOH A . 
D 4 HOH 39  174 24  HOH HOH A . 
D 4 HOH 40  175 25  HOH HOH A . 
D 4 HOH 41  176 26  HOH HOH A . 
D 4 HOH 42  177 27  HOH HOH A . 
D 4 HOH 43  178 28  HOH HOH A . 
D 4 HOH 44  179 30  HOH HOH A . 
D 4 HOH 45  180 31  HOH HOH A . 
D 4 HOH 46  181 32  HOH HOH A . 
D 4 HOH 47  182 33  HOH HOH A . 
D 4 HOH 48  183 34  HOH HOH A . 
D 4 HOH 49  184 35  HOH HOH A . 
D 4 HOH 50  185 36  HOH HOH A . 
D 4 HOH 51  186 37  HOH HOH A . 
D 4 HOH 52  187 38  HOH HOH A . 
D 4 HOH 53  188 39  HOH HOH A . 
D 4 HOH 54  189 40  HOH HOH A . 
D 4 HOH 55  190 41  HOH HOH A . 
D 4 HOH 56  191 42  HOH HOH A . 
D 4 HOH 57  192 43  HOH HOH A . 
D 4 HOH 58  193 45  HOH HOH A . 
D 4 HOH 59  194 46  HOH HOH A . 
D 4 HOH 60  195 47  HOH HOH A . 
D 4 HOH 61  196 49  HOH HOH A . 
D 4 HOH 62  197 50  HOH HOH A . 
D 4 HOH 63  198 51  HOH HOH A . 
D 4 HOH 64  199 52  HOH HOH A . 
D 4 HOH 65  200 53  HOH HOH A . 
D 4 HOH 66  201 54  HOH HOH A . 
D 4 HOH 67  202 55  HOH HOH A . 
D 4 HOH 68  203 56  HOH HOH A . 
D 4 HOH 69  204 57  HOH HOH A . 
D 4 HOH 70  205 58  HOH HOH A . 
D 4 HOH 71  206 59  HOH HOH A . 
D 4 HOH 72  207 60  HOH HOH A . 
D 4 HOH 73  208 61  HOH HOH A . 
D 4 HOH 74  209 62  HOH HOH A . 
D 4 HOH 75  210 63  HOH HOH A . 
D 4 HOH 76  211 64  HOH HOH A . 
D 4 HOH 77  212 65  HOH HOH A . 
D 4 HOH 78  213 67  HOH HOH A . 
D 4 HOH 79  214 68  HOH HOH A . 
D 4 HOH 80  215 69  HOH HOH A . 
D 4 HOH 81  216 70  HOH HOH A . 
D 4 HOH 82  217 71  HOH HOH A . 
D 4 HOH 83  218 72  HOH HOH A . 
D 4 HOH 84  219 73  HOH HOH A . 
D 4 HOH 85  220 75  HOH HOH A . 
D 4 HOH 86  221 76  HOH HOH A . 
D 4 HOH 87  222 77  HOH HOH A . 
D 4 HOH 88  223 78  HOH HOH A . 
D 4 HOH 89  224 79  HOH HOH A . 
D 4 HOH 90  225 81  HOH HOH A . 
D 4 HOH 91  226 82  HOH HOH A . 
D 4 HOH 92  227 84  HOH HOH A . 
D 4 HOH 93  228 85  HOH HOH A . 
D 4 HOH 94  229 86  HOH HOH A . 
D 4 HOH 95  230 87  HOH HOH A . 
D 4 HOH 96  231 89  HOH HOH A . 
D 4 HOH 97  232 90  HOH HOH A . 
D 4 HOH 98  233 91  HOH HOH A . 
D 4 HOH 99  234 92  HOH HOH A . 
D 4 HOH 100 235 93  HOH HOH A . 
D 4 HOH 101 236 94  HOH HOH A . 
D 4 HOH 102 237 95  HOH HOH A . 
D 4 HOH 103 238 96  HOH HOH A . 
D 4 HOH 104 239 97  HOH HOH A . 
D 4 HOH 105 240 98  HOH HOH A . 
D 4 HOH 106 241 99  HOH HOH A . 
D 4 HOH 107 242 100 HOH HOH A . 
D 4 HOH 108 243 101 HOH HOH A . 
D 4 HOH 109 244 102 HOH HOH A . 
D 4 HOH 110 245 103 HOH HOH A . 
D 4 HOH 111 246 104 HOH HOH A . 
D 4 HOH 112 247 105 HOH HOH A . 
D 4 HOH 113 248 106 HOH HOH A . 
D 4 HOH 114 249 107 HOH HOH A . 
D 4 HOH 115 250 108 HOH HOH A . 
D 4 HOH 116 251 109 HOH HOH A . 
D 4 HOH 117 252 110 HOH HOH A . 
D 4 HOH 118 253 111 HOH HOH A . 
D 4 HOH 119 254 112 HOH HOH A . 
D 4 HOH 120 255 113 HOH HOH A . 
D 4 HOH 121 256 114 HOH HOH A . 
D 4 HOH 122 257 115 HOH HOH A . 
D 4 HOH 123 258 116 HOH HOH A . 
D 4 HOH 124 259 118 HOH HOH A . 
D 4 HOH 125 260 119 HOH HOH A . 
D 4 HOH 126 261 120 HOH HOH A . 
D 4 HOH 127 262 121 HOH HOH A . 
D 4 HOH 128 263 122 HOH HOH A . 
D 4 HOH 129 264 123 HOH HOH A . 
D 4 HOH 130 265 125 HOH HOH A . 
D 4 HOH 131 266 127 HOH HOH A . 
D 4 HOH 132 267 128 HOH HOH A . 
D 4 HOH 133 268 130 HOH HOH A . 
D 4 HOH 134 269 131 HOH HOH A . 
D 4 HOH 135 270 133 HOH HOH A . 
D 4 HOH 136 271 134 HOH HOH A . 
D 4 HOH 137 272 135 HOH HOH A . 
D 4 HOH 138 273 132 HOH HOH A . 
E 4 HOH 1   17  6   HOH HOH B . 
E 4 HOH 2   29  29  HOH HOH B . 
E 4 HOH 3   44  44  HOH HOH B . 
E 4 HOH 4   48  48  HOH HOH B . 
E 4 HOH 5   66  66  HOH HOH B . 
E 4 HOH 6   74  74  HOH HOH B . 
E 4 HOH 7   80  80  HOH HOH B . 
E 4 HOH 8   83  83  HOH HOH B . 
E 4 HOH 9   88  88  HOH HOH B . 
E 4 HOH 10  117 117 HOH HOH B . 
E 4 HOH 11  124 124 HOH HOH B . 
E 4 HOH 12  136 136 HOH HOH B . 
E 4 HOH 13  152 152 HOH HOH B . 
E 4 HOH 14  153 153 HOH HOH B . 
E 4 HOH 15  154 154 HOH HOH B . 
E 4 HOH 16  155 155 HOH HOH B . 
E 4 HOH 17  156 156 HOH HOH B . 
# 
loop_
_pdbx_struct_assembly.id 
_pdbx_struct_assembly.details 
_pdbx_struct_assembly.method_details 
_pdbx_struct_assembly.oligomeric_details 
_pdbx_struct_assembly.oligomeric_count 
1 software_defined_assembly            PISA octameric 8 
2 author_and_software_defined_assembly PISA dimeric   2 
3 author_and_software_defined_assembly PISA dimeric   2 
# 
loop_
_pdbx_struct_assembly_gen.assembly_id 
_pdbx_struct_assembly_gen.oper_expression 
_pdbx_struct_assembly_gen.asym_id_list 
1 1,2,3,4 A,B,C,D,E 
2 1       A,B,C,D,E 
3 1       A,C,D     
3 4       B,E       
# 
loop_
_pdbx_struct_assembly_prop.biol_id 
_pdbx_struct_assembly_prop.type 
_pdbx_struct_assembly_prop.value 
_pdbx_struct_assembly_prop.details 
1 'ABSA (A^2)' 14280 ? 
1 MORE         -56   ? 
1 'SSA (A^2)'  23150 ? 
2 'ABSA (A^2)' 1560  ? 
2 MORE         -2    ? 
2 'SSA (A^2)'  7800  ? 
3 'ABSA (A^2)' 1380  ? 
3 MORE         2     ? 
3 'SSA (A^2)'  7980  ? 
# 
loop_
_pdbx_struct_oper_list.id 
_pdbx_struct_oper_list.type 
_pdbx_struct_oper_list.name 
_pdbx_struct_oper_list.symmetry_operation 
_pdbx_struct_oper_list.matrix[1][1] 
_pdbx_struct_oper_list.matrix[1][2] 
_pdbx_struct_oper_list.matrix[1][3] 
_pdbx_struct_oper_list.vector[1] 
_pdbx_struct_oper_list.matrix[2][1] 
_pdbx_struct_oper_list.matrix[2][2] 
_pdbx_struct_oper_list.matrix[2][3] 
_pdbx_struct_oper_list.vector[2] 
_pdbx_struct_oper_list.matrix[3][1] 
_pdbx_struct_oper_list.matrix[3][2] 
_pdbx_struct_oper_list.matrix[3][3] 
_pdbx_struct_oper_list.vector[3] 
1 'identity operation'         1_555  x,y,z     1.0000000000  0.0000000000  0.0000000000  0.0000000000  0.0000000000  1.0000000000  0.0000000000  0.0000000000   0.0000000000  0.0000000000  1.0000000000  0.0000000000   
2 'crystal symmetry operation' 4_555  -x,-y,z   -0.2769128406 0.3839605794  -0.8808482004 17.4156768452 0.3839605794  -0.7961162433 -0.4677319753 -30.8148503792 -0.8808482004 -0.4677319753 0.0730290839  0.8643538059   
3 'crystal symmetry operation' 8_555  x-y,-y,-z -0.1131668206 0.4081062911  0.9058932199  31.3671583369 0.4081062911  -0.8121960829 0.4168774136  -23.2772723067 0.9058932199  0.4168774136  -0.0746370964 -20.2207446579 
4 'crystal symmetry operation' 11_555 -x+y,y,-z -0.6099203388 -0.7920668705 -0.0250450195 17.6035595112 -0.7920668705 0.6083123262  0.0508545617  9.2182053316   -0.0250450195 0.0508545617  -0.9983919874 -17.3545290700 
# 
loop_
_pdbx_struct_special_symmetry.id 
_pdbx_struct_special_symmetry.PDB_model_num 
_pdbx_struct_special_symmetry.auth_asym_id 
_pdbx_struct_special_symmetry.auth_comp_id 
_pdbx_struct_special_symmetry.auth_seq_id 
_pdbx_struct_special_symmetry.PDB_ins_code 
_pdbx_struct_special_symmetry.label_asym_id 
_pdbx_struct_special_symmetry.label_comp_id 
_pdbx_struct_special_symmetry.label_seq_id 
1 1 A HOH 157 ? D HOH . 
2 1 A HOH 265 ? D HOH . 
# 
loop_
_pdbx_audit_revision_history.ordinal 
_pdbx_audit_revision_history.data_content_type 
_pdbx_audit_revision_history.major_revision 
_pdbx_audit_revision_history.minor_revision 
_pdbx_audit_revision_history.revision_date 
1 'Structure model' 1 0 2010-09-22 
2 'Structure model' 1 1 2011-07-13 
3 'Structure model' 2 0 2020-07-29 
4 'Structure model' 2 1 2023-09-06 
# 
loop_
_pdbx_audit_revision_details.ordinal 
_pdbx_audit_revision_details.revision_ordinal 
_pdbx_audit_revision_details.data_content_type 
_pdbx_audit_revision_details.provider 
_pdbx_audit_revision_details.type 
_pdbx_audit_revision_details.description 
_pdbx_audit_revision_details.details 
1 1 'Structure model' repository 'Initial release' ?                          ? 
2 3 'Structure model' repository Remediation       'Carbohydrate remediation' ? 
# 
loop_
_pdbx_audit_revision_group.ordinal 
_pdbx_audit_revision_group.revision_ordinal 
_pdbx_audit_revision_group.data_content_type 
_pdbx_audit_revision_group.group 
1  2 'Structure model' 'Version format compliance' 
2  3 'Structure model' Advisory                    
3  3 'Structure model' 'Atomic model'              
4  3 'Structure model' 'Data collection'           
5  3 'Structure model' 'Derived calculations'      
6  3 'Structure model' 'Structure summary'         
7  4 'Structure model' 'Data collection'           
8  4 'Structure model' 'Database references'       
9  4 'Structure model' 'Refinement description'    
10 4 'Structure model' 'Structure summary'         
# 
loop_
_pdbx_audit_revision_category.ordinal 
_pdbx_audit_revision_category.revision_ordinal 
_pdbx_audit_revision_category.data_content_type 
_pdbx_audit_revision_category.category 
1  3 'Structure model' atom_site                     
2  3 'Structure model' chem_comp                     
3  3 'Structure model' entity                        
4  3 'Structure model' pdbx_branch_scheme            
5  3 'Structure model' pdbx_chem_comp_identifier     
6  3 'Structure model' pdbx_entity_branch            
7  3 'Structure model' pdbx_entity_branch_descriptor 
8  3 'Structure model' pdbx_entity_branch_link       
9  3 'Structure model' pdbx_entity_branch_list       
10 3 'Structure model' pdbx_entity_nonpoly           
11 3 'Structure model' pdbx_nonpoly_scheme           
12 3 'Structure model' pdbx_struct_assembly_gen      
13 3 'Structure model' pdbx_struct_special_symmetry  
14 3 'Structure model' pdbx_validate_close_contact   
15 3 'Structure model' struct_asym                   
16 3 'Structure model' struct_conn                   
17 3 'Structure model' struct_site                   
18 3 'Structure model' struct_site_gen               
19 4 'Structure model' chem_comp                     
20 4 'Structure model' chem_comp_atom                
21 4 'Structure model' chem_comp_bond                
22 4 'Structure model' database_2                    
23 4 'Structure model' pdbx_initial_refinement_model 
# 
loop_
_pdbx_audit_revision_item.ordinal 
_pdbx_audit_revision_item.revision_ordinal 
_pdbx_audit_revision_item.data_content_type 
_pdbx_audit_revision_item.item 
1  3 'Structure model' '_atom_site.B_iso_or_equiv'                   
2  3 'Structure model' '_atom_site.Cartn_x'                          
3  3 'Structure model' '_atom_site.Cartn_y'                          
4  3 'Structure model' '_atom_site.Cartn_z'                          
5  3 'Structure model' '_atom_site.auth_asym_id'                     
6  3 'Structure model' '_atom_site.auth_atom_id'                     
7  3 'Structure model' '_atom_site.auth_comp_id'                     
8  3 'Structure model' '_atom_site.auth_seq_id'                      
9  3 'Structure model' '_atom_site.label_asym_id'                    
10 3 'Structure model' '_atom_site.label_atom_id'                    
11 3 'Structure model' '_atom_site.label_comp_id'                    
12 3 'Structure model' '_atom_site.label_entity_id'                  
13 3 'Structure model' '_atom_site.type_symbol'                      
14 3 'Structure model' '_chem_comp.name'                             
15 3 'Structure model' '_chem_comp.type'                             
16 3 'Structure model' '_pdbx_struct_assembly_gen.asym_id_list'      
17 3 'Structure model' '_pdbx_struct_special_symmetry.label_asym_id' 
18 3 'Structure model' '_pdbx_validate_close_contact.auth_asym_id_1' 
19 3 'Structure model' '_pdbx_validate_close_contact.auth_asym_id_2' 
20 3 'Structure model' '_pdbx_validate_close_contact.auth_atom_id_1' 
21 3 'Structure model' '_pdbx_validate_close_contact.auth_atom_id_2' 
22 3 'Structure model' '_pdbx_validate_close_contact.auth_comp_id_1' 
23 3 'Structure model' '_pdbx_validate_close_contact.auth_comp_id_2' 
24 3 'Structure model' '_pdbx_validate_close_contact.auth_seq_id_1'  
25 3 'Structure model' '_pdbx_validate_close_contact.auth_seq_id_2'  
26 3 'Structure model' '_struct_conn.pdbx_leaving_atom_flag'         
27 3 'Structure model' '_struct_conn.ptnr1_auth_asym_id'             
28 3 'Structure model' '_struct_conn.ptnr1_auth_comp_id'             
29 3 'Structure model' '_struct_conn.ptnr1_auth_seq_id'              
30 3 'Structure model' '_struct_conn.ptnr1_label_atom_id'            
31 3 'Structure model' '_struct_conn.ptnr1_label_comp_id'            
32 3 'Structure model' '_struct_conn.ptnr2_auth_asym_id'             
33 3 'Structure model' '_struct_conn.ptnr2_auth_comp_id'             
34 3 'Structure model' '_struct_conn.ptnr2_auth_seq_id'              
35 3 'Structure model' '_struct_conn.ptnr2_label_asym_id'            
36 3 'Structure model' '_struct_conn.ptnr2_label_atom_id'            
37 3 'Structure model' '_struct_conn.ptnr2_label_comp_id'            
38 4 'Structure model' '_chem_comp.pdbx_synonyms'                    
39 4 'Structure model' '_database_2.pdbx_DOI'                        
40 4 'Structure model' '_database_2.pdbx_database_accession'         
# 
loop_
_software.pdbx_ordinal 
_software.name 
_software.version 
_software.date 
_software.type 
_software.contact_author 
_software.contact_author_email 
_software.classification 
_software.location 
_software.language 
_software.citation_id 
1 CNS         .     ?               package 'Axel T. Brunger' axel.brunger@yale.edu refinement        http://cns-online.org/ 
Fortran_77 ? 
2 PDB_EXTRACT 3.005 'June 11, 2008' package PDB               help@deposit.rcsb.org 'data extraction' 
http://sw-tools.pdb.org/apps/PDB_EXTRACT/ C++        ? 
3 APEX        .     ?               ?       ?                 ?                     'data collection' ? ?          ? 
4 HKL-2000    .     ?               ?       ?                 ?                     'data reduction'  ? ?          ? 
5 HKL-2000    .     ?               ?       ?                 ?                     'data scaling'    ? ?          ? 
6 AMoRE       .     ?               ?       ?                 ?                     phasing           ? ?          ? 
# 
_pdbx_validate_close_contact.id               1 
_pdbx_validate_close_contact.PDB_model_num    1 
_pdbx_validate_close_contact.auth_atom_id_1   O3 
_pdbx_validate_close_contact.auth_asym_id_1   C 
_pdbx_validate_close_contact.auth_comp_id_1   NGA 
_pdbx_validate_close_contact.auth_seq_id_1    1 
_pdbx_validate_close_contact.PDB_ins_code_1   ? 
_pdbx_validate_close_contact.label_alt_id_1   ? 
_pdbx_validate_close_contact.auth_atom_id_2   C2 
_pdbx_validate_close_contact.auth_asym_id_2   C 
_pdbx_validate_close_contact.auth_comp_id_2   GAL 
_pdbx_validate_close_contact.auth_seq_id_2    2 
_pdbx_validate_close_contact.PDB_ins_code_2   ? 
_pdbx_validate_close_contact.label_alt_id_2   ? 
_pdbx_validate_close_contact.dist             1.94 
# 
loop_
_pdbx_validate_torsion.id 
_pdbx_validate_torsion.PDB_model_num 
_pdbx_validate_torsion.auth_comp_id 
_pdbx_validate_torsion.auth_asym_id 
_pdbx_validate_torsion.auth_seq_id 
_pdbx_validate_torsion.PDB_ins_code 
_pdbx_validate_torsion.label_alt_id 
_pdbx_validate_torsion.phi 
_pdbx_validate_torsion.psi 
1 1 TYR A 9  ? ? -136.17 -159.29 
2 1 THR A 23 ? ? -116.37 -94.38  
3 1 ALA A 24 ? ? -160.60 -168.71 
4 1 THR A 49 ? ? -117.14 -166.12 
# 
loop_
_chem_comp_atom.comp_id 
_chem_comp_atom.atom_id 
_chem_comp_atom.type_symbol 
_chem_comp_atom.pdbx_aromatic_flag 
_chem_comp_atom.pdbx_stereo_config 
_chem_comp_atom.pdbx_ordinal 
ALA N    N N N 1   
ALA CA   C N S 2   
ALA C    C N N 3   
ALA O    O N N 4   
ALA CB   C N N 5   
ALA OXT  O N N 6   
ALA H    H N N 7   
ALA H2   H N N 8   
ALA HA   H N N 9   
ALA HB1  H N N 10  
ALA HB2  H N N 11  
ALA HB3  H N N 12  
ALA HXT  H N N 13  
ARG N    N N N 14  
ARG CA   C N S 15  
ARG C    C N N 16  
ARG O    O N N 17  
ARG CB   C N N 18  
ARG CG   C N N 19  
ARG CD   C N N 20  
ARG NE   N N N 21  
ARG CZ   C N N 22  
ARG NH1  N N N 23  
ARG NH2  N N N 24  
ARG OXT  O N N 25  
ARG H    H N N 26  
ARG H2   H N N 27  
ARG HA   H N N 28  
ARG HB2  H N N 29  
ARG HB3  H N N 30  
ARG HG2  H N N 31  
ARG HG3  H N N 32  
ARG HD2  H N N 33  
ARG HD3  H N N 34  
ARG HE   H N N 35  
ARG HH11 H N N 36  
ARG HH12 H N N 37  
ARG HH21 H N N 38  
ARG HH22 H N N 39  
ARG HXT  H N N 40  
ASN N    N N N 41  
ASN CA   C N S 42  
ASN C    C N N 43  
ASN O    O N N 44  
ASN CB   C N N 45  
ASN CG   C N N 46  
ASN OD1  O N N 47  
ASN ND2  N N N 48  
ASN OXT  O N N 49  
ASN H    H N N 50  
ASN H2   H N N 51  
ASN HA   H N N 52  
ASN HB2  H N N 53  
ASN HB3  H N N 54  
ASN HD21 H N N 55  
ASN HD22 H N N 56  
ASN HXT  H N N 57  
ASP N    N N N 58  
ASP CA   C N S 59  
ASP C    C N N 60  
ASP O    O N N 61  
ASP CB   C N N 62  
ASP CG   C N N 63  
ASP OD1  O N N 64  
ASP OD2  O N N 65  
ASP OXT  O N N 66  
ASP H    H N N 67  
ASP H2   H N N 68  
ASP HA   H N N 69  
ASP HB2  H N N 70  
ASP HB3  H N N 71  
ASP HD2  H N N 72  
ASP HXT  H N N 73  
GAL C1   C N R 74  
GAL C2   C N R 75  
GAL C3   C N S 76  
GAL C4   C N R 77  
GAL C5   C N R 78  
GAL C6   C N N 79  
GAL O1   O N N 80  
GAL O2   O N N 81  
GAL O3   O N N 82  
GAL O4   O N N 83  
GAL O5   O N N 84  
GAL O6   O N N 85  
GAL H1   H N N 86  
GAL H2   H N N 87  
GAL H3   H N N 88  
GAL H4   H N N 89  
GAL H5   H N N 90  
GAL H61  H N N 91  
GAL H62  H N N 92  
GAL HO1  H N N 93  
GAL HO2  H N N 94  
GAL HO3  H N N 95  
GAL HO4  H N N 96  
GAL HO6  H N N 97  
GLN N    N N N 98  
GLN CA   C N S 99  
GLN C    C N N 100 
GLN O    O N N 101 
GLN CB   C N N 102 
GLN CG   C N N 103 
GLN CD   C N N 104 
GLN OE1  O N N 105 
GLN NE2  N N N 106 
GLN OXT  O N N 107 
GLN H    H N N 108 
GLN H2   H N N 109 
GLN HA   H N N 110 
GLN HB2  H N N 111 
GLN HB3  H N N 112 
GLN HG2  H N N 113 
GLN HG3  H N N 114 
GLN HE21 H N N 115 
GLN HE22 H N N 116 
GLN HXT  H N N 117 
GLU N    N N N 118 
GLU CA   C N S 119 
GLU C    C N N 120 
GLU O    O N N 121 
GLU CB   C N N 122 
GLU CG   C N N 123 
GLU CD   C N N 124 
GLU OE1  O N N 125 
GLU OE2  O N N 126 
GLU OXT  O N N 127 
GLU H    H N N 128 
GLU H2   H N N 129 
GLU HA   H N N 130 
GLU HB2  H N N 131 
GLU HB3  H N N 132 
GLU HG2  H N N 133 
GLU HG3  H N N 134 
GLU HE2  H N N 135 
GLU HXT  H N N 136 
GLY N    N N N 137 
GLY CA   C N N 138 
GLY C    C N N 139 
GLY O    O N N 140 
GLY OXT  O N N 141 
GLY H    H N N 142 
GLY H2   H N N 143 
GLY HA2  H N N 144 
GLY HA3  H N N 145 
GLY HXT  H N N 146 
HIS N    N N N 147 
HIS CA   C N S 148 
HIS C    C N N 149 
HIS O    O N N 150 
HIS CB   C N N 151 
HIS CG   C Y N 152 
HIS ND1  N Y N 153 
HIS CD2  C Y N 154 
HIS CE1  C Y N 155 
HIS NE2  N Y N 156 
HIS OXT  O N N 157 
HIS H    H N N 158 
HIS H2   H N N 159 
HIS HA   H N N 160 
HIS HB2  H N N 161 
HIS HB3  H N N 162 
HIS HD1  H N N 163 
HIS HD2  H N N 164 
HIS HE1  H N N 165 
HIS HE2  H N N 166 
HIS HXT  H N N 167 
HOH O    O N N 168 
HOH H1   H N N 169 
HOH H2   H N N 170 
ILE N    N N N 171 
ILE CA   C N S 172 
ILE C    C N N 173 
ILE O    O N N 174 
ILE CB   C N S 175 
ILE CG1  C N N 176 
ILE CG2  C N N 177 
ILE CD1  C N N 178 
ILE OXT  O N N 179 
ILE H    H N N 180 
ILE H2   H N N 181 
ILE HA   H N N 182 
ILE HB   H N N 183 
ILE HG12 H N N 184 
ILE HG13 H N N 185 
ILE HG21 H N N 186 
ILE HG22 H N N 187 
ILE HG23 H N N 188 
ILE HD11 H N N 189 
ILE HD12 H N N 190 
ILE HD13 H N N 191 
ILE HXT  H N N 192 
LEU N    N N N 193 
LEU CA   C N S 194 
LEU C    C N N 195 
LEU O    O N N 196 
LEU CB   C N N 197 
LEU CG   C N N 198 
LEU CD1  C N N 199 
LEU CD2  C N N 200 
LEU OXT  O N N 201 
LEU H    H N N 202 
LEU H2   H N N 203 
LEU HA   H N N 204 
LEU HB2  H N N 205 
LEU HB3  H N N 206 
LEU HG   H N N 207 
LEU HD11 H N N 208 
LEU HD12 H N N 209 
LEU HD13 H N N 210 
LEU HD21 H N N 211 
LEU HD22 H N N 212 
LEU HD23 H N N 213 
LEU HXT  H N N 214 
LYS N    N N N 215 
LYS CA   C N S 216 
LYS C    C N N 217 
LYS O    O N N 218 
LYS CB   C N N 219 
LYS CG   C N N 220 
LYS CD   C N N 221 
LYS CE   C N N 222 
LYS NZ   N N N 223 
LYS OXT  O N N 224 
LYS H    H N N 225 
LYS H2   H N N 226 
LYS HA   H N N 227 
LYS HB2  H N N 228 
LYS HB3  H N N 229 
LYS HG2  H N N 230 
LYS HG3  H N N 231 
LYS HD2  H N N 232 
LYS HD3  H N N 233 
LYS HE2  H N N 234 
LYS HE3  H N N 235 
LYS HZ1  H N N 236 
LYS HZ2  H N N 237 
LYS HZ3  H N N 238 
LYS HXT  H N N 239 
MET N    N N N 240 
MET CA   C N S 241 
MET C    C N N 242 
MET O    O N N 243 
MET CB   C N N 244 
MET CG   C N N 245 
MET SD   S N N 246 
MET CE   C N N 247 
MET OXT  O N N 248 
MET H    H N N 249 
MET H2   H N N 250 
MET HA   H N N 251 
MET HB2  H N N 252 
MET HB3  H N N 253 
MET HG2  H N N 254 
MET HG3  H N N 255 
MET HE1  H N N 256 
MET HE2  H N N 257 
MET HE3  H N N 258 
MET HXT  H N N 259 
NGA C1   C N R 260 
NGA C2   C N R 261 
NGA C3   C N R 262 
NGA C4   C N R 263 
NGA C5   C N R 264 
NGA C6   C N N 265 
NGA C7   C N N 266 
NGA C8   C N N 267 
NGA N2   N N N 268 
NGA O1   O N N 269 
NGA O3   O N N 270 
NGA O4   O N N 271 
NGA O5   O N N 272 
NGA O6   O N N 273 
NGA O7   O N N 274 
NGA H1   H N N 275 
NGA H2   H N N 276 
NGA H3   H N N 277 
NGA H4   H N N 278 
NGA H5   H N N 279 
NGA H61  H N N 280 
NGA H62  H N N 281 
NGA H81  H N N 282 
NGA H82  H N N 283 
NGA H83  H N N 284 
NGA HN2  H N N 285 
NGA HO1  H N N 286 
NGA HO3  H N N 287 
NGA HO4  H N N 288 
NGA HO6  H N N 289 
PHE N    N N N 290 
PHE CA   C N S 291 
PHE C    C N N 292 
PHE O    O N N 293 
PHE CB   C N N 294 
PHE CG   C Y N 295 
PHE CD1  C Y N 296 
PHE CD2  C Y N 297 
PHE CE1  C Y N 298 
PHE CE2  C Y N 299 
PHE CZ   C Y N 300 
PHE OXT  O N N 301 
PHE H    H N N 302 
PHE H2   H N N 303 
PHE HA   H N N 304 
PHE HB2  H N N 305 
PHE HB3  H N N 306 
PHE HD1  H N N 307 
PHE HD2  H N N 308 
PHE HE1  H N N 309 
PHE HE2  H N N 310 
PHE HZ   H N N 311 
PHE HXT  H N N 312 
PRO N    N N N 313 
PRO CA   C N S 314 
PRO C    C N N 315 
PRO O    O N N 316 
PRO CB   C N N 317 
PRO CG   C N N 318 
PRO CD   C N N 319 
PRO OXT  O N N 320 
PRO H    H N N 321 
PRO HA   H N N 322 
PRO HB2  H N N 323 
PRO HB3  H N N 324 
PRO HG2  H N N 325 
PRO HG3  H N N 326 
PRO HD2  H N N 327 
PRO HD3  H N N 328 
PRO HXT  H N N 329 
SER N    N N N 330 
SER CA   C N S 331 
SER C    C N N 332 
SER O    O N N 333 
SER CB   C N N 334 
SER OG   O N N 335 
SER OXT  O N N 336 
SER H    H N N 337 
SER H2   H N N 338 
SER HA   H N N 339 
SER HB2  H N N 340 
SER HB3  H N N 341 
SER HG   H N N 342 
SER HXT  H N N 343 
THR N    N N N 344 
THR CA   C N S 345 
THR C    C N N 346 
THR O    O N N 347 
THR CB   C N R 348 
THR OG1  O N N 349 
THR CG2  C N N 350 
THR OXT  O N N 351 
THR H    H N N 352 
THR H2   H N N 353 
THR HA   H N N 354 
THR HB   H N N 355 
THR HG1  H N N 356 
THR HG21 H N N 357 
THR HG22 H N N 358 
THR HG23 H N N 359 
THR HXT  H N N 360 
TRP N    N N N 361 
TRP CA   C N S 362 
TRP C    C N N 363 
TRP O    O N N 364 
TRP CB   C N N 365 
TRP CG   C Y N 366 
TRP CD1  C Y N 367 
TRP CD2  C Y N 368 
TRP NE1  N Y N 369 
TRP CE2  C Y N 370 
TRP CE3  C Y N 371 
TRP CZ2  C Y N 372 
TRP CZ3  C Y N 373 
TRP CH2  C Y N 374 
TRP OXT  O N N 375 
TRP H    H N N 376 
TRP H2   H N N 377 
TRP HA   H N N 378 
TRP HB2  H N N 379 
TRP HB3  H N N 380 
TRP HD1  H N N 381 
TRP HE1  H N N 382 
TRP HE3  H N N 383 
TRP HZ2  H N N 384 
TRP HZ3  H N N 385 
TRP HH2  H N N 386 
TRP HXT  H N N 387 
TYR N    N N N 388 
TYR CA   C N S 389 
TYR C    C N N 390 
TYR O    O N N 391 
TYR CB   C N N 392 
TYR CG   C Y N 393 
TYR CD1  C Y N 394 
TYR CD2  C Y N 395 
TYR CE1  C Y N 396 
TYR CE2  C Y N 397 
TYR CZ   C Y N 398 
TYR OH   O N N 399 
TYR OXT  O N N 400 
TYR H    H N N 401 
TYR H2   H N N 402 
TYR HA   H N N 403 
TYR HB2  H N N 404 
TYR HB3  H N N 405 
TYR HD1  H N N 406 
TYR HD2  H N N 407 
TYR HE1  H N N 408 
TYR HE2  H N N 409 
TYR HH   H N N 410 
TYR HXT  H N N 411 
VAL N    N N N 412 
VAL CA   C N S 413 
VAL C    C N N 414 
VAL O    O N N 415 
VAL CB   C N N 416 
VAL CG1  C N N 417 
VAL CG2  C N N 418 
VAL OXT  O N N 419 
VAL H    H N N 420 
VAL H2   H N N 421 
VAL HA   H N N 422 
VAL HB   H N N 423 
VAL HG11 H N N 424 
VAL HG12 H N N 425 
VAL HG13 H N N 426 
VAL HG21 H N N 427 
VAL HG22 H N N 428 
VAL HG23 H N N 429 
VAL HXT  H N N 430 
# 
loop_
_chem_comp_bond.comp_id 
_chem_comp_bond.atom_id_1 
_chem_comp_bond.atom_id_2 
_chem_comp_bond.value_order 
_chem_comp_bond.pdbx_aromatic_flag 
_chem_comp_bond.pdbx_stereo_config 
_chem_comp_bond.pdbx_ordinal 
ALA N   CA   sing N N 1   
ALA N   H    sing N N 2   
ALA N   H2   sing N N 3   
ALA CA  C    sing N N 4   
ALA CA  CB   sing N N 5   
ALA CA  HA   sing N N 6   
ALA C   O    doub N N 7   
ALA C   OXT  sing N N 8   
ALA CB  HB1  sing N N 9   
ALA CB  HB2  sing N N 10  
ALA CB  HB3  sing N N 11  
ALA OXT HXT  sing N N 12  
ARG N   CA   sing N N 13  
ARG N   H    sing N N 14  
ARG N   H2   sing N N 15  
ARG CA  C    sing N N 16  
ARG CA  CB   sing N N 17  
ARG CA  HA   sing N N 18  
ARG C   O    doub N N 19  
ARG C   OXT  sing N N 20  
ARG CB  CG   sing N N 21  
ARG CB  HB2  sing N N 22  
ARG CB  HB3  sing N N 23  
ARG CG  CD   sing N N 24  
ARG CG  HG2  sing N N 25  
ARG CG  HG3  sing N N 26  
ARG CD  NE   sing N N 27  
ARG CD  HD2  sing N N 28  
ARG CD  HD3  sing N N 29  
ARG NE  CZ   sing N N 30  
ARG NE  HE   sing N N 31  
ARG CZ  NH1  sing N N 32  
ARG CZ  NH2  doub N N 33  
ARG NH1 HH11 sing N N 34  
ARG NH1 HH12 sing N N 35  
ARG NH2 HH21 sing N N 36  
ARG NH2 HH22 sing N N 37  
ARG OXT HXT  sing N N 38  
ASN N   CA   sing N N 39  
ASN N   H    sing N N 40  
ASN N   H2   sing N N 41  
ASN CA  C    sing N N 42  
ASN CA  CB   sing N N 43  
ASN CA  HA   sing N N 44  
ASN C   O    doub N N 45  
ASN C   OXT  sing N N 46  
ASN CB  CG   sing N N 47  
ASN CB  HB2  sing N N 48  
ASN CB  HB3  sing N N 49  
ASN CG  OD1  doub N N 50  
ASN CG  ND2  sing N N 51  
ASN ND2 HD21 sing N N 52  
ASN ND2 HD22 sing N N 53  
ASN OXT HXT  sing N N 54  
ASP N   CA   sing N N 55  
ASP N   H    sing N N 56  
ASP N   H2   sing N N 57  
ASP CA  C    sing N N 58  
ASP CA  CB   sing N N 59  
ASP CA  HA   sing N N 60  
ASP C   O    doub N N 61  
ASP C   OXT  sing N N 62  
ASP CB  CG   sing N N 63  
ASP CB  HB2  sing N N 64  
ASP CB  HB3  sing N N 65  
ASP CG  OD1  doub N N 66  
ASP CG  OD2  sing N N 67  
ASP OD2 HD2  sing N N 68  
ASP OXT HXT  sing N N 69  
GAL C1  C2   sing N N 70  
GAL C1  O1   sing N N 71  
GAL C1  O5   sing N N 72  
GAL C1  H1   sing N N 73  
GAL C2  C3   sing N N 74  
GAL C2  O2   sing N N 75  
GAL C2  H2   sing N N 76  
GAL C3  C4   sing N N 77  
GAL C3  O3   sing N N 78  
GAL C3  H3   sing N N 79  
GAL C4  C5   sing N N 80  
GAL C4  O4   sing N N 81  
GAL C4  H4   sing N N 82  
GAL C5  C6   sing N N 83  
GAL C5  O5   sing N N 84  
GAL C5  H5   sing N N 85  
GAL C6  O6   sing N N 86  
GAL C6  H61  sing N N 87  
GAL C6  H62  sing N N 88  
GAL O1  HO1  sing N N 89  
GAL O2  HO2  sing N N 90  
GAL O3  HO3  sing N N 91  
GAL O4  HO4  sing N N 92  
GAL O6  HO6  sing N N 93  
GLN N   CA   sing N N 94  
GLN N   H    sing N N 95  
GLN N   H2   sing N N 96  
GLN CA  C    sing N N 97  
GLN CA  CB   sing N N 98  
GLN CA  HA   sing N N 99  
GLN C   O    doub N N 100 
GLN C   OXT  sing N N 101 
GLN CB  CG   sing N N 102 
GLN CB  HB2  sing N N 103 
GLN CB  HB3  sing N N 104 
GLN CG  CD   sing N N 105 
GLN CG  HG2  sing N N 106 
GLN CG  HG3  sing N N 107 
GLN CD  OE1  doub N N 108 
GLN CD  NE2  sing N N 109 
GLN NE2 HE21 sing N N 110 
GLN NE2 HE22 sing N N 111 
GLN OXT HXT  sing N N 112 
GLU N   CA   sing N N 113 
GLU N   H    sing N N 114 
GLU N   H2   sing N N 115 
GLU CA  C    sing N N 116 
GLU CA  CB   sing N N 117 
GLU CA  HA   sing N N 118 
GLU C   O    doub N N 119 
GLU C   OXT  sing N N 120 
GLU CB  CG   sing N N 121 
GLU CB  HB2  sing N N 122 
GLU CB  HB3  sing N N 123 
GLU CG  CD   sing N N 124 
GLU CG  HG2  sing N N 125 
GLU CG  HG3  sing N N 126 
GLU CD  OE1  doub N N 127 
GLU CD  OE2  sing N N 128 
GLU OE2 HE2  sing N N 129 
GLU OXT HXT  sing N N 130 
GLY N   CA   sing N N 131 
GLY N   H    sing N N 132 
GLY N   H2   sing N N 133 
GLY CA  C    sing N N 134 
GLY CA  HA2  sing N N 135 
GLY CA  HA3  sing N N 136 
GLY C   O    doub N N 137 
GLY C   OXT  sing N N 138 
GLY OXT HXT  sing N N 139 
HIS N   CA   sing N N 140 
HIS N   H    sing N N 141 
HIS N   H2   sing N N 142 
HIS CA  C    sing N N 143 
HIS CA  CB   sing N N 144 
HIS CA  HA   sing N N 145 
HIS C   O    doub N N 146 
HIS C   OXT  sing N N 147 
HIS CB  CG   sing N N 148 
HIS CB  HB2  sing N N 149 
HIS CB  HB3  sing N N 150 
HIS CG  ND1  sing Y N 151 
HIS CG  CD2  doub Y N 152 
HIS ND1 CE1  doub Y N 153 
HIS ND1 HD1  sing N N 154 
HIS CD2 NE2  sing Y N 155 
HIS CD2 HD2  sing N N 156 
HIS CE1 NE2  sing Y N 157 
HIS CE1 HE1  sing N N 158 
HIS NE2 HE2  sing N N 159 
HIS OXT HXT  sing N N 160 
HOH O   H1   sing N N 161 
HOH O   H2   sing N N 162 
ILE N   CA   sing N N 163 
ILE N   H    sing N N 164 
ILE N   H2   sing N N 165 
ILE CA  C    sing N N 166 
ILE CA  CB   sing N N 167 
ILE CA  HA   sing N N 168 
ILE C   O    doub N N 169 
ILE C   OXT  sing N N 170 
ILE CB  CG1  sing N N 171 
ILE CB  CG2  sing N N 172 
ILE CB  HB   sing N N 173 
ILE CG1 CD1  sing N N 174 
ILE CG1 HG12 sing N N 175 
ILE CG1 HG13 sing N N 176 
ILE CG2 HG21 sing N N 177 
ILE CG2 HG22 sing N N 178 
ILE CG2 HG23 sing N N 179 
ILE CD1 HD11 sing N N 180 
ILE CD1 HD12 sing N N 181 
ILE CD1 HD13 sing N N 182 
ILE OXT HXT  sing N N 183 
LEU N   CA   sing N N 184 
LEU N   H    sing N N 185 
LEU N   H2   sing N N 186 
LEU CA  C    sing N N 187 
LEU CA  CB   sing N N 188 
LEU CA  HA   sing N N 189 
LEU C   O    doub N N 190 
LEU C   OXT  sing N N 191 
LEU CB  CG   sing N N 192 
LEU CB  HB2  sing N N 193 
LEU CB  HB3  sing N N 194 
LEU CG  CD1  sing N N 195 
LEU CG  CD2  sing N N 196 
LEU CG  HG   sing N N 197 
LEU CD1 HD11 sing N N 198 
LEU CD1 HD12 sing N N 199 
LEU CD1 HD13 sing N N 200 
LEU CD2 HD21 sing N N 201 
LEU CD2 HD22 sing N N 202 
LEU CD2 HD23 sing N N 203 
LEU OXT HXT  sing N N 204 
LYS N   CA   sing N N 205 
LYS N   H    sing N N 206 
LYS N   H2   sing N N 207 
LYS CA  C    sing N N 208 
LYS CA  CB   sing N N 209 
LYS CA  HA   sing N N 210 
LYS C   O    doub N N 211 
LYS C   OXT  sing N N 212 
LYS CB  CG   sing N N 213 
LYS CB  HB2  sing N N 214 
LYS CB  HB3  sing N N 215 
LYS CG  CD   sing N N 216 
LYS CG  HG2  sing N N 217 
LYS CG  HG3  sing N N 218 
LYS CD  CE   sing N N 219 
LYS CD  HD2  sing N N 220 
LYS CD  HD3  sing N N 221 
LYS CE  NZ   sing N N 222 
LYS CE  HE2  sing N N 223 
LYS CE  HE3  sing N N 224 
LYS NZ  HZ1  sing N N 225 
LYS NZ  HZ2  sing N N 226 
LYS NZ  HZ3  sing N N 227 
LYS OXT HXT  sing N N 228 
MET N   CA   sing N N 229 
MET N   H    sing N N 230 
MET N   H2   sing N N 231 
MET CA  C    sing N N 232 
MET CA  CB   sing N N 233 
MET CA  HA   sing N N 234 
MET C   O    doub N N 235 
MET C   OXT  sing N N 236 
MET CB  CG   sing N N 237 
MET CB  HB2  sing N N 238 
MET CB  HB3  sing N N 239 
MET CG  SD   sing N N 240 
MET CG  HG2  sing N N 241 
MET CG  HG3  sing N N 242 
MET SD  CE   sing N N 243 
MET CE  HE1  sing N N 244 
MET CE  HE2  sing N N 245 
MET CE  HE3  sing N N 246 
MET OXT HXT  sing N N 247 
NGA C1  C2   sing N N 248 
NGA C1  O1   sing N N 249 
NGA C1  O5   sing N N 250 
NGA C1  H1   sing N N 251 
NGA C2  C3   sing N N 252 
NGA C2  N2   sing N N 253 
NGA C2  H2   sing N N 254 
NGA C3  C4   sing N N 255 
NGA C3  O3   sing N N 256 
NGA C3  H3   sing N N 257 
NGA C4  C5   sing N N 258 
NGA C4  O4   sing N N 259 
NGA C4  H4   sing N N 260 
NGA C5  C6   sing N N 261 
NGA C5  O5   sing N N 262 
NGA C5  H5   sing N N 263 
NGA C6  O6   sing N N 264 
NGA C6  H61  sing N N 265 
NGA C6  H62  sing N N 266 
NGA C7  C8   sing N N 267 
NGA C7  N2   sing N N 268 
NGA C7  O7   doub N N 269 
NGA C8  H81  sing N N 270 
NGA C8  H82  sing N N 271 
NGA C8  H83  sing N N 272 
NGA N2  HN2  sing N N 273 
NGA O1  HO1  sing N N 274 
NGA O3  HO3  sing N N 275 
NGA O4  HO4  sing N N 276 
NGA O6  HO6  sing N N 277 
PHE N   CA   sing N N 278 
PHE N   H    sing N N 279 
PHE N   H2   sing N N 280 
PHE CA  C    sing N N 281 
PHE CA  CB   sing N N 282 
PHE CA  HA   sing N N 283 
PHE C   O    doub N N 284 
PHE C   OXT  sing N N 285 
PHE CB  CG   sing N N 286 
PHE CB  HB2  sing N N 287 
PHE CB  HB3  sing N N 288 
PHE CG  CD1  doub Y N 289 
PHE CG  CD2  sing Y N 290 
PHE CD1 CE1  sing Y N 291 
PHE CD1 HD1  sing N N 292 
PHE CD2 CE2  doub Y N 293 
PHE CD2 HD2  sing N N 294 
PHE CE1 CZ   doub Y N 295 
PHE CE1 HE1  sing N N 296 
PHE CE2 CZ   sing Y N 297 
PHE CE2 HE2  sing N N 298 
PHE CZ  HZ   sing N N 299 
PHE OXT HXT  sing N N 300 
PRO N   CA   sing N N 301 
PRO N   CD   sing N N 302 
PRO N   H    sing N N 303 
PRO CA  C    sing N N 304 
PRO CA  CB   sing N N 305 
PRO CA  HA   sing N N 306 
PRO C   O    doub N N 307 
PRO C   OXT  sing N N 308 
PRO CB  CG   sing N N 309 
PRO CB  HB2  sing N N 310 
PRO CB  HB3  sing N N 311 
PRO CG  CD   sing N N 312 
PRO CG  HG2  sing N N 313 
PRO CG  HG3  sing N N 314 
PRO CD  HD2  sing N N 315 
PRO CD  HD3  sing N N 316 
PRO OXT HXT  sing N N 317 
SER N   CA   sing N N 318 
SER N   H    sing N N 319 
SER N   H2   sing N N 320 
SER CA  C    sing N N 321 
SER CA  CB   sing N N 322 
SER CA  HA   sing N N 323 
SER C   O    doub N N 324 
SER C   OXT  sing N N 325 
SER CB  OG   sing N N 326 
SER CB  HB2  sing N N 327 
SER CB  HB3  sing N N 328 
SER OG  HG   sing N N 329 
SER OXT HXT  sing N N 330 
THR N   CA   sing N N 331 
THR N   H    sing N N 332 
THR N   H2   sing N N 333 
THR CA  C    sing N N 334 
THR CA  CB   sing N N 335 
THR CA  HA   sing N N 336 
THR C   O    doub N N 337 
THR C   OXT  sing N N 338 
THR CB  OG1  sing N N 339 
THR CB  CG2  sing N N 340 
THR CB  HB   sing N N 341 
THR OG1 HG1  sing N N 342 
THR CG2 HG21 sing N N 343 
THR CG2 HG22 sing N N 344 
THR CG2 HG23 sing N N 345 
THR OXT HXT  sing N N 346 
TRP N   CA   sing N N 347 
TRP N   H    sing N N 348 
TRP N   H2   sing N N 349 
TRP CA  C    sing N N 350 
TRP CA  CB   sing N N 351 
TRP CA  HA   sing N N 352 
TRP C   O    doub N N 353 
TRP C   OXT  sing N N 354 
TRP CB  CG   sing N N 355 
TRP CB  HB2  sing N N 356 
TRP CB  HB3  sing N N 357 
TRP CG  CD1  doub Y N 358 
TRP CG  CD2  sing Y N 359 
TRP CD1 NE1  sing Y N 360 
TRP CD1 HD1  sing N N 361 
TRP CD2 CE2  doub Y N 362 
TRP CD2 CE3  sing Y N 363 
TRP NE1 CE2  sing Y N 364 
TRP NE1 HE1  sing N N 365 
TRP CE2 CZ2  sing Y N 366 
TRP CE3 CZ3  doub Y N 367 
TRP CE3 HE3  sing N N 368 
TRP CZ2 CH2  doub Y N 369 
TRP CZ2 HZ2  sing N N 370 
TRP CZ3 CH2  sing Y N 371 
TRP CZ3 HZ3  sing N N 372 
TRP CH2 HH2  sing N N 373 
TRP OXT HXT  sing N N 374 
TYR N   CA   sing N N 375 
TYR N   H    sing N N 376 
TYR N   H2   sing N N 377 
TYR CA  C    sing N N 378 
TYR CA  CB   sing N N 379 
TYR CA  HA   sing N N 380 
TYR C   O    doub N N 381 
TYR C   OXT  sing N N 382 
TYR CB  CG   sing N N 383 
TYR CB  HB2  sing N N 384 
TYR CB  HB3  sing N N 385 
TYR CG  CD1  doub Y N 386 
TYR CG  CD2  sing Y N 387 
TYR CD1 CE1  sing Y N 388 
TYR CD1 HD1  sing N N 389 
TYR CD2 CE2  doub Y N 390 
TYR CD2 HD2  sing N N 391 
TYR CE1 CZ   doub Y N 392 
TYR CE1 HE1  sing N N 393 
TYR CE2 CZ   sing Y N 394 
TYR CE2 HE2  sing N N 395 
TYR CZ  OH   sing N N 396 
TYR OH  HH   sing N N 397 
TYR OXT HXT  sing N N 398 
VAL N   CA   sing N N 399 
VAL N   H    sing N N 400 
VAL N   H2   sing N N 401 
VAL CA  C    sing N N 402 
VAL CA  CB   sing N N 403 
VAL CA  HA   sing N N 404 
VAL C   O    doub N N 405 
VAL C   OXT  sing N N 406 
VAL CB  CG1  sing N N 407 
VAL CB  CG2  sing N N 408 
VAL CB  HB   sing N N 409 
VAL CG1 HG11 sing N N 410 
VAL CG1 HG12 sing N N 411 
VAL CG1 HG13 sing N N 412 
VAL CG2 HG21 sing N N 413 
VAL CG2 HG22 sing N N 414 
VAL CG2 HG23 sing N N 415 
VAL OXT HXT  sing N N 416 
# 
loop_
_pdbx_branch_scheme.asym_id 
_pdbx_branch_scheme.entity_id 
_pdbx_branch_scheme.mon_id 
_pdbx_branch_scheme.num 
_pdbx_branch_scheme.pdb_asym_id 
_pdbx_branch_scheme.pdb_mon_id 
_pdbx_branch_scheme.pdb_seq_num 
_pdbx_branch_scheme.auth_asym_id 
_pdbx_branch_scheme.auth_mon_id 
_pdbx_branch_scheme.auth_seq_num 
_pdbx_branch_scheme.hetero 
C 3 NGA 1 C NGA 1 S NGA 1 n 
C 3 GAL 2 C GAL 2 S GAL 2 n 
# 
loop_
_pdbx_chem_comp_identifier.comp_id 
_pdbx_chem_comp_identifier.type 
_pdbx_chem_comp_identifier.program 
_pdbx_chem_comp_identifier.program_version 
_pdbx_chem_comp_identifier.identifier 
GAL 'CONDENSED IUPAC CARBOHYDRATE SYMBOL' GMML     1.0 DGalpb                           
GAL 'COMMON NAME'                         GMML     1.0 b-D-galactopyranose              
GAL 'IUPAC CARBOHYDRATE SYMBOL'           PDB-CARE 1.0 b-D-Galp                         
GAL 'SNFG CARBOHYDRATE SYMBOL'            GMML     1.0 Gal                              
NGA 'CONDENSED IUPAC CARBOHYDRATE SYMBOL' GMML     1.0 DGalpNAcb                        
NGA 'COMMON NAME'                         GMML     1.0 N-acetyl-b-D-galactopyranosamine 
NGA 'IUPAC CARBOHYDRATE SYMBOL'           PDB-CARE 1.0 b-D-GalpNAc                      
NGA 'SNFG CARBOHYDRATE SYMBOL'            GMML     1.0 GalNAc                           
# 
_pdbx_entity_branch.entity_id   3 
_pdbx_entity_branch.type        oligosaccharide 
# 
loop_
_pdbx_entity_branch_descriptor.ordinal 
_pdbx_entity_branch_descriptor.entity_id 
_pdbx_entity_branch_descriptor.descriptor 
_pdbx_entity_branch_descriptor.type 
_pdbx_entity_branch_descriptor.program 
_pdbx_entity_branch_descriptor.program_version 
1 3 DGalpb1-3DGalpNAcb1-ROH                                              'Glycam Condensed Sequence' GMML       1.0   
2 3 'WURCS=2.0/2,2,1/[a2112h-1b_1-5_2*NCC/3=O][a2112h-1b_1-5]/1-2/a3-b1' WURCS                       PDB2Glycan 1.1.0 
3 3 '[][b-D-GalpNAc]{[(3+1)][b-D-Galp]{}}'                               LINUCS                      PDB-CARE   ?     
# 
_pdbx_entity_branch_link.link_id                    1 
_pdbx_entity_branch_link.entity_id                  3 
_pdbx_entity_branch_link.entity_branch_list_num_1   2 
_pdbx_entity_branch_link.comp_id_1                  GAL 
_pdbx_entity_branch_link.atom_id_1                  C1 
_pdbx_entity_branch_link.leaving_atom_id_1          O1 
_pdbx_entity_branch_link.entity_branch_list_num_2   1 
_pdbx_entity_branch_link.comp_id_2                  NGA 
_pdbx_entity_branch_link.atom_id_2                  O3 
_pdbx_entity_branch_link.leaving_atom_id_2          HO3 
_pdbx_entity_branch_link.value_order                sing 
_pdbx_entity_branch_link.details                    ? 
# 
loop_
_pdbx_entity_branch_list.entity_id 
_pdbx_entity_branch_list.comp_id 
_pdbx_entity_branch_list.num 
_pdbx_entity_branch_list.hetero 
3 NGA 1 n 
3 GAL 2 n 
# 
_pdbx_entity_nonpoly.entity_id   4 
_pdbx_entity_nonpoly.name        water 
_pdbx_entity_nonpoly.comp_id     HOH 
# 
_pdbx_initial_refinement_model.id               1 
_pdbx_initial_refinement_model.entity_id_list   ? 
_pdbx_initial_refinement_model.type             'experimental model' 
_pdbx_initial_refinement_model.source_name      PDB 
_pdbx_initial_refinement_model.accession_code   1JOT 
_pdbx_initial_refinement_model.details          'PDB ENTRY 1JOT' 
# 
